data_4NK5
#
_entry.id   4NK5
#
_cell.length_a   203.272
_cell.length_b   203.272
_cell.length_c   82.432
_cell.angle_alpha   90.00
_cell.angle_beta   90.00
_cell.angle_gamma   120.00
#
_symmetry.space_group_name_H-M   'P 32 2 1'
#
loop_
_entity.id
_entity.type
_entity.pdbx_description
1 polymer 'Enoyl-[acyl-carrier-protein] reductase [NADH]'
2 non-polymer NICOTINAMIDE-ADENINE-DINUCLEOTIDE
3 water water
#
_entity_poly.entity_id   1
_entity_poly.type   'polypeptide(L)'
_entity_poly.pdbx_seq_one_letter_code
;MGSSHHHHHHSSGENLYFEGSHMASMTGGQQMGRMINILKGKRGLIMGVANDHSIAWGIAKVLHSAGAQLAFSYQGESIG
KRLKPLALTVDSDFMIPCNVEDPSSMDLLFERIKERWETLDFVVHSIAFSDKNELRGPYYNTSRDNFIQTMLVSCFSFTE
IVRRAAQLMPHGGAMITLTYGGSMRVVPNYNAMAPAKSALESSTKYLACDYGGMNIRINAISAGPVRTLAGASISNGRDI
AAWSKENSPLKRTVSLEDIGNSALYLLSYLSNGVTGEIHYVDCGYNIVAMPSYNKNKVIEN
;
_entity_poly.pdbx_strand_id   A,B,C,D,E,F
#
# COMPACT_ATOMS: atom_id res chain seq x y z
N MET A 35 20.89 62.92 -22.66
CA MET A 35 19.47 62.91 -22.31
C MET A 35 18.71 61.80 -23.01
N ILE A 36 18.74 60.59 -22.47
CA ILE A 36 18.12 59.45 -23.15
C ILE A 36 16.66 59.31 -22.74
N ASN A 37 15.87 58.82 -23.67
CA ASN A 37 14.46 58.56 -23.41
C ASN A 37 13.97 57.54 -24.41
N ILE A 38 14.81 56.58 -24.75
CA ILE A 38 14.41 55.56 -25.71
C ILE A 38 13.44 54.57 -25.08
N LEU A 39 13.22 54.68 -23.77
CA LEU A 39 12.23 53.86 -23.09
C LEU A 39 10.96 54.65 -22.75
N LYS A 40 10.83 55.82 -23.39
CA LYS A 40 9.63 56.65 -23.30
C LYS A 40 8.37 55.83 -23.54
N GLY A 41 7.51 55.78 -22.51
CA GLY A 41 6.22 55.11 -22.63
C GLY A 41 6.27 53.59 -22.54
N LYS A 42 7.38 53.06 -22.04
CA LYS A 42 7.51 51.62 -21.88
C LYS A 42 7.24 51.22 -20.45
N ARG A 43 6.72 50.01 -20.25
CA ARG A 43 6.47 49.48 -18.91
C ARG A 43 7.26 48.20 -18.72
N GLY A 44 7.87 48.03 -17.54
CA GLY A 44 8.62 46.82 -17.29
C GLY A 44 8.57 46.22 -15.90
N LEU A 45 8.83 44.91 -15.82
CA LEU A 45 8.95 44.24 -14.52
C LEU A 45 10.40 44.09 -14.10
N ILE A 46 10.74 44.60 -12.92
CA ILE A 46 12.05 44.35 -12.33
C ILE A 46 11.99 43.31 -11.20
N MET A 47 12.61 42.15 -11.43
CA MET A 47 12.69 41.12 -10.40
C MET A 47 14.08 41.06 -9.80
N GLY A 48 14.14 41.11 -8.46
CA GLY A 48 15.37 40.85 -7.74
C GLY A 48 15.99 41.92 -6.85
N VAL A 49 15.37 43.09 -6.74
CA VAL A 49 15.90 44.11 -5.84
C VAL A 49 15.86 43.63 -4.39
N ALA A 50 16.98 43.76 -3.67
CA ALA A 50 17.04 43.41 -2.25
C ALA A 50 17.50 44.61 -1.43
N ASN A 51 18.31 45.45 -2.05
CA ASN A 51 18.73 46.73 -1.47
C ASN A 51 19.29 47.62 -2.55
N ASP A 52 19.98 48.68 -2.15
CA ASP A 52 20.44 49.66 -3.12
C ASP A 52 21.78 49.28 -3.75
N HIS A 53 22.22 48.06 -3.50
CA HIS A 53 23.43 47.56 -4.13
C HIS A 53 23.14 46.44 -5.13
N SER A 54 21.90 45.96 -5.10
CA SER A 54 21.44 44.92 -5.99
C SER A 54 21.59 45.28 -7.45
N ILE A 55 21.99 44.30 -8.25
CA ILE A 55 22.10 44.49 -9.68
C ILE A 55 20.78 44.95 -10.31
N ALA A 56 19.68 44.38 -9.84
CA ALA A 56 18.37 44.71 -10.41
C ALA A 56 18.04 46.16 -10.11
N TRP A 57 18.61 46.68 -9.04
CA TRP A 57 18.36 48.07 -8.68
C TRP A 57 19.15 49.02 -9.58
N GLY A 58 20.41 48.71 -9.84
CA GLY A 58 21.21 49.49 -10.78
C GLY A 58 20.52 49.53 -12.14
N ILE A 59 20.02 48.36 -12.54
CA ILE A 59 19.33 48.23 -13.80
C ILE A 59 18.07 49.09 -13.79
N ALA A 60 17.36 49.08 -12.67
CA ALA A 60 16.10 49.78 -12.56
C ALA A 60 16.34 51.28 -12.67
N LYS A 61 17.40 51.74 -12.02
CA LYS A 61 17.75 53.14 -12.06
C LYS A 61 18.02 53.59 -13.48
N VAL A 62 18.92 52.90 -14.21
CA VAL A 62 19.14 53.43 -15.57
C VAL A 62 17.95 53.28 -16.53
N LEU A 63 17.16 52.23 -16.34
CA LEU A 63 15.99 52.04 -17.19
C LEU A 63 14.96 53.14 -16.95
N HIS A 64 14.72 53.43 -15.67
CA HIS A 64 13.81 54.50 -15.32
C HIS A 64 14.28 55.85 -15.87
N SER A 65 15.56 56.15 -15.69
CA SER A 65 16.08 57.41 -16.22
C SER A 65 16.06 57.51 -17.76
N ALA A 66 15.67 56.43 -18.43
CA ALA A 66 15.51 56.44 -19.87
C ALA A 66 14.04 56.44 -20.25
N GLY A 67 13.17 56.52 -19.26
CA GLY A 67 11.76 56.73 -19.53
C GLY A 67 10.76 55.71 -19.03
N ALA A 68 11.26 54.53 -18.67
CA ALA A 68 10.40 53.39 -18.32
C ALA A 68 9.67 53.51 -16.98
N GLN A 69 8.38 53.19 -16.98
CA GLN A 69 7.61 52.95 -15.76
C GLN A 69 7.89 51.54 -15.25
N LEU A 70 8.10 51.42 -13.95
CA LEU A 70 8.61 50.17 -13.41
C LEU A 70 7.68 49.56 -12.39
N ALA A 71 7.53 48.23 -12.50
CA ALA A 71 6.91 47.44 -11.45
C ALA A 71 8.05 46.68 -10.82
N PHE A 72 7.88 46.27 -9.57
CA PHE A 72 8.92 45.54 -8.85
C PHE A 72 8.34 44.33 -8.17
N SER A 73 9.07 43.22 -8.20
CA SER A 73 8.71 42.12 -7.32
C SER A 73 9.74 42.01 -6.22
N TYR A 74 9.29 41.72 -5.01
CA TYR A 74 10.22 41.56 -3.88
C TYR A 74 9.94 40.23 -3.21
N GLN A 75 10.93 39.66 -2.52
CA GLN A 75 10.77 38.34 -1.88
C GLN A 75 10.20 38.36 -0.46
N GLY A 76 10.78 39.14 0.45
CA GLY A 76 10.31 39.16 1.83
C GLY A 76 9.87 40.52 2.38
N GLU A 77 9.48 40.56 3.65
CA GLU A 77 8.94 41.79 4.24
C GLU A 77 9.99 42.86 4.50
N SER A 78 11.19 42.46 4.92
CA SER A 78 12.29 43.40 5.11
C SER A 78 12.75 44.02 3.80
N ILE A 79 12.83 43.17 2.79
CA ILE A 79 13.14 43.64 1.46
C ILE A 79 12.07 44.62 0.99
N GLY A 80 10.79 44.30 1.21
CA GLY A 80 9.72 45.21 0.86
C GLY A 80 9.82 46.58 1.53
N LYS A 81 10.11 46.58 2.84
CA LYS A 81 10.33 47.81 3.59
C LYS A 81 11.50 48.63 3.03
N ARG A 82 12.55 47.94 2.58
CA ARG A 82 13.69 48.63 2.00
C ARG A 82 13.40 49.13 0.56
N LEU A 83 12.46 48.46 -0.12
CA LEU A 83 12.16 48.70 -1.53
C LEU A 83 11.22 49.87 -1.72
N LYS A 84 10.29 50.03 -0.79
CA LYS A 84 9.34 51.15 -0.85
C LYS A 84 10.01 52.52 -1.08
N PRO A 85 10.97 52.91 -0.21
CA PRO A 85 11.61 54.22 -0.44
C PRO A 85 12.36 54.30 -1.75
N LEU A 86 13.11 53.25 -2.09
CA LEU A 86 13.86 53.22 -3.34
C LEU A 86 12.92 53.41 -4.53
N ALA A 87 11.92 52.54 -4.63
CA ALA A 87 11.00 52.52 -5.76
C ALA A 87 10.38 53.90 -5.95
N LEU A 88 10.13 54.55 -4.81
CA LEU A 88 9.63 55.91 -4.83
C LEU A 88 10.53 56.89 -5.58
N THR A 89 11.85 56.67 -5.54
CA THR A 89 12.78 57.58 -6.20
C THR A 89 12.79 57.43 -7.72
N VAL A 90 12.31 56.29 -8.19
CA VAL A 90 12.07 56.09 -9.62
C VAL A 90 10.59 56.15 -9.95
N ASP A 91 9.82 56.86 -9.11
CA ASP A 91 8.39 57.13 -9.33
C ASP A 91 7.49 55.89 -9.38
N SER A 92 7.73 54.95 -8.47
CA SER A 92 6.93 53.75 -8.48
C SER A 92 6.47 53.40 -7.09
N ASP A 93 5.23 52.91 -7.01
CA ASP A 93 4.73 52.28 -5.79
C ASP A 93 4.19 50.90 -6.18
N PHE A 94 4.39 50.56 -7.45
CA PHE A 94 3.96 49.30 -8.01
C PHE A 94 4.87 48.15 -7.54
N MET A 95 4.64 47.64 -6.32
CA MET A 95 5.48 46.58 -5.77
C MET A 95 4.64 45.37 -5.43
N ILE A 96 5.07 44.19 -5.85
CA ILE A 96 4.31 42.97 -5.59
C ILE A 96 5.19 41.88 -4.98
N PRO A 97 4.72 41.23 -3.91
CA PRO A 97 5.56 40.13 -3.40
C PRO A 97 5.52 38.93 -4.34
N CYS A 98 6.57 38.14 -4.33
CA CYS A 98 6.65 36.94 -5.16
C CYS A 98 7.74 36.00 -4.69
N ASN A 99 7.36 34.76 -4.42
CA ASN A 99 8.30 33.71 -4.14
C ASN A 99 8.41 32.83 -5.37
N VAL A 100 9.57 32.88 -6.02
CA VAL A 100 9.71 32.22 -7.31
C VAL A 100 9.83 30.69 -7.26
N GLU A 101 9.88 30.10 -6.07
CA GLU A 101 9.81 28.64 -6.01
C GLU A 101 8.38 28.21 -5.67
N ASP A 102 7.46 29.14 -5.85
CA ASP A 102 6.04 28.91 -5.66
C ASP A 102 5.25 29.39 -6.88
N PRO A 103 4.87 28.44 -7.76
CA PRO A 103 4.07 28.71 -8.97
C PRO A 103 2.80 29.56 -8.71
N SER A 104 2.11 29.29 -7.61
CA SER A 104 0.94 30.07 -7.24
C SER A 104 1.28 31.55 -7.13
N SER A 105 2.43 31.83 -6.51
CA SER A 105 2.83 33.19 -6.19
C SER A 105 3.22 34.00 -7.44
N MET A 106 3.76 33.29 -8.44
CA MET A 106 4.12 33.91 -9.70
C MET A 106 2.88 34.18 -10.55
N ASP A 107 1.89 33.30 -10.41
CA ASP A 107 0.55 33.55 -10.94
C ASP A 107 -0.05 34.81 -10.35
N LEU A 108 -0.01 34.88 -9.02
CA LEU A 108 -0.56 36.03 -8.32
C LEU A 108 0.15 37.33 -8.72
N LEU A 109 1.48 37.27 -8.79
CA LEU A 109 2.29 38.36 -9.31
C LEU A 109 1.75 38.88 -10.63
N PHE A 110 1.49 37.98 -11.57
CA PHE A 110 1.02 38.48 -12.87
C PHE A 110 -0.43 38.91 -12.89
N GLU A 111 -1.23 38.37 -11.99
CA GLU A 111 -2.57 38.91 -11.80
C GLU A 111 -2.48 40.36 -11.33
N ARG A 112 -1.69 40.60 -10.28
CA ARG A 112 -1.50 41.94 -9.74
C ARG A 112 -0.91 42.92 -10.75
N ILE A 113 -0.04 42.44 -11.63
CA ILE A 113 0.42 43.27 -12.73
C ILE A 113 -0.75 43.61 -13.65
N LYS A 114 -1.49 42.59 -14.08
CA LYS A 114 -2.60 42.84 -15.03
C LYS A 114 -3.71 43.78 -14.51
N GLU A 115 -3.81 43.92 -13.19
CA GLU A 115 -4.84 44.80 -12.63
C GLU A 115 -4.44 46.26 -12.74
N ARG A 116 -3.47 46.55 -13.59
CA ARG A 116 -2.92 47.89 -13.70
C ARG A 116 -2.41 48.06 -15.11
N TRP A 117 -1.69 47.05 -15.61
CA TRP A 117 -1.15 47.02 -16.97
C TRP A 117 -1.69 45.80 -17.69
N GLU A 118 -2.26 45.99 -18.88
CA GLU A 118 -2.81 44.88 -19.64
C GLU A 118 -1.68 44.26 -20.44
N THR A 119 -0.64 45.05 -20.59
CA THR A 119 0.42 44.75 -21.51
C THR A 119 1.73 45.20 -20.88
N LEU A 120 2.84 44.66 -21.34
CA LEU A 120 4.12 44.89 -20.67
C LEU A 120 5.18 44.95 -21.76
N ASP A 121 6.24 45.72 -21.56
CA ASP A 121 7.28 45.84 -22.61
C ASP A 121 8.53 45.03 -22.37
N PHE A 122 8.96 44.95 -21.11
CA PHE A 122 10.18 44.21 -20.79
C PHE A 122 10.18 43.55 -19.42
N VAL A 123 10.98 42.49 -19.29
CA VAL A 123 11.26 41.88 -17.98
C VAL A 123 12.77 41.85 -17.70
N VAL A 124 13.16 42.26 -16.50
CA VAL A 124 14.48 41.98 -15.97
C VAL A 124 14.40 40.89 -14.89
N HIS A 125 15.14 39.81 -15.09
CA HIS A 125 15.21 38.70 -14.14
C HIS A 125 16.60 38.65 -13.50
N SER A 126 16.65 39.12 -12.26
CA SER A 126 17.89 39.23 -11.53
C SER A 126 17.75 38.57 -10.16
N ILE A 127 17.61 37.26 -10.19
CA ILE A 127 17.32 36.47 -9.00
C ILE A 127 18.29 35.30 -8.87
N ALA A 128 18.95 35.18 -7.73
CA ALA A 128 19.77 34.01 -7.44
C ALA A 128 19.71 33.59 -5.99
N PHE A 129 19.81 32.28 -5.79
CA PHE A 129 19.96 31.73 -4.46
C PHE A 129 20.72 30.41 -4.47
N SER A 130 21.58 30.25 -3.45
CA SER A 130 22.15 28.97 -3.08
C SER A 130 22.58 29.04 -1.62
N ASP A 131 22.61 27.88 -0.95
CA ASP A 131 23.04 27.79 0.44
C ASP A 131 24.48 28.30 0.64
N LYS A 132 24.61 29.46 1.29
CA LYS A 132 25.92 30.02 1.67
C LYS A 132 26.92 28.95 2.09
N ASN A 133 26.47 28.03 2.95
CA ASN A 133 27.30 26.94 3.50
C ASN A 133 27.93 26.02 2.46
N GLU A 134 27.24 25.83 1.34
CA GLU A 134 27.75 24.94 0.31
C GLU A 134 28.57 25.69 -0.74
N LEU A 135 28.61 27.01 -0.66
CA LEU A 135 29.46 27.78 -1.58
C LEU A 135 30.89 27.81 -1.05
N ARG A 136 31.31 26.68 -0.50
CA ARG A 136 32.62 26.53 0.10
C ARG A 136 33.05 25.15 -0.29
N GLY A 137 34.36 24.95 -0.31
CA GLY A 137 34.88 23.62 -0.48
C GLY A 137 34.62 23.09 -1.87
N PRO A 138 34.88 21.79 -2.05
CA PRO A 138 34.81 21.12 -3.35
C PRO A 138 33.37 20.98 -3.80
N TYR A 139 33.14 21.07 -5.10
CA TYR A 139 31.79 20.99 -5.64
C TYR A 139 31.09 19.66 -5.29
N TYR A 140 31.85 18.59 -5.14
CA TYR A 140 31.22 17.30 -4.92
C TYR A 140 30.47 17.20 -3.57
N ASN A 141 30.80 18.07 -2.61
CA ASN A 141 30.02 18.12 -1.36
C ASN A 141 28.68 18.80 -1.49
N THR A 142 28.36 19.30 -2.69
CA THR A 142 27.06 19.89 -2.96
C THR A 142 25.96 18.87 -2.70
N SER A 143 25.05 19.17 -1.78
CA SER A 143 23.97 18.24 -1.46
C SER A 143 22.86 18.28 -2.48
N ARG A 144 22.16 17.16 -2.61
CA ARG A 144 20.99 17.04 -3.48
C ARG A 144 19.93 18.16 -3.31
N ASP A 145 19.54 18.45 -2.07
CA ASP A 145 18.50 19.44 -1.79
C ASP A 145 18.89 20.87 -2.18
N ASN A 146 20.12 21.25 -1.87
CA ASN A 146 20.60 22.56 -2.26
C ASN A 146 20.69 22.64 -3.78
N PHE A 147 20.96 21.50 -4.41
CA PHE A 147 21.06 21.47 -5.86
C PHE A 147 19.69 21.67 -6.50
N ILE A 148 18.68 20.98 -5.98
CA ILE A 148 17.33 21.13 -6.51
C ILE A 148 16.87 22.56 -6.30
N GLN A 149 17.12 23.09 -5.11
CA GLN A 149 16.64 24.44 -4.80
C GLN A 149 17.35 25.54 -5.61
N THR A 150 18.69 25.51 -5.62
CA THR A 150 19.49 26.38 -6.45
C THR A 150 18.98 26.34 -7.90
N MET A 151 18.63 25.15 -8.38
CA MET A 151 18.14 25.02 -9.75
C MET A 151 16.80 25.69 -9.98
N LEU A 152 15.86 25.42 -9.09
CA LEU A 152 14.54 26.04 -9.13
C LEU A 152 14.60 27.57 -9.07
N VAL A 153 15.32 28.11 -8.10
CA VAL A 153 15.37 29.57 -7.92
C VAL A 153 16.28 30.28 -8.93
N SER A 154 17.49 29.76 -9.13
CA SER A 154 18.43 30.38 -10.05
C SER A 154 18.20 30.07 -11.54
N CYS A 155 17.65 28.91 -11.87
CA CYS A 155 17.46 28.61 -13.29
C CYS A 155 16.01 28.63 -13.74
N PHE A 156 15.23 27.67 -13.28
CA PHE A 156 13.89 27.44 -13.81
C PHE A 156 12.90 28.61 -13.57
N SER A 157 13.20 29.49 -12.61
CA SER A 157 12.31 30.61 -12.29
C SER A 157 12.22 31.58 -13.45
N PHE A 158 13.29 31.65 -14.24
CA PHE A 158 13.31 32.43 -15.45
C PHE A 158 12.35 31.86 -16.49
N THR A 159 12.31 30.54 -16.63
CA THR A 159 11.38 29.89 -17.55
C THR A 159 9.95 30.20 -17.09
N GLU A 160 9.72 30.01 -15.79
CA GLU A 160 8.45 30.37 -15.16
C GLU A 160 8.00 31.79 -15.48
N ILE A 161 8.88 32.75 -15.23
CA ILE A 161 8.56 34.15 -15.46
C ILE A 161 8.36 34.45 -16.95
N VAL A 162 9.28 33.98 -17.78
CA VAL A 162 9.19 34.18 -19.23
C VAL A 162 7.81 33.71 -19.80
N ARG A 163 7.35 32.50 -19.44
CA ARG A 163 6.03 32.03 -19.93
C ARG A 163 4.87 32.96 -19.59
N ARG A 164 4.83 33.46 -18.37
CA ARG A 164 3.73 34.30 -17.91
C ARG A 164 3.79 35.66 -18.58
N ALA A 165 4.99 36.25 -18.57
CA ALA A 165 5.23 37.57 -19.13
C ALA A 165 4.94 37.61 -20.61
N ALA A 166 5.30 36.53 -21.31
CA ALA A 166 5.12 36.47 -22.75
C ALA A 166 3.66 36.74 -23.09
N GLN A 167 2.78 36.28 -22.22
CA GLN A 167 1.36 36.47 -22.42
C GLN A 167 0.96 37.94 -22.36
N LEU A 168 1.84 38.76 -21.79
CA LEU A 168 1.60 40.19 -21.70
C LEU A 168 2.33 40.97 -22.80
N MET A 169 2.98 40.25 -23.71
CA MET A 169 3.66 40.89 -24.83
C MET A 169 3.13 40.51 -26.23
N PRO A 170 1.85 40.75 -26.50
CA PRO A 170 1.22 40.37 -27.77
C PRO A 170 1.84 40.99 -29.03
N HIS A 171 2.66 42.03 -28.87
CA HIS A 171 3.30 42.68 -30.01
C HIS A 171 4.79 42.61 -29.83
N GLY A 172 5.22 41.65 -29.00
CA GLY A 172 6.63 41.46 -28.75
C GLY A 172 7.16 42.28 -27.58
N GLY A 173 8.48 42.20 -27.38
CA GLY A 173 9.14 42.84 -26.26
C GLY A 173 10.52 42.23 -26.01
N ALA A 174 11.07 42.52 -24.83
CA ALA A 174 12.42 42.07 -24.52
C ALA A 174 12.57 41.63 -23.07
N MET A 175 13.26 40.53 -22.84
CA MET A 175 13.61 40.15 -21.48
C MET A 175 15.09 39.84 -21.33
N ILE A 176 15.62 40.01 -20.12
CA ILE A 176 16.97 39.57 -19.84
C ILE A 176 17.02 38.84 -18.52
N THR A 177 17.97 37.92 -18.38
CA THR A 177 18.33 37.38 -17.08
C THR A 177 19.80 37.73 -16.75
N LEU A 178 20.23 37.47 -15.52
CA LEU A 178 21.66 37.62 -15.22
C LEU A 178 22.45 36.33 -15.04
N THR A 179 23.68 36.32 -15.53
CA THR A 179 24.53 35.14 -15.37
C THR A 179 25.98 35.50 -15.08
N TYR A 180 26.82 34.49 -14.88
CA TYR A 180 28.23 34.67 -14.55
C TYR A 180 29.12 33.60 -15.20
N GLY A 181 30.32 34.00 -15.60
CA GLY A 181 31.22 33.15 -16.36
C GLY A 181 31.62 31.86 -15.66
N GLY A 182 31.39 31.82 -14.35
CA GLY A 182 31.53 30.59 -13.57
C GLY A 182 30.67 29.41 -14.02
N SER A 183 29.68 29.65 -14.87
CA SER A 183 28.91 28.56 -15.43
C SER A 183 29.73 27.61 -16.31
N MET A 184 30.74 28.16 -17.00
CA MET A 184 31.43 27.42 -18.08
C MET A 184 32.93 27.27 -17.83
N ARG A 185 33.50 28.16 -17.03
CA ARG A 185 34.87 28.01 -16.59
C ARG A 185 34.83 27.93 -15.07
N VAL A 186 35.75 27.17 -14.48
CA VAL A 186 35.61 26.82 -13.07
C VAL A 186 36.08 27.92 -12.13
N VAL A 187 35.17 28.38 -11.28
CA VAL A 187 35.50 29.35 -10.26
C VAL A 187 35.35 28.69 -8.90
N PRO A 188 36.41 28.75 -8.08
CA PRO A 188 36.42 28.11 -6.76
C PRO A 188 35.24 28.57 -5.89
N ASN A 189 34.58 27.62 -5.22
CA ASN A 189 33.46 27.92 -4.29
C ASN A 189 32.10 28.24 -4.93
N TYR A 190 32.11 28.57 -6.22
CA TYR A 190 30.87 28.87 -6.93
C TYR A 190 29.95 27.65 -6.96
N ASN A 191 30.55 26.46 -6.93
CA ASN A 191 29.85 25.19 -6.77
C ASN A 191 28.45 25.04 -7.41
N ALA A 192 27.42 24.86 -6.61
CA ALA A 192 26.08 24.58 -7.16
C ALA A 192 25.58 25.67 -8.10
N MET A 193 26.01 26.91 -7.87
CA MET A 193 25.61 28.02 -8.74
C MET A 193 26.00 27.81 -10.21
N ALA A 194 27.08 27.04 -10.41
CA ALA A 194 27.63 26.84 -11.74
C ALA A 194 26.75 26.01 -12.69
N PRO A 195 26.35 24.79 -12.28
CA PRO A 195 25.48 24.12 -13.24
C PRO A 195 24.15 24.85 -13.38
N ALA A 196 23.72 25.53 -12.31
CA ALA A 196 22.49 26.31 -12.37
C ALA A 196 22.57 27.41 -13.43
N LYS A 197 23.63 28.23 -13.38
CA LYS A 197 23.85 29.26 -14.41
C LYS A 197 23.97 28.68 -15.81
N SER A 198 24.55 27.50 -15.92
CA SER A 198 24.73 26.90 -17.22
C SER A 198 23.37 26.53 -17.79
N ALA A 199 22.54 25.91 -16.97
CA ALA A 199 21.18 25.56 -17.35
C ALA A 199 20.40 26.83 -17.72
N LEU A 200 20.69 27.89 -16.99
CA LEU A 200 20.06 29.16 -17.23
C LEU A 200 20.46 29.71 -18.60
N GLU A 201 21.74 29.61 -18.94
CA GLU A 201 22.19 30.09 -20.24
C GLU A 201 21.58 29.26 -21.34
N SER A 202 21.50 27.96 -21.10
CA SER A 202 20.83 27.08 -22.04
C SER A 202 19.36 27.48 -22.28
N SER A 203 18.59 27.61 -21.21
CA SER A 203 17.16 27.87 -21.34
C SER A 203 16.88 29.21 -21.99
N THR A 204 17.76 30.18 -21.72
CA THR A 204 17.75 31.47 -22.41
C THR A 204 17.71 31.30 -23.93
N LYS A 205 18.56 30.43 -24.47
CA LYS A 205 18.64 30.26 -25.92
C LYS A 205 17.39 29.55 -26.40
N TYR A 206 16.96 28.56 -25.63
CA TYR A 206 15.78 27.79 -25.98
C TYR A 206 14.51 28.66 -25.94
N LEU A 207 14.37 29.46 -24.88
CA LEU A 207 13.31 30.47 -24.80
C LEU A 207 13.34 31.46 -25.97
N ALA A 208 14.53 31.94 -26.31
CA ALA A 208 14.72 32.76 -27.52
C ALA A 208 14.15 32.15 -28.81
N CYS A 209 14.26 30.83 -28.95
CA CYS A 209 13.71 30.19 -30.14
C CYS A 209 12.20 30.00 -30.08
N ASP A 210 11.68 29.68 -28.89
CA ASP A 210 10.25 29.52 -28.70
C ASP A 210 9.51 30.82 -29.01
N TYR A 211 10.15 31.95 -28.72
CA TYR A 211 9.45 33.23 -28.71
C TYR A 211 9.85 34.24 -29.79
N GLY A 212 10.79 33.88 -30.65
CA GLY A 212 11.24 34.79 -31.69
C GLY A 212 10.18 35.06 -32.75
N GLY A 213 9.30 34.09 -32.95
CA GLY A 213 8.19 34.25 -33.87
C GLY A 213 7.22 35.31 -33.39
N MET A 214 7.27 35.61 -32.10
CA MET A 214 6.41 36.61 -31.50
C MET A 214 7.16 37.91 -31.32
N ASN A 215 8.36 37.99 -31.90
CA ASN A 215 9.20 39.18 -31.77
C ASN A 215 9.47 39.53 -30.30
N ILE A 216 9.63 38.48 -29.51
CA ILE A 216 10.06 38.60 -28.14
C ILE A 216 11.51 38.17 -28.10
N ARG A 217 12.39 39.08 -27.70
CA ARG A 217 13.81 38.77 -27.62
C ARG A 217 14.21 38.41 -26.19
N ILE A 218 15.04 37.40 -26.06
CA ILE A 218 15.48 36.89 -24.76
C ILE A 218 17.00 36.79 -24.73
N ASN A 219 17.63 37.57 -23.86
CA ASN A 219 19.09 37.63 -23.77
C ASN A 219 19.55 37.57 -22.32
N ALA A 220 20.86 37.44 -22.12
CA ALA A 220 21.37 37.45 -20.76
C ALA A 220 22.64 38.28 -20.65
N ILE A 221 22.89 38.82 -19.47
CA ILE A 221 24.07 39.59 -19.20
C ILE A 221 24.96 38.75 -18.31
N SER A 222 26.18 38.51 -18.78
CA SER A 222 27.16 37.84 -17.95
C SER A 222 28.02 38.90 -17.27
N ALA A 223 27.71 39.18 -16.01
CA ALA A 223 28.37 40.28 -15.34
C ALA A 223 29.63 39.82 -14.67
N GLY A 224 30.57 40.76 -14.53
CA GLY A 224 31.73 40.56 -13.67
C GLY A 224 31.25 40.74 -12.24
N PRO A 225 32.13 40.45 -11.27
CA PRO A 225 31.80 40.55 -9.85
C PRO A 225 31.30 41.94 -9.45
N VAL A 226 30.21 41.98 -8.68
CA VAL A 226 29.68 43.22 -8.11
C VAL A 226 29.41 43.04 -6.60
N ARG A 227 29.77 44.05 -5.82
CA ARG A 227 29.57 43.97 -4.36
C ARG A 227 28.07 43.98 -3.96
N THR A 228 27.51 42.79 -3.76
CA THR A 228 26.07 42.65 -3.49
C THR A 228 25.77 41.74 -2.28
N LEU A 229 24.48 41.66 -1.93
CA LEU A 229 24.02 40.82 -0.81
C LEU A 229 24.21 39.32 -1.05
N ALA A 230 23.81 38.86 -2.23
CA ALA A 230 23.99 37.47 -2.61
C ALA A 230 25.45 37.17 -2.97
N GLY A 231 26.17 38.20 -3.40
CA GLY A 231 27.60 38.09 -3.65
C GLY A 231 28.39 37.69 -2.42
N ALA A 232 27.94 38.15 -1.25
CA ALA A 232 28.66 37.87 -0.01
C ALA A 232 28.34 36.47 0.58
N SER A 233 27.54 35.70 -0.14
CA SER A 233 27.28 34.30 0.21
C SER A 233 28.48 33.40 -0.14
N ILE A 234 29.18 33.78 -1.20
CA ILE A 234 30.31 33.02 -1.70
C ILE A 234 31.52 33.32 -0.84
N SER A 235 32.22 32.28 -0.43
CA SER A 235 33.45 32.48 0.32
C SER A 235 34.51 33.02 -0.60
N ASN A 236 35.20 34.04 -0.12
CA ASN A 236 36.34 34.62 -0.83
C ASN A 236 35.93 35.33 -2.12
N GLY A 237 34.69 35.79 -2.16
CA GLY A 237 34.23 36.64 -3.23
C GLY A 237 35.03 37.94 -3.29
N ARG A 238 35.55 38.36 -2.15
CA ARG A 238 36.41 39.53 -2.10
C ARG A 238 37.67 39.26 -2.94
N ASP A 239 38.27 38.09 -2.73
CA ASP A 239 39.44 37.67 -3.46
C ASP A 239 39.10 37.55 -4.95
N ILE A 240 37.92 37.00 -5.23
CA ILE A 240 37.45 36.84 -6.61
C ILE A 240 37.35 38.18 -7.33
N ALA A 241 36.75 39.16 -6.67
CA ALA A 241 36.53 40.48 -7.25
C ALA A 241 37.85 41.20 -7.45
N ALA A 242 38.76 41.05 -6.48
CA ALA A 242 40.07 41.69 -6.59
C ALA A 242 40.91 41.07 -7.71
N TRP A 243 40.78 39.76 -7.88
CA TRP A 243 41.49 39.04 -8.92
C TRP A 243 40.97 39.41 -10.31
N SER A 244 39.65 39.55 -10.41
CA SER A 244 39.01 39.89 -11.68
C SER A 244 39.26 41.34 -12.09
N LYS A 245 39.36 42.23 -11.10
CA LYS A 245 39.69 43.63 -11.36
C LYS A 245 41.15 43.77 -11.78
N GLU A 246 42.05 43.19 -10.99
CA GLU A 246 43.48 43.23 -11.31
C GLU A 246 43.82 42.70 -12.71
N ASN A 247 43.14 41.63 -13.11
CA ASN A 247 43.49 40.98 -14.35
C ASN A 247 42.60 41.24 -15.57
N SER A 248 41.66 42.17 -15.44
CA SER A 248 40.85 42.57 -16.58
C SER A 248 41.60 43.58 -17.48
N PRO A 249 41.29 43.59 -18.78
CA PRO A 249 41.92 44.56 -19.69
C PRO A 249 41.74 46.00 -19.25
N LEU A 250 40.61 46.31 -18.64
CA LEU A 250 40.31 47.67 -18.21
C LEU A 250 40.75 47.98 -16.78
N LYS A 251 41.05 46.93 -16.00
CA LYS A 251 41.58 47.07 -14.64
C LYS A 251 40.59 47.79 -13.72
N ARG A 252 39.31 47.60 -14.00
CA ARG A 252 38.27 48.11 -13.12
C ARG A 252 37.17 47.06 -12.96
N THR A 253 36.32 47.21 -11.94
CA THR A 253 35.18 46.33 -11.80
C THR A 253 33.96 46.95 -12.48
N VAL A 254 33.04 46.14 -12.96
CA VAL A 254 31.81 46.69 -13.53
C VAL A 254 31.00 47.39 -12.47
N SER A 255 30.40 48.49 -12.86
CA SER A 255 29.55 49.23 -11.94
C SER A 255 28.10 48.85 -12.19
N LEU A 256 27.23 49.09 -11.20
CA LEU A 256 25.79 48.90 -11.37
C LEU A 256 25.25 49.65 -12.57
N GLU A 257 25.92 50.76 -12.91
CA GLU A 257 25.53 51.59 -14.04
C GLU A 257 25.96 50.99 -15.36
N ASP A 258 27.06 50.26 -15.37
CA ASP A 258 27.51 49.60 -16.60
C ASP A 258 26.48 48.55 -16.95
N ILE A 259 26.08 47.79 -15.94
CA ILE A 259 25.15 46.70 -16.15
C ILE A 259 23.80 47.28 -16.52
N GLY A 260 23.43 48.35 -15.84
CA GLY A 260 22.22 49.08 -16.15
C GLY A 260 22.17 49.55 -17.60
N ASN A 261 23.27 50.13 -18.06
CA ASN A 261 23.38 50.57 -19.44
C ASN A 261 23.34 49.42 -20.47
N SER A 262 24.00 48.30 -20.17
CA SER A 262 23.95 47.14 -21.08
C SER A 262 22.56 46.52 -21.09
N ALA A 263 21.85 46.65 -19.97
CA ALA A 263 20.46 46.25 -19.87
C ALA A 263 19.57 47.16 -20.74
N LEU A 264 19.85 48.46 -20.68
CA LEU A 264 19.11 49.42 -21.48
C LEU A 264 19.27 49.06 -22.96
N TYR A 265 20.50 48.72 -23.35
CA TYR A 265 20.75 48.25 -24.71
C TYR A 265 19.92 47.01 -25.03
N LEU A 266 20.05 46.00 -24.16
CA LEU A 266 19.44 44.70 -24.40
C LEU A 266 17.90 44.73 -24.34
N LEU A 267 17.33 45.83 -23.87
CA LEU A 267 15.89 45.86 -23.65
C LEU A 267 15.15 46.87 -24.52
N SER A 268 15.89 47.63 -25.28
CA SER A 268 15.28 48.64 -26.13
C SER A 268 15.41 48.30 -27.62
N TYR A 269 14.99 49.24 -28.47
CA TYR A 269 15.05 49.00 -29.91
C TYR A 269 16.49 48.86 -30.43
N LEU A 270 17.47 49.28 -29.63
CA LEU A 270 18.87 49.26 -30.01
C LEU A 270 19.38 47.84 -30.31
N SER A 271 18.84 46.85 -29.60
CA SER A 271 19.34 45.48 -29.74
C SER A 271 18.36 44.64 -30.55
N ASN A 272 17.74 45.29 -31.51
CA ASN A 272 16.72 44.64 -32.30
C ASN A 272 17.19 43.44 -33.14
N GLY A 273 18.50 43.35 -33.37
CA GLY A 273 19.08 42.21 -34.06
C GLY A 273 19.77 41.23 -33.10
N VAL A 274 19.45 41.33 -31.82
CA VAL A 274 20.12 40.52 -30.82
C VAL A 274 19.15 39.71 -29.97
N THR A 275 19.22 38.39 -30.09
CA THR A 275 18.47 37.48 -29.22
C THR A 275 19.32 36.21 -28.98
N GLY A 276 19.09 35.53 -27.87
CA GLY A 276 19.79 34.29 -27.54
C GLY A 276 21.24 34.49 -27.12
N GLU A 277 21.61 35.75 -26.90
CA GLU A 277 22.99 36.13 -26.67
C GLU A 277 23.38 36.13 -25.19
N ILE A 278 24.49 35.50 -24.89
CA ILE A 278 25.08 35.64 -23.57
C ILE A 278 26.11 36.77 -23.63
N HIS A 279 25.70 37.96 -23.22
CA HIS A 279 26.51 39.16 -23.42
C HIS A 279 27.46 39.43 -22.24
N TYR A 280 28.78 39.33 -22.47
CA TYR A 280 29.76 39.59 -21.39
C TYR A 280 29.96 41.07 -21.07
N VAL A 281 29.63 41.43 -19.85
CA VAL A 281 29.81 42.76 -19.34
C VAL A 281 30.62 42.63 -18.06
N ASP A 282 31.92 42.44 -18.25
CA ASP A 282 32.85 42.05 -17.20
C ASP A 282 34.20 42.73 -17.40
N CYS A 283 34.17 43.88 -18.07
CA CYS A 283 35.37 44.61 -18.43
C CYS A 283 36.41 43.68 -19.08
N GLY A 284 35.89 42.66 -19.77
CA GLY A 284 36.69 41.82 -20.62
C GLY A 284 37.48 40.72 -19.91
N TYR A 285 37.22 40.50 -18.61
CA TYR A 285 37.95 39.47 -17.85
C TYR A 285 38.01 38.15 -18.64
N ASN A 286 36.87 37.72 -19.17
CA ASN A 286 36.77 36.40 -19.82
C ASN A 286 37.77 36.15 -20.96
N ILE A 287 38.28 37.20 -21.58
CA ILE A 287 39.20 37.01 -22.68
C ILE A 287 40.65 36.74 -22.26
N VAL A 288 41.01 37.05 -21.01
CA VAL A 288 42.41 36.87 -20.63
C VAL A 288 42.68 35.46 -20.15
N ALA A 289 43.77 34.89 -20.66
CA ALA A 289 44.09 33.47 -20.50
C ALA A 289 45.00 33.24 -19.29
N MET A 290 45.74 34.29 -18.95
CA MET A 290 46.62 34.31 -17.79
C MET A 290 47.09 35.74 -17.52
N PRO A 291 47.50 36.04 -16.29
CA PRO A 291 47.94 37.40 -15.99
C PRO A 291 49.19 37.81 -16.79
N SER A 292 49.48 39.11 -16.82
CA SER A 292 50.69 39.62 -17.47
C SER A 292 51.67 40.17 -16.43
N MET B 35 43.95 -6.41 -31.05
CA MET B 35 45.30 -5.85 -30.99
C MET B 35 45.44 -4.71 -29.98
N ILE B 36 44.51 -4.64 -29.03
CA ILE B 36 44.55 -3.62 -27.98
C ILE B 36 44.19 -4.23 -26.62
N ASN B 37 45.07 -4.04 -25.66
CA ASN B 37 44.80 -4.50 -24.30
C ASN B 37 45.34 -3.49 -23.28
N ILE B 38 45.05 -2.22 -23.52
CA ILE B 38 45.53 -1.18 -22.64
C ILE B 38 44.75 -1.11 -21.33
N LEU B 39 43.62 -1.81 -21.28
CA LEU B 39 42.86 -1.93 -20.03
C LEU B 39 43.07 -3.31 -19.39
N LYS B 40 44.13 -4.01 -19.80
CA LYS B 40 44.45 -5.28 -19.16
C LYS B 40 44.67 -5.03 -17.68
N GLY B 41 43.95 -5.78 -16.86
CA GLY B 41 44.10 -5.67 -15.42
C GLY B 41 43.30 -4.55 -14.78
N LYS B 42 42.53 -3.81 -15.59
CA LYS B 42 41.71 -2.70 -15.08
C LYS B 42 40.28 -3.14 -14.92
N ARG B 43 39.60 -2.68 -13.85
CA ARG B 43 38.19 -3.00 -13.71
C ARG B 43 37.36 -1.74 -13.52
N GLY B 44 36.15 -1.75 -14.07
CA GLY B 44 35.28 -0.59 -13.94
C GLY B 44 33.79 -0.81 -13.95
N LEU B 45 33.06 0.29 -13.78
CA LEU B 45 31.59 0.26 -13.70
C LEU B 45 30.89 0.88 -14.91
N ILE B 46 29.91 0.17 -15.46
CA ILE B 46 29.11 0.61 -16.61
C ILE B 46 27.65 0.88 -16.22
N MET B 47 27.23 2.15 -16.29
CA MET B 47 25.82 2.46 -16.10
C MET B 47 25.16 3.03 -17.34
N GLY B 48 23.95 2.57 -17.61
CA GLY B 48 23.17 3.07 -18.73
C GLY B 48 22.72 2.04 -19.73
N VAL B 49 23.07 0.76 -19.54
CA VAL B 49 22.60 -0.26 -20.47
C VAL B 49 21.11 -0.52 -20.33
N ALA B 50 20.37 -0.40 -21.42
CA ALA B 50 18.95 -0.73 -21.40
C ALA B 50 18.61 -1.83 -22.39
N ASN B 51 19.33 -1.84 -23.51
CA ASN B 51 19.28 -2.95 -24.46
C ASN B 51 20.60 -3.07 -25.25
N ASP B 52 20.63 -3.93 -26.26
CA ASP B 52 21.84 -4.06 -27.08
C ASP B 52 22.11 -2.84 -27.98
N HIS B 53 21.22 -1.85 -27.94
CA HIS B 53 21.39 -0.66 -28.76
C HIS B 53 21.84 0.53 -27.94
N SER B 54 21.98 0.33 -26.64
CA SER B 54 22.43 1.41 -25.76
C SER B 54 23.87 1.81 -25.99
N ILE B 55 24.12 3.12 -25.92
CA ILE B 55 25.46 3.66 -25.95
C ILE B 55 26.42 3.03 -24.92
N ALA B 56 25.91 2.86 -23.70
CA ALA B 56 26.68 2.22 -22.63
C ALA B 56 27.09 0.81 -23.03
N TRP B 57 26.26 0.14 -23.82
CA TRP B 57 26.61 -1.19 -24.28
C TRP B 57 27.73 -1.21 -25.34
N GLY B 58 27.69 -0.29 -26.31
CA GLY B 58 28.76 -0.21 -27.30
C GLY B 58 30.08 0.04 -26.61
N ILE B 59 30.00 0.97 -25.64
CA ILE B 59 31.16 1.28 -24.82
C ILE B 59 31.65 0.02 -24.13
N ALA B 60 30.72 -0.74 -23.55
CA ALA B 60 31.06 -1.93 -22.76
C ALA B 60 31.81 -2.93 -23.61
N LYS B 61 31.29 -3.17 -24.80
CA LYS B 61 31.91 -4.10 -25.73
C LYS B 61 33.35 -3.66 -25.98
N VAL B 62 33.52 -2.40 -26.37
CA VAL B 62 34.89 -1.95 -26.70
C VAL B 62 35.86 -1.94 -25.50
N LEU B 63 35.37 -1.60 -24.32
CA LEU B 63 36.20 -1.55 -23.14
C LEU B 63 36.59 -2.96 -22.69
N HIS B 64 35.69 -3.92 -22.91
CA HIS B 64 36.02 -5.29 -22.57
C HIS B 64 37.05 -5.87 -23.55
N SER B 65 36.86 -5.62 -24.85
CA SER B 65 37.81 -6.13 -25.86
C SER B 65 39.24 -5.65 -25.64
N ALA B 66 39.38 -4.62 -24.83
CA ALA B 66 40.65 -4.01 -24.48
C ALA B 66 41.16 -4.46 -23.12
N GLY B 67 40.45 -5.43 -22.52
CA GLY B 67 40.95 -6.12 -21.34
C GLY B 67 40.29 -5.82 -20.01
N ALA B 68 39.25 -5.00 -20.05
CA ALA B 68 38.60 -4.59 -18.81
C ALA B 68 37.64 -5.66 -18.27
N GLN B 69 37.59 -5.76 -16.95
CA GLN B 69 36.50 -6.46 -16.27
C GLN B 69 35.39 -5.45 -16.02
N LEU B 70 34.15 -5.85 -16.29
CA LEU B 70 33.03 -4.93 -16.18
C LEU B 70 32.04 -5.30 -15.07
N ALA B 71 31.63 -4.30 -14.30
CA ALA B 71 30.42 -4.41 -13.49
C ALA B 71 29.34 -3.55 -14.14
N PHE B 72 28.08 -3.94 -14.03
CA PHE B 72 27.00 -3.16 -14.62
C PHE B 72 25.97 -2.81 -13.57
N SER B 73 25.34 -1.66 -13.75
CA SER B 73 24.10 -1.39 -13.01
C SER B 73 22.90 -1.64 -13.95
N TYR B 74 21.72 -1.90 -13.38
CA TYR B 74 20.50 -1.92 -14.19
C TYR B 74 19.29 -1.27 -13.51
N GLN B 75 18.50 -0.55 -14.31
CA GLN B 75 17.44 0.32 -13.82
C GLN B 75 16.11 -0.37 -13.58
N GLY B 76 15.92 -1.55 -14.19
CA GLY B 76 14.68 -2.30 -14.07
C GLY B 76 14.79 -3.75 -14.50
N GLU B 77 13.76 -4.54 -14.19
CA GLU B 77 13.79 -5.98 -14.41
C GLU B 77 13.92 -6.42 -15.87
N SER B 78 13.12 -5.81 -16.75
CA SER B 78 13.18 -6.10 -18.19
C SER B 78 14.60 -5.88 -18.66
N ILE B 79 15.16 -4.76 -18.22
CA ILE B 79 16.54 -4.43 -18.52
C ILE B 79 17.49 -5.52 -18.01
N GLY B 80 17.43 -5.86 -16.72
CA GLY B 80 18.25 -6.94 -16.18
C GLY B 80 18.20 -8.24 -16.99
N LYS B 81 17.00 -8.61 -17.44
CA LYS B 81 16.81 -9.80 -18.25
C LYS B 81 17.46 -9.72 -19.64
N ARG B 82 17.63 -8.50 -20.17
CA ARG B 82 18.30 -8.32 -21.44
CA ARG B 82 18.30 -8.30 -21.45
C ARG B 82 19.82 -8.22 -21.25
N LEU B 83 20.21 -7.63 -20.13
CA LEU B 83 21.60 -7.42 -19.77
C LEU B 83 22.28 -8.74 -19.53
N LYS B 84 21.64 -9.63 -18.77
CA LYS B 84 22.21 -10.93 -18.41
C LYS B 84 22.98 -11.64 -19.55
N PRO B 85 22.33 -11.84 -20.71
CA PRO B 85 23.06 -12.48 -21.82
C PRO B 85 24.16 -11.61 -22.34
N LEU B 86 23.83 -10.34 -22.59
CA LEU B 86 24.82 -9.34 -22.99
C LEU B 86 26.06 -9.37 -22.11
N ALA B 87 25.87 -9.27 -20.79
CA ALA B 87 26.98 -9.26 -19.85
C ALA B 87 27.84 -10.52 -19.98
N LEU B 88 27.17 -11.63 -20.28
CA LEU B 88 27.84 -12.92 -20.36
C LEU B 88 28.85 -12.95 -21.50
N THR B 89 28.50 -12.32 -22.61
CA THR B 89 29.36 -12.25 -23.79
C THR B 89 30.58 -11.33 -23.61
N VAL B 90 30.62 -10.58 -22.50
CA VAL B 90 31.83 -9.86 -22.11
C VAL B 90 32.39 -10.34 -20.76
N ASP B 91 32.15 -11.62 -20.45
CA ASP B 91 32.74 -12.30 -19.29
C ASP B 91 32.34 -11.70 -17.96
N SER B 92 31.03 -11.56 -17.75
CA SER B 92 30.55 -10.85 -16.58
C SER B 92 29.15 -11.28 -16.12
N ASP B 93 29.05 -11.59 -14.84
CA ASP B 93 27.76 -11.87 -14.20
C ASP B 93 27.50 -10.86 -13.09
N PHE B 94 28.38 -9.86 -13.03
CA PHE B 94 28.36 -8.84 -11.98
C PHE B 94 27.33 -7.74 -12.29
N MET B 95 26.10 -7.96 -11.85
CA MET B 95 24.98 -7.09 -12.14
C MET B 95 24.26 -6.67 -10.87
N ILE B 96 24.00 -5.37 -10.76
CA ILE B 96 23.52 -4.75 -9.52
C ILE B 96 22.44 -3.74 -9.85
N PRO B 97 21.21 -3.98 -9.38
CA PRO B 97 20.17 -3.01 -9.75
C PRO B 97 20.43 -1.70 -9.03
N CYS B 98 19.91 -0.62 -9.61
CA CYS B 98 20.11 0.71 -9.06
C CYS B 98 19.04 1.65 -9.57
N ASN B 99 18.57 2.55 -8.71
CA ASN B 99 17.71 3.65 -9.12
C ASN B 99 18.47 4.97 -8.92
N VAL B 100 18.94 5.54 -10.02
CA VAL B 100 19.78 6.75 -9.99
C VAL B 100 19.10 7.96 -9.36
N GLU B 101 17.78 7.88 -9.20
CA GLU B 101 17.01 8.91 -8.50
C GLU B 101 17.06 8.77 -6.97
N ASP B 102 17.55 7.64 -6.44
CA ASP B 102 17.60 7.39 -4.99
C ASP B 102 19.02 7.20 -4.43
N PRO B 103 19.47 8.16 -3.61
CA PRO B 103 20.84 8.12 -3.10
C PRO B 103 21.14 6.86 -2.27
N SER B 104 20.11 6.32 -1.64
CA SER B 104 20.27 5.07 -0.90
C SER B 104 20.58 3.93 -1.87
N SER B 105 19.82 3.86 -2.96
CA SER B 105 20.08 2.87 -4.00
C SER B 105 21.53 2.91 -4.48
N MET B 106 22.11 4.11 -4.51
CA MET B 106 23.44 4.31 -5.09
C MET B 106 24.50 3.97 -4.06
N ASP B 107 24.20 4.28 -2.80
CA ASP B 107 25.00 3.84 -1.66
C ASP B 107 25.11 2.31 -1.67
N LEU B 108 23.98 1.67 -1.93
CA LEU B 108 23.89 0.24 -2.00
C LEU B 108 24.65 -0.31 -3.21
N LEU B 109 24.59 0.42 -4.32
CA LEU B 109 25.27 0.00 -5.53
C LEU B 109 26.76 -0.08 -5.23
N PHE B 110 27.28 0.96 -4.59
CA PHE B 110 28.68 0.87 -4.23
C PHE B 110 29.01 -0.15 -3.11
N GLU B 111 28.04 -0.44 -2.24
CA GLU B 111 28.24 -1.47 -1.21
C GLU B 111 28.38 -2.86 -1.84
N ARG B 112 27.55 -3.13 -2.84
CA ARG B 112 27.61 -4.38 -3.59
C ARG B 112 28.87 -4.45 -4.44
N ILE B 113 29.24 -3.35 -5.08
CA ILE B 113 30.48 -3.34 -5.84
C ILE B 113 31.67 -3.69 -4.94
N LYS B 114 31.72 -3.04 -3.77
CA LYS B 114 32.82 -3.16 -2.84
C LYS B 114 32.97 -4.58 -2.30
N GLU B 115 31.90 -5.37 -2.36
CA GLU B 115 32.00 -6.71 -1.84
C GLU B 115 32.61 -7.69 -2.85
N ARG B 116 33.10 -7.16 -3.96
CA ARG B 116 33.90 -7.94 -4.88
C ARG B 116 35.18 -7.18 -5.24
N TRP B 117 35.07 -5.86 -5.36
CA TRP B 117 36.22 -5.04 -5.74
C TRP B 117 36.51 -4.00 -4.67
N GLU B 118 37.75 -3.94 -4.24
CA GLU B 118 38.14 -2.98 -3.24
C GLU B 118 38.56 -1.71 -3.97
N THR B 119 38.62 -1.82 -5.29
CA THR B 119 39.17 -0.78 -6.13
C THR B 119 38.45 -0.71 -7.46
N LEU B 120 38.48 0.45 -8.11
CA LEU B 120 37.81 0.67 -9.38
C LEU B 120 38.76 1.52 -10.19
N ASP B 121 38.78 1.33 -11.51
CA ASP B 121 39.67 2.16 -12.34
C ASP B 121 38.93 3.15 -13.22
N PHE B 122 37.72 2.80 -13.62
CA PHE B 122 36.96 3.70 -14.45
C PHE B 122 35.46 3.62 -14.21
N VAL B 123 34.78 4.70 -14.58
CA VAL B 123 33.32 4.70 -14.53
C VAL B 123 32.74 5.30 -15.82
N VAL B 124 31.78 4.57 -16.41
CA VAL B 124 30.96 5.08 -17.51
C VAL B 124 29.55 5.47 -17.06
N HIS B 125 29.23 6.76 -17.20
CA HIS B 125 27.91 7.33 -16.89
C HIS B 125 27.19 7.75 -18.18
N SER B 126 26.29 6.89 -18.61
CA SER B 126 25.43 7.18 -19.76
C SER B 126 23.98 7.00 -19.32
N ILE B 127 23.52 7.94 -18.52
CA ILE B 127 22.17 7.91 -17.99
C ILE B 127 21.49 9.15 -18.51
N ALA B 128 20.42 8.97 -19.27
CA ALA B 128 19.68 10.12 -19.77
C ALA B 128 18.18 9.84 -19.69
N PHE B 129 17.47 10.64 -18.91
CA PHE B 129 16.03 10.48 -18.84
C PHE B 129 15.28 11.79 -18.84
N SER B 130 14.15 11.80 -19.52
CA SER B 130 13.16 12.84 -19.39
C SER B 130 11.82 12.30 -19.88
N ASP B 131 10.74 12.91 -19.41
CA ASP B 131 9.41 12.58 -19.89
C ASP B 131 9.40 12.83 -21.39
N LYS B 132 9.36 11.74 -22.14
CA LYS B 132 9.41 11.83 -23.60
C LYS B 132 8.20 12.54 -24.18
N ASN B 133 7.10 12.57 -23.44
CA ASN B 133 5.91 13.27 -23.90
C ASN B 133 6.12 14.79 -23.85
N GLU B 134 7.08 15.23 -23.04
CA GLU B 134 7.39 16.65 -22.96
C GLU B 134 8.55 17.05 -23.87
N LEU B 135 9.09 16.08 -24.60
CA LEU B 135 10.08 16.38 -25.61
C LEU B 135 9.41 16.68 -26.93
N ARG B 136 8.30 17.41 -26.88
CA ARG B 136 7.66 17.85 -28.11
C ARG B 136 7.19 19.27 -27.88
N GLY B 137 6.89 19.95 -28.98
CA GLY B 137 6.47 21.33 -28.90
C GLY B 137 7.58 22.22 -28.36
N PRO B 138 7.19 23.42 -27.92
CA PRO B 138 8.15 24.42 -27.44
C PRO B 138 8.71 24.09 -26.06
N TYR B 139 9.95 24.51 -25.82
CA TYR B 139 10.58 24.35 -24.51
C TYR B 139 9.79 24.95 -23.31
N TYR B 140 9.10 26.06 -23.51
CA TYR B 140 8.38 26.69 -22.39
C TYR B 140 7.29 25.81 -21.76
N ASN B 141 6.92 24.71 -22.43
CA ASN B 141 5.95 23.79 -21.86
C ASN B 141 6.57 22.77 -20.93
N THR B 142 7.85 22.94 -20.63
CA THR B 142 8.50 22.04 -19.71
C THR B 142 7.88 22.28 -18.33
N SER B 143 7.36 21.21 -17.76
CA SER B 143 6.76 21.25 -16.46
C SER B 143 7.85 21.27 -15.40
N ARG B 144 7.52 21.86 -14.26
CA ARG B 144 8.44 21.96 -13.13
C ARG B 144 8.93 20.58 -12.67
N ASP B 145 8.02 19.62 -12.57
CA ASP B 145 8.35 18.29 -12.05
C ASP B 145 9.22 17.51 -13.03
N ASN B 146 8.91 17.62 -14.31
CA ASN B 146 9.80 17.04 -15.32
C ASN B 146 11.18 17.69 -15.30
N PHE B 147 11.24 19.00 -15.06
CA PHE B 147 12.53 19.69 -15.02
C PHE B 147 13.35 19.20 -13.84
N ILE B 148 12.71 19.12 -12.67
CA ILE B 148 13.36 18.61 -11.48
C ILE B 148 13.87 17.18 -11.67
N GLN B 149 13.00 16.31 -12.18
CA GLN B 149 13.33 14.91 -12.37
C GLN B 149 14.44 14.70 -13.43
N THR B 150 14.35 15.44 -14.53
CA THR B 150 15.33 15.39 -15.61
C THR B 150 16.70 15.87 -15.11
N MET B 151 16.69 16.96 -14.33
CA MET B 151 17.91 17.43 -13.66
C MET B 151 18.52 16.37 -12.75
N LEU B 152 17.67 15.81 -11.91
CA LEU B 152 18.11 14.81 -10.95
C LEU B 152 18.76 13.62 -11.64
N VAL B 153 18.05 13.02 -12.58
CA VAL B 153 18.52 11.82 -13.23
C VAL B 153 19.58 12.11 -14.28
N SER B 154 19.33 13.09 -15.14
CA SER B 154 20.23 13.34 -16.27
C SER B 154 21.47 14.17 -15.93
N CYS B 155 21.47 14.88 -14.80
CA CYS B 155 22.64 15.67 -14.39
C CYS B 155 23.26 15.28 -13.03
N PHE B 156 22.47 15.40 -11.97
CA PHE B 156 23.04 15.27 -10.64
C PHE B 156 23.53 13.86 -10.29
N SER B 157 22.92 12.85 -10.92
CA SER B 157 23.32 11.45 -10.70
C SER B 157 24.80 11.25 -10.96
N PHE B 158 25.34 11.97 -11.95
CA PHE B 158 26.75 11.87 -12.29
C PHE B 158 27.58 12.40 -11.14
N THR B 159 27.16 13.51 -10.55
CA THR B 159 27.84 14.05 -9.38
C THR B 159 27.85 13.00 -8.25
N GLU B 160 26.66 12.50 -7.93
CA GLU B 160 26.48 11.44 -6.94
C GLU B 160 27.45 10.26 -7.14
N ILE B 161 27.33 9.64 -8.30
CA ILE B 161 28.13 8.48 -8.66
C ILE B 161 29.62 8.78 -8.62
N VAL B 162 30.03 9.85 -9.29
CA VAL B 162 31.43 10.27 -9.31
C VAL B 162 32.00 10.34 -7.89
N ARG B 163 31.29 11.03 -6.99
CA ARG B 163 31.82 11.16 -5.65
C ARG B 163 31.82 9.83 -4.87
N ARG B 164 30.89 8.93 -5.19
CA ARG B 164 30.99 7.60 -4.55
C ARG B 164 32.17 6.80 -5.09
N ALA B 165 32.32 6.79 -6.40
CA ALA B 165 33.35 6.05 -7.12
C ALA B 165 34.78 6.50 -6.80
N ALA B 166 34.95 7.80 -6.60
CA ALA B 166 36.28 8.34 -6.35
C ALA B 166 36.88 7.65 -5.13
N GLN B 167 36.04 7.38 -4.14
CA GLN B 167 36.45 6.71 -2.91
C GLN B 167 37.07 5.33 -3.13
N LEU B 168 36.84 4.75 -4.30
CA LEU B 168 37.43 3.47 -4.67
C LEU B 168 38.58 3.61 -5.67
N MET B 169 39.08 4.84 -5.82
CA MET B 169 40.19 5.11 -6.75
C MET B 169 41.37 5.70 -6.01
N PRO B 170 41.92 4.95 -5.05
CA PRO B 170 42.99 5.53 -4.22
C PRO B 170 44.26 5.81 -5.01
N HIS B 171 44.45 5.22 -6.18
CA HIS B 171 45.61 5.58 -6.99
C HIS B 171 45.25 6.28 -8.30
N GLY B 172 44.15 7.01 -8.31
CA GLY B 172 43.72 7.69 -9.51
C GLY B 172 42.79 6.84 -10.35
N GLY B 173 42.38 7.38 -11.48
CA GLY B 173 41.44 6.69 -12.32
C GLY B 173 40.79 7.64 -13.30
N ALA B 174 39.76 7.16 -13.98
CA ALA B 174 39.13 7.99 -14.99
C ALA B 174 37.62 7.72 -15.12
N MET B 175 36.87 8.78 -15.43
CA MET B 175 35.41 8.70 -15.54
C MET B 175 34.89 9.51 -16.71
N ILE B 176 33.79 9.05 -17.31
CA ILE B 176 33.17 9.82 -18.38
C ILE B 176 31.65 9.90 -18.22
N THR B 177 31.08 11.01 -18.66
CA THR B 177 29.64 11.11 -18.78
C THR B 177 29.28 11.30 -20.25
N LEU B 178 28.00 11.18 -20.58
CA LEU B 178 27.56 11.40 -21.95
C LEU B 178 26.67 12.62 -22.12
N THR B 179 26.98 13.42 -23.14
CA THR B 179 26.26 14.67 -23.38
C THR B 179 25.91 14.81 -24.86
N TYR B 180 25.16 15.84 -25.19
CA TYR B 180 24.78 16.08 -26.59
C TYR B 180 24.81 17.57 -26.89
N GLY B 181 25.23 17.91 -28.11
CA GLY B 181 25.45 19.30 -28.51
C GLY B 181 24.20 20.16 -28.41
N GLY B 182 23.07 19.52 -28.18
CA GLY B 182 21.83 20.23 -27.93
C GLY B 182 21.79 21.03 -26.65
N SER B 183 22.85 20.91 -25.85
CA SER B 183 22.92 21.66 -24.61
C SER B 183 23.21 23.13 -24.85
N MET B 184 23.97 23.40 -25.92
CA MET B 184 24.53 24.75 -26.19
C MET B 184 23.95 25.41 -27.43
N ARG B 185 23.42 24.62 -28.36
CA ARG B 185 22.71 25.18 -29.50
C ARG B 185 21.32 24.54 -29.50
N VAL B 186 20.33 25.28 -29.98
CA VAL B 186 18.95 24.85 -29.78
C VAL B 186 18.52 23.75 -30.73
N VAL B 187 18.18 22.61 -30.15
CA VAL B 187 17.70 21.48 -30.93
C VAL B 187 16.22 21.32 -30.64
N PRO B 188 15.40 21.31 -31.69
CA PRO B 188 13.94 21.28 -31.55
C PRO B 188 13.48 20.01 -30.85
N ASN B 189 12.57 20.16 -29.89
CA ASN B 189 12.02 19.07 -29.06
C ASN B 189 12.87 18.69 -27.85
N TYR B 190 14.17 18.87 -27.96
CA TYR B 190 15.10 18.45 -26.93
C TYR B 190 14.73 19.02 -25.56
N ASN B 191 14.24 20.26 -25.56
CA ASN B 191 13.54 20.86 -24.42
C ASN B 191 14.21 20.62 -23.05
N ALA B 192 13.54 19.94 -22.12
CA ALA B 192 14.10 19.73 -20.79
C ALA B 192 15.51 19.12 -20.76
N MET B 193 15.85 18.32 -21.77
CA MET B 193 17.18 17.67 -21.81
C MET B 193 18.30 18.69 -21.89
N ALA B 194 17.98 19.83 -22.50
CA ALA B 194 18.97 20.85 -22.82
C ALA B 194 19.60 21.52 -21.60
N PRO B 195 18.78 22.10 -20.69
CA PRO B 195 19.54 22.64 -19.55
C PRO B 195 20.19 21.54 -18.72
N ALA B 196 19.64 20.33 -18.75
CA ALA B 196 20.18 19.25 -17.93
C ALA B 196 21.62 18.90 -18.38
N LYS B 197 21.81 18.73 -19.69
CA LYS B 197 23.13 18.45 -20.27
C LYS B 197 24.09 19.60 -20.03
N SER B 198 23.59 20.80 -20.26
CA SER B 198 24.38 22.01 -20.08
C SER B 198 25.01 21.98 -18.68
N ALA B 199 24.20 21.65 -17.69
CA ALA B 199 24.63 21.56 -16.29
C ALA B 199 25.49 20.31 -16.04
N LEU B 200 25.16 19.22 -16.73
CA LEU B 200 26.02 18.06 -16.70
C LEU B 200 27.44 18.46 -17.17
N GLU B 201 27.51 19.14 -18.32
CA GLU B 201 28.80 19.60 -18.85
C GLU B 201 29.54 20.52 -17.87
N SER B 202 28.76 21.36 -17.18
CA SER B 202 29.31 22.28 -16.20
C SER B 202 29.89 21.49 -15.02
N SER B 203 29.12 20.53 -14.53
CA SER B 203 29.53 19.77 -13.36
C SER B 203 30.75 18.89 -13.71
N THR B 204 30.77 18.39 -14.94
CA THR B 204 31.93 17.67 -15.44
C THR B 204 33.21 18.45 -15.16
N LYS B 205 33.18 19.73 -15.52
CA LYS B 205 34.37 20.56 -15.38
C LYS B 205 34.69 20.84 -13.92
N TYR B 206 33.65 21.01 -13.10
CA TYR B 206 33.87 21.24 -11.68
C TYR B 206 34.39 20.00 -10.97
N LEU B 207 33.80 18.86 -11.27
CA LEU B 207 34.31 17.58 -10.79
C LEU B 207 35.79 17.37 -11.14
N ALA B 208 36.15 17.56 -12.41
CA ALA B 208 37.55 17.50 -12.84
C ALA B 208 38.50 18.36 -11.99
N CYS B 209 38.05 19.54 -11.59
CA CYS B 209 38.89 20.41 -10.76
C CYS B 209 38.97 19.88 -9.34
N ASP B 210 37.84 19.40 -8.82
CA ASP B 210 37.76 18.82 -7.50
C ASP B 210 38.73 17.65 -7.35
N TYR B 211 38.66 16.73 -8.31
CA TYR B 211 39.32 15.44 -8.18
C TYR B 211 40.67 15.40 -8.87
N GLY B 212 41.01 16.51 -9.51
CA GLY B 212 42.22 16.56 -10.29
C GLY B 212 43.48 16.31 -9.48
N GLY B 213 43.46 16.74 -8.22
CA GLY B 213 44.62 16.60 -7.37
C GLY B 213 44.84 15.14 -6.98
N MET B 214 43.77 14.34 -7.10
CA MET B 214 43.82 12.94 -6.72
C MET B 214 44.17 12.05 -7.91
N ASN B 215 44.57 12.68 -9.01
CA ASN B 215 44.85 12.01 -10.29
C ASN B 215 43.66 11.21 -10.85
N ILE B 216 42.47 11.75 -10.62
CA ILE B 216 41.26 11.24 -11.25
C ILE B 216 40.89 12.16 -12.41
N ARG B 217 40.61 11.59 -13.58
CA ARG B 217 40.23 12.42 -14.73
C ARG B 217 38.72 12.25 -15.02
N ILE B 218 38.08 13.35 -15.39
CA ILE B 218 36.62 13.41 -15.55
C ILE B 218 36.35 14.09 -16.88
N ASN B 219 35.84 13.36 -17.86
CA ASN B 219 35.60 13.96 -19.17
C ASN B 219 34.20 13.65 -19.61
N ALA B 220 33.75 14.28 -20.69
CA ALA B 220 32.46 13.97 -21.31
C ALA B 220 32.59 13.69 -22.80
N ILE B 221 31.69 12.86 -23.31
CA ILE B 221 31.58 12.60 -24.73
C ILE B 221 30.28 13.16 -25.23
N SER B 222 30.39 14.11 -26.15
CA SER B 222 29.24 14.68 -26.80
C SER B 222 29.05 13.94 -28.10
N ALA B 223 28.20 12.92 -28.02
CA ALA B 223 27.93 12.03 -29.16
C ALA B 223 26.93 12.66 -30.10
N GLY B 224 26.98 12.26 -31.35
CA GLY B 224 25.99 12.71 -32.31
C GLY B 224 24.82 11.75 -32.23
N PRO B 225 23.76 11.98 -33.03
CA PRO B 225 22.68 11.02 -32.98
C PRO B 225 23.15 9.65 -33.44
N VAL B 226 22.78 8.62 -32.70
CA VAL B 226 22.99 7.24 -33.12
C VAL B 226 21.71 6.75 -33.80
N ARG B 227 21.88 6.27 -35.04
CA ARG B 227 20.81 5.71 -35.85
C ARG B 227 20.02 4.65 -35.07
N THR B 228 18.73 4.54 -35.38
CA THR B 228 17.80 3.63 -34.68
C THR B 228 17.56 3.99 -33.21
N LEU B 229 18.64 4.28 -32.47
CA LEU B 229 18.53 4.76 -31.10
C LEU B 229 17.81 6.11 -31.05
N ALA B 230 18.09 6.95 -32.04
CA ALA B 230 17.56 8.31 -32.09
C ALA B 230 16.03 8.28 -32.13
N GLY B 231 15.50 7.42 -33.00
CA GLY B 231 14.08 7.33 -33.26
C GLY B 231 13.21 6.90 -32.08
N ALA B 232 13.80 6.20 -31.12
CA ALA B 232 13.03 5.68 -30.01
C ALA B 232 13.09 6.61 -28.80
N SER B 233 14.10 7.47 -28.79
CA SER B 233 14.34 8.40 -27.66
C SER B 233 13.55 9.71 -27.66
N ILE B 234 13.09 10.12 -28.84
CA ILE B 234 12.44 11.42 -29.00
C ILE B 234 11.65 11.44 -30.32
N SER B 235 10.55 12.16 -30.33
CA SER B 235 9.59 12.06 -31.43
C SER B 235 10.18 12.37 -32.80
N ASN B 236 11.14 13.29 -32.86
CA ASN B 236 11.78 13.66 -34.12
C ASN B 236 13.21 13.09 -34.29
N GLY B 237 13.53 12.06 -33.50
CA GLY B 237 14.80 11.38 -33.55
C GLY B 237 15.28 10.96 -34.93
N ARG B 238 14.43 10.28 -35.69
CA ARG B 238 14.78 9.91 -37.06
C ARG B 238 15.21 11.13 -37.86
N ASP B 239 14.39 12.19 -37.78
CA ASP B 239 14.69 13.45 -38.45
C ASP B 239 16.04 14.01 -38.00
N ILE B 240 16.24 14.17 -36.70
CA ILE B 240 17.51 14.66 -36.18
C ILE B 240 18.69 13.86 -36.73
N ALA B 241 18.54 12.54 -36.78
CA ALA B 241 19.64 11.67 -37.27
C ALA B 241 19.89 11.84 -38.77
N ALA B 242 18.82 11.84 -39.55
CA ALA B 242 18.91 11.94 -41.00
C ALA B 242 19.56 13.26 -41.36
N TRP B 243 19.09 14.33 -40.70
CA TRP B 243 19.68 15.63 -40.82
C TRP B 243 21.18 15.60 -40.51
N SER B 244 21.52 14.99 -39.38
CA SER B 244 22.94 14.91 -38.97
C SER B 244 23.82 14.16 -39.98
N LYS B 245 23.30 13.09 -40.57
CA LYS B 245 24.05 12.33 -41.56
C LYS B 245 24.18 13.08 -42.90
N GLU B 246 23.14 13.81 -43.30
CA GLU B 246 23.16 14.57 -44.55
C GLU B 246 24.11 15.77 -44.50
N ASN B 247 24.32 16.30 -43.30
CA ASN B 247 25.04 17.54 -43.15
C ASN B 247 26.31 17.47 -42.31
N SER B 248 26.72 16.28 -41.89
CA SER B 248 28.01 16.16 -41.24
C SER B 248 29.11 16.09 -42.30
N PRO B 249 30.29 16.64 -42.00
CA PRO B 249 31.39 16.53 -42.95
C PRO B 249 31.64 15.08 -43.39
N LEU B 250 31.52 14.12 -42.47
CA LEU B 250 31.77 12.71 -42.78
C LEU B 250 30.61 11.95 -43.46
N LYS B 251 29.44 12.57 -43.53
CA LYS B 251 28.30 12.01 -44.23
C LYS B 251 27.78 10.70 -43.65
N ARG B 252 28.07 10.43 -42.38
CA ARG B 252 27.52 9.27 -41.71
C ARG B 252 27.19 9.68 -40.27
N THR B 253 26.36 8.89 -39.59
CA THR B 253 26.19 9.09 -38.15
C THR B 253 27.23 8.29 -37.36
N VAL B 254 27.60 8.80 -36.18
CA VAL B 254 28.45 8.07 -35.22
C VAL B 254 27.89 6.69 -34.93
N SER B 255 28.78 5.72 -34.78
CA SER B 255 28.37 4.37 -34.39
C SER B 255 28.61 4.16 -32.88
N LEU B 256 27.95 3.14 -32.32
CA LEU B 256 28.19 2.73 -30.94
C LEU B 256 29.65 2.43 -30.75
N GLU B 257 30.26 1.86 -31.78
CA GLU B 257 31.66 1.50 -31.69
C GLU B 257 32.55 2.72 -31.70
N ASP B 258 32.25 3.70 -32.55
CA ASP B 258 32.95 4.98 -32.51
C ASP B 258 33.02 5.51 -31.08
N ILE B 259 31.87 5.52 -30.42
CA ILE B 259 31.76 6.02 -29.06
C ILE B 259 32.56 5.15 -28.10
N GLY B 260 32.48 3.84 -28.28
CA GLY B 260 33.25 2.89 -27.49
C GLY B 260 34.74 3.17 -27.56
N ASN B 261 35.27 3.38 -28.78
CA ASN B 261 36.67 3.71 -28.96
C ASN B 261 37.04 5.10 -28.39
N SER B 262 36.17 6.09 -28.54
CA SER B 262 36.49 7.37 -27.93
C SER B 262 36.53 7.25 -26.38
N ALA B 263 35.66 6.40 -25.85
CA ALA B 263 35.59 6.12 -24.42
C ALA B 263 36.84 5.38 -23.94
N LEU B 264 37.28 4.43 -24.76
CA LEU B 264 38.51 3.71 -24.53
C LEU B 264 39.65 4.70 -24.42
N TYR B 265 39.66 5.66 -25.35
CA TYR B 265 40.67 6.71 -25.32
C TYR B 265 40.62 7.53 -24.05
N LEU B 266 39.44 8.03 -23.68
CA LEU B 266 39.31 8.90 -22.50
C LEU B 266 39.41 8.20 -21.14
N LEU B 267 39.34 6.87 -21.12
CA LEU B 267 39.41 6.11 -19.87
C LEU B 267 40.74 5.36 -19.68
N SER B 268 41.60 5.39 -20.69
CA SER B 268 42.91 4.73 -20.62
C SER B 268 43.99 5.80 -20.42
N TYR B 269 45.22 5.36 -20.20
CA TYR B 269 46.37 6.25 -20.09
C TYR B 269 46.56 7.09 -21.37
N LEU B 270 46.01 6.64 -22.50
CA LEU B 270 46.15 7.40 -23.74
C LEU B 270 45.76 8.87 -23.62
N SER B 271 44.73 9.14 -22.80
CA SER B 271 44.17 10.48 -22.64
C SER B 271 44.69 11.13 -21.38
N ASN B 272 45.95 10.84 -21.06
CA ASN B 272 46.52 11.28 -19.81
C ASN B 272 46.67 12.78 -19.66
N GLY B 273 46.68 13.50 -20.78
CA GLY B 273 46.81 14.95 -20.74
C GLY B 273 45.48 15.66 -20.83
N VAL B 274 44.39 14.94 -20.58
CA VAL B 274 43.05 15.42 -20.86
C VAL B 274 42.06 15.23 -19.71
N THR B 275 41.70 16.31 -19.03
CA THR B 275 40.58 16.25 -18.08
C THR B 275 39.62 17.42 -18.28
N GLY B 276 38.36 17.25 -17.90
CA GLY B 276 37.38 18.32 -18.01
C GLY B 276 36.98 18.70 -19.42
N GLU B 277 37.17 17.77 -20.35
CA GLU B 277 36.97 18.03 -21.78
C GLU B 277 35.60 17.61 -22.30
N ILE B 278 34.93 18.51 -22.99
CA ILE B 278 33.71 18.15 -23.71
C ILE B 278 34.12 17.73 -25.11
N HIS B 279 34.36 16.44 -25.28
CA HIS B 279 34.93 15.89 -26.51
C HIS B 279 33.82 15.57 -27.50
N TYR B 280 33.87 16.20 -28.68
CA TYR B 280 32.84 16.00 -29.69
C TYR B 280 33.12 14.81 -30.60
N VAL B 281 32.21 13.84 -30.56
CA VAL B 281 32.30 12.63 -31.36
C VAL B 281 30.96 12.52 -32.11
N ASP B 282 30.84 13.32 -33.17
CA ASP B 282 29.59 13.45 -33.91
C ASP B 282 29.88 13.53 -35.39
N CYS B 283 30.98 12.92 -35.81
CA CYS B 283 31.39 12.98 -37.21
C CYS B 283 31.50 14.43 -37.67
N GLY B 284 31.89 15.29 -36.73
CA GLY B 284 32.09 16.70 -36.99
C GLY B 284 30.85 17.53 -37.28
N TYR B 285 29.65 17.02 -36.95
CA TYR B 285 28.43 17.77 -37.26
C TYR B 285 28.43 19.17 -36.66
N ASN B 286 28.94 19.27 -35.44
CA ASN B 286 28.97 20.53 -34.74
C ASN B 286 29.72 21.64 -35.47
N ILE B 287 30.68 21.32 -36.32
CA ILE B 287 31.39 22.40 -37.01
C ILE B 287 30.66 23.10 -38.16
N VAL B 288 29.64 22.46 -38.75
CA VAL B 288 29.04 23.09 -39.92
C VAL B 288 27.99 24.12 -39.54
N ALA B 289 28.06 25.29 -40.17
CA ALA B 289 27.17 26.43 -39.81
C ALA B 289 25.84 26.40 -40.58
N MET B 290 25.85 25.71 -41.71
CA MET B 290 24.69 25.60 -42.58
C MET B 290 24.95 24.57 -43.68
N PRO B 291 23.88 24.05 -44.28
CA PRO B 291 24.06 22.99 -45.28
C PRO B 291 24.66 23.53 -46.56
N SER B 292 25.40 22.69 -47.28
CA SER B 292 25.98 23.08 -48.56
C SER B 292 24.88 23.30 -49.58
N MET C 35 -27.97 21.50 5.84
CA MET C 35 -28.10 20.29 6.66
C MET C 35 -26.90 20.09 7.59
N ILE C 36 -25.71 19.88 7.01
CA ILE C 36 -24.50 19.55 7.77
C ILE C 36 -23.43 20.63 7.71
N ASN C 37 -22.99 21.12 8.87
CA ASN C 37 -21.79 21.92 8.93
C ASN C 37 -20.98 21.52 10.16
N ILE C 38 -20.70 20.23 10.23
CA ILE C 38 -19.97 19.67 11.35
C ILE C 38 -18.48 19.83 11.15
N LEU C 39 -18.08 20.37 10.00
CA LEU C 39 -16.67 20.61 9.73
C LEU C 39 -16.37 22.11 9.69
N LYS C 40 -17.21 22.89 10.34
CA LYS C 40 -17.00 24.34 10.46
C LYS C 40 -15.83 24.66 11.41
N GLY C 41 -15.00 25.63 11.00
CA GLY C 41 -13.83 26.03 11.77
C GLY C 41 -12.73 24.98 11.67
N LYS C 42 -12.87 24.12 10.67
CA LYS C 42 -11.94 23.01 10.47
C LYS C 42 -11.20 23.17 9.14
N ARG C 43 -9.92 22.83 9.15
CA ARG C 43 -9.13 22.83 7.93
C ARG C 43 -8.28 21.57 7.83
N GLY C 44 -8.08 21.09 6.62
CA GLY C 44 -7.32 19.88 6.43
C GLY C 44 -6.82 19.70 5.02
N LEU C 45 -6.03 18.64 4.84
CA LEU C 45 -5.27 18.45 3.61
C LEU C 45 -5.81 17.34 2.73
N ILE C 46 -6.02 17.64 1.45
CA ILE C 46 -6.47 16.66 0.46
C ILE C 46 -5.35 16.27 -0.51
N MET C 47 -4.71 15.11 -0.30
CA MET C 47 -3.79 14.62 -1.33
C MET C 47 -4.41 13.53 -2.22
N GLY C 48 -4.40 13.78 -3.53
CA GLY C 48 -4.87 12.81 -4.49
C GLY C 48 -5.60 13.34 -5.71
N VAL C 49 -5.96 14.62 -5.72
CA VAL C 49 -6.76 15.14 -6.84
C VAL C 49 -5.96 15.15 -8.14
N ALA C 50 -6.49 14.48 -9.16
CA ALA C 50 -5.83 14.39 -10.46
C ALA C 50 -6.69 15.06 -11.52
N ASN C 51 -8.00 14.99 -11.32
CA ASN C 51 -8.97 15.70 -12.12
C ASN C 51 -10.30 15.71 -11.38
N ASP C 52 -11.39 15.88 -12.10
CA ASP C 52 -12.67 16.03 -11.43
C ASP C 52 -13.40 14.70 -11.26
N HIS C 53 -12.71 13.62 -11.64
CA HIS C 53 -13.23 12.26 -11.45
C HIS C 53 -12.55 11.58 -10.27
N SER C 54 -11.44 12.15 -9.83
CA SER C 54 -10.70 11.67 -8.67
C SER C 54 -11.56 11.55 -7.41
N ILE C 55 -11.47 10.39 -6.78
CA ILE C 55 -12.08 10.15 -5.47
C ILE C 55 -11.73 11.28 -4.48
N ALA C 56 -10.48 11.70 -4.50
CA ALA C 56 -10.05 12.79 -3.65
C ALA C 56 -10.89 14.02 -3.91
N TRP C 57 -11.29 14.21 -5.17
CA TRP C 57 -12.07 15.38 -5.51
C TRP C 57 -13.49 15.34 -4.92
N GLY C 58 -14.20 14.25 -5.15
CA GLY C 58 -15.50 14.02 -4.55
C GLY C 58 -15.49 14.22 -3.04
N ILE C 59 -14.40 13.75 -2.42
CA ILE C 59 -14.28 13.92 -0.97
C ILE C 59 -14.11 15.38 -0.62
N ALA C 60 -13.31 16.09 -1.42
CA ALA C 60 -13.09 17.51 -1.21
C ALA C 60 -14.41 18.28 -1.25
N LYS C 61 -15.19 18.04 -2.30
CA LYS C 61 -16.53 18.63 -2.42
C LYS C 61 -17.39 18.39 -1.18
N VAL C 62 -17.55 17.13 -0.78
CA VAL C 62 -18.38 16.84 0.41
C VAL C 62 -17.86 17.53 1.68
N LEU C 63 -16.56 17.44 1.93
CA LEU C 63 -15.93 18.07 3.08
C LEU C 63 -16.12 19.58 3.12
N HIS C 64 -16.00 20.20 1.95
CA HIS C 64 -16.19 21.63 1.89
C HIS C 64 -17.65 22.01 2.17
N SER C 65 -18.58 21.30 1.54
CA SER C 65 -20.01 21.55 1.78
C SER C 65 -20.42 21.40 3.26
N ALA C 66 -19.54 20.83 4.08
CA ALA C 66 -19.76 20.73 5.52
C ALA C 66 -18.91 21.72 6.28
N GLY C 67 -18.31 22.65 5.54
CA GLY C 67 -17.67 23.80 6.15
C GLY C 67 -16.17 23.80 6.34
N ALA C 68 -15.46 22.86 5.73
CA ALA C 68 -14.00 22.81 5.89
C ALA C 68 -13.21 23.70 4.92
N GLN C 69 -12.06 24.19 5.38
CA GLN C 69 -11.08 24.86 4.51
C GLN C 69 -10.14 23.79 3.96
N LEU C 70 -9.92 23.81 2.66
CA LEU C 70 -9.16 22.73 2.01
C LEU C 70 -7.83 23.18 1.42
N ALA C 71 -6.74 22.58 1.90
CA ALA C 71 -5.45 22.62 1.22
C ALA C 71 -5.38 21.48 0.19
N PHE C 72 -4.58 21.65 -0.85
CA PHE C 72 -4.48 20.59 -1.85
C PHE C 72 -3.02 20.26 -2.22
N SER C 73 -2.67 18.98 -2.23
CA SER C 73 -1.40 18.55 -2.79
C SER C 73 -1.58 18.26 -4.27
N TYR C 74 -0.53 18.45 -5.06
CA TYR C 74 -0.61 18.05 -6.47
C TYR C 74 0.71 17.53 -7.05
N GLN C 75 0.58 16.54 -7.93
CA GLN C 75 1.73 15.79 -8.41
C GLN C 75 2.50 16.48 -9.54
N GLY C 76 1.79 16.96 -10.56
CA GLY C 76 2.45 17.57 -11.68
C GLY C 76 1.82 18.88 -12.09
N GLU C 77 2.47 19.56 -13.03
CA GLU C 77 1.99 20.83 -13.55
C GLU C 77 0.70 20.58 -14.32
N SER C 78 0.65 19.46 -15.03
CA SER C 78 -0.53 19.11 -15.80
C SER C 78 -1.70 18.75 -14.91
N ILE C 79 -1.41 18.39 -13.67
CA ILE C 79 -2.47 18.14 -12.71
C ILE C 79 -2.94 19.45 -12.11
N GLY C 80 -1.99 20.19 -11.53
CA GLY C 80 -2.26 21.45 -10.88
C GLY C 80 -3.03 22.43 -11.75
N LYS C 81 -2.81 22.33 -13.07
CA LYS C 81 -3.60 23.13 -14.00
C LYS C 81 -5.08 22.73 -13.97
N ARG C 82 -5.35 21.45 -13.83
CA ARG C 82 -6.73 21.00 -13.77
C ARG C 82 -7.33 21.32 -12.39
N LEU C 83 -6.47 21.33 -11.38
CA LEU C 83 -6.87 21.52 -9.99
C LEU C 83 -7.21 22.97 -9.66
N LYS C 84 -6.52 23.93 -10.30
CA LYS C 84 -6.79 25.35 -10.04
C LYS C 84 -8.28 25.72 -10.12
N PRO C 85 -8.95 25.41 -11.25
CA PRO C 85 -10.39 25.70 -11.34
C PRO C 85 -11.22 24.95 -10.31
N LEU C 86 -10.80 23.73 -9.96
CA LEU C 86 -11.53 22.92 -8.99
C LEU C 86 -11.38 23.48 -7.56
N ALA C 87 -10.15 23.76 -7.16
CA ALA C 87 -9.88 24.25 -5.82
C ALA C 87 -10.62 25.56 -5.55
N LEU C 88 -10.76 26.36 -6.60
CA LEU C 88 -11.46 27.62 -6.51
C LEU C 88 -12.87 27.41 -5.99
N THR C 89 -13.59 26.49 -6.65
CA THR C 89 -14.99 26.19 -6.36
C THR C 89 -15.24 25.78 -4.91
N VAL C 90 -14.22 25.23 -4.26
CA VAL C 90 -14.33 24.92 -2.84
C VAL C 90 -13.64 25.99 -1.98
N ASP C 91 -13.62 27.21 -2.51
CA ASP C 91 -13.12 28.40 -1.81
C ASP C 91 -11.67 28.25 -1.36
N SER C 92 -10.82 27.79 -2.26
CA SER C 92 -9.42 27.51 -1.95
C SER C 92 -8.45 27.80 -3.09
N ASP C 93 -7.38 28.52 -2.78
CA ASP C 93 -6.30 28.75 -3.74
C ASP C 93 -5.02 28.12 -3.20
N PHE C 94 -5.19 27.35 -2.14
CA PHE C 94 -4.07 26.80 -1.41
C PHE C 94 -3.62 25.46 -2.01
N MET C 95 -2.76 25.54 -3.03
CA MET C 95 -2.29 24.37 -3.77
C MET C 95 -0.78 24.23 -3.67
N ILE C 96 -0.30 23.09 -3.20
CA ILE C 96 1.14 22.86 -3.06
C ILE C 96 1.65 21.60 -3.76
N PRO C 97 2.62 21.76 -4.69
CA PRO C 97 3.21 20.60 -5.37
C PRO C 97 3.94 19.65 -4.42
N CYS C 98 3.82 18.34 -4.66
CA CYS C 98 4.51 17.33 -3.83
C CYS C 98 4.71 16.03 -4.59
N ASN C 99 5.88 15.42 -4.41
CA ASN C 99 6.13 14.08 -4.94
C ASN C 99 6.27 13.12 -3.76
N VAL C 100 5.41 12.12 -3.71
CA VAL C 100 5.37 11.25 -2.55
C VAL C 100 6.49 10.20 -2.52
N GLU C 101 7.28 10.15 -3.58
CA GLU C 101 8.47 9.30 -3.58
C GLU C 101 9.69 9.97 -2.93
N ASP C 102 9.72 11.30 -2.96
CA ASP C 102 10.80 12.06 -2.34
C ASP C 102 10.38 12.62 -0.99
N PRO C 103 10.99 12.13 0.09
CA PRO C 103 10.75 12.61 1.45
C PRO C 103 10.88 14.12 1.59
N SER C 104 11.84 14.69 0.87
CA SER C 104 12.08 16.12 0.95
C SER C 104 10.93 16.91 0.34
N SER C 105 10.35 16.38 -0.73
CA SER C 105 9.20 17.00 -1.37
C SER C 105 8.06 17.11 -0.35
N MET C 106 7.94 16.07 0.49
CA MET C 106 6.94 16.01 1.55
C MET C 106 7.21 16.97 2.72
N ASP C 107 8.48 17.06 3.12
CA ASP C 107 8.88 18.08 4.10
C ASP C 107 8.53 19.50 3.64
N LEU C 108 8.86 19.82 2.40
CA LEU C 108 8.49 21.10 1.82
C LEU C 108 6.98 21.29 1.75
N LEU C 109 6.27 20.20 1.44
CA LEU C 109 4.80 20.24 1.49
C LEU C 109 4.33 20.76 2.84
N PHE C 110 4.90 20.18 3.90
CA PHE C 110 4.46 20.60 5.22
C PHE C 110 4.94 21.96 5.66
N GLU C 111 6.11 22.37 5.18
CA GLU C 111 6.58 23.71 5.49
C GLU C 111 5.71 24.75 4.80
N ARG C 112 5.30 24.47 3.56
CA ARG C 112 4.40 25.35 2.83
C ARG C 112 3.01 25.39 3.48
N ILE C 113 2.59 24.25 4.00
CA ILE C 113 1.37 24.21 4.79
C ILE C 113 1.53 25.05 6.04
N LYS C 114 2.62 24.80 6.77
CA LYS C 114 2.82 25.37 8.10
C LYS C 114 3.07 26.88 8.04
N GLU C 115 3.14 27.44 6.83
CA GLU C 115 3.33 28.88 6.67
C GLU C 115 2.00 29.61 6.38
N ARG C 116 0.91 28.88 6.51
CA ARG C 116 -0.41 29.48 6.35
C ARG C 116 -1.26 29.08 7.55
N TRP C 117 -1.35 27.78 7.77
CA TRP C 117 -1.98 27.20 8.97
C TRP C 117 -0.89 26.70 9.89
N GLU C 118 -1.04 26.95 11.18
CA GLU C 118 -0.13 26.42 12.18
C GLU C 118 -0.60 25.04 12.64
N THR C 119 -1.87 24.76 12.38
CA THR C 119 -2.51 23.54 12.85
C THR C 119 -3.32 22.82 11.78
N LEU C 120 -3.41 21.48 11.93
CA LEU C 120 -4.16 20.64 10.99
C LEU C 120 -5.28 19.81 11.64
N ASP C 121 -6.46 19.82 11.03
CA ASP C 121 -7.59 19.06 11.58
C ASP C 121 -7.71 17.64 11.01
N PHE C 122 -7.67 17.52 9.68
CA PHE C 122 -7.85 16.23 9.07
C PHE C 122 -6.92 16.00 7.87
N VAL C 123 -6.61 14.73 7.59
CA VAL C 123 -5.92 14.41 6.33
C VAL C 123 -6.58 13.30 5.47
N VAL C 124 -6.82 13.61 4.19
CA VAL C 124 -7.21 12.63 3.17
C VAL C 124 -6.03 12.17 2.30
N HIS C 125 -5.63 10.90 2.46
CA HIS C 125 -4.60 10.27 1.64
C HIS C 125 -5.20 9.36 0.57
N SER C 126 -5.20 9.88 -0.66
CA SER C 126 -5.81 9.18 -1.76
C SER C 126 -4.85 9.08 -2.93
N ILE C 127 -3.81 8.27 -2.75
CA ILE C 127 -2.71 8.21 -3.67
C ILE C 127 -2.39 6.78 -4.07
N ALA C 128 -2.51 6.50 -5.36
CA ALA C 128 -2.21 5.18 -5.92
C ALA C 128 -1.38 5.26 -7.18
N PHE C 129 -0.28 4.49 -7.21
CA PHE C 129 0.46 4.29 -8.45
C PHE C 129 0.97 2.85 -8.63
N SER C 130 0.82 2.37 -9.85
CA SER C 130 1.54 1.19 -10.30
C SER C 130 1.74 1.28 -11.81
N ASP C 131 2.84 0.73 -12.30
CA ASP C 131 3.09 0.60 -13.73
C ASP C 131 1.92 -0.07 -14.42
N LYS C 132 1.17 0.70 -15.21
CA LYS C 132 -0.03 0.20 -15.89
C LYS C 132 0.18 -1.11 -16.66
N ASN C 133 1.31 -1.21 -17.35
CA ASN C 133 1.56 -2.36 -18.22
C ASN C 133 1.68 -3.65 -17.42
N GLU C 134 1.98 -3.53 -16.13
CA GLU C 134 2.11 -4.69 -15.26
C GLU C 134 0.82 -5.05 -14.54
N LEU C 135 -0.22 -4.23 -14.75
CA LEU C 135 -1.52 -4.49 -14.16
C LEU C 135 -2.35 -5.30 -15.14
N ARG C 136 -1.72 -6.36 -15.65
CA ARG C 136 -2.39 -7.36 -16.48
C ARG C 136 -1.53 -8.61 -16.54
N GLY C 137 -2.18 -9.75 -16.77
CA GLY C 137 -1.50 -11.03 -16.77
C GLY C 137 -1.27 -11.57 -15.36
N PRO C 138 -0.44 -12.61 -15.26
CA PRO C 138 -0.26 -13.20 -13.94
C PRO C 138 0.43 -12.23 -12.99
N TYR C 139 0.07 -12.33 -11.71
CA TYR C 139 0.73 -11.51 -10.70
C TYR C 139 2.25 -11.76 -10.67
N TYR C 140 2.71 -12.96 -11.02
CA TYR C 140 4.13 -13.28 -10.86
C TYR C 140 5.07 -12.55 -11.83
N ASN C 141 4.52 -11.90 -12.84
CA ASN C 141 5.31 -11.06 -13.75
C ASN C 141 5.66 -9.69 -13.14
N THR C 142 5.23 -9.46 -11.90
CA THR C 142 5.45 -8.18 -11.27
C THR C 142 6.95 -7.99 -11.11
N SER C 143 7.44 -6.87 -11.62
CA SER C 143 8.87 -6.64 -11.59
C SER C 143 9.23 -6.13 -10.23
N ARG C 144 10.46 -6.42 -9.81
CA ARG C 144 10.97 -5.95 -8.52
C ARG C 144 10.91 -4.41 -8.40
N ASP C 145 11.33 -3.69 -9.44
CA ASP C 145 11.30 -2.23 -9.44
C ASP C 145 9.89 -1.69 -9.33
N ASN C 146 8.97 -2.20 -10.15
CA ASN C 146 7.56 -1.80 -10.05
C ASN C 146 7.01 -2.06 -8.65
N PHE C 147 7.36 -3.21 -8.08
CA PHE C 147 6.92 -3.57 -6.74
C PHE C 147 7.36 -2.56 -5.68
N ILE C 148 8.65 -2.20 -5.68
CA ILE C 148 9.14 -1.23 -4.70
C ILE C 148 8.53 0.18 -4.92
N GLN C 149 8.31 0.55 -6.17
CA GLN C 149 7.72 1.85 -6.43
C GLN C 149 6.27 1.88 -5.97
N THR C 150 5.56 0.78 -6.22
CA THR C 150 4.14 0.68 -5.86
C THR C 150 4.02 0.69 -4.35
N MET C 151 4.92 -0.01 -3.67
CA MET C 151 4.96 0.03 -2.22
C MET C 151 5.25 1.42 -1.69
N LEU C 152 6.22 2.10 -2.29
CA LEU C 152 6.66 3.40 -1.79
C LEU C 152 5.55 4.44 -1.91
N VAL C 153 4.93 4.47 -3.09
CA VAL C 153 3.91 5.45 -3.42
C VAL C 153 2.55 5.06 -2.84
N SER C 154 2.07 3.86 -3.16
CA SER C 154 0.76 3.38 -2.67
C SER C 154 0.70 3.04 -1.18
N CYS C 155 1.79 2.54 -0.59
CA CYS C 155 1.77 2.21 0.84
C CYS C 155 2.53 3.18 1.79
N PHE C 156 3.86 3.11 1.77
CA PHE C 156 4.67 3.86 2.74
C PHE C 156 4.43 5.40 2.78
N SER C 157 4.02 5.99 1.65
CA SER C 157 3.84 7.44 1.60
C SER C 157 2.75 7.89 2.57
N PHE C 158 1.82 6.99 2.88
CA PHE C 158 0.84 7.24 3.93
C PHE C 158 1.50 7.35 5.32
N THR C 159 2.47 6.49 5.61
CA THR C 159 3.23 6.59 6.85
C THR C 159 3.99 7.92 6.93
N GLU C 160 4.67 8.27 5.82
CA GLU C 160 5.32 9.58 5.70
C GLU C 160 4.37 10.75 6.03
N ILE C 161 3.28 10.81 5.27
CA ILE C 161 2.31 11.89 5.41
C ILE C 161 1.69 11.94 6.80
N VAL C 162 1.30 10.77 7.31
CA VAL C 162 0.74 10.67 8.65
C VAL C 162 1.70 11.25 9.68
N ARG C 163 2.93 10.72 9.74
CA ARG C 163 3.87 11.18 10.77
C ARG C 163 4.15 12.68 10.66
N ARG C 164 4.13 13.21 9.44
CA ARG C 164 4.25 14.66 9.28
C ARG C 164 3.05 15.43 9.82
N ALA C 165 1.85 15.07 9.38
CA ALA C 165 0.62 15.75 9.79
C ALA C 165 0.35 15.67 11.28
N ALA C 166 0.76 14.57 11.89
CA ALA C 166 0.52 14.35 13.31
C ALA C 166 0.96 15.56 14.15
N GLN C 167 2.08 16.14 13.75
CA GLN C 167 2.69 17.21 14.52
C GLN C 167 1.90 18.52 14.49
N LEU C 168 1.13 18.70 13.43
CA LEU C 168 0.21 19.84 13.32
C LEU C 168 -1.14 19.51 13.98
N MET C 169 -1.17 18.46 14.79
CA MET C 169 -2.36 18.09 15.54
C MET C 169 -2.07 17.94 17.03
N PRO C 170 -2.06 19.07 17.74
CA PRO C 170 -1.74 19.07 19.17
C PRO C 170 -2.98 18.71 19.99
N HIS C 171 -4.15 18.93 19.40
CA HIS C 171 -5.41 18.57 20.03
C HIS C 171 -6.09 17.45 19.27
N GLY C 172 -5.28 16.49 18.82
CA GLY C 172 -5.77 15.37 18.05
C GLY C 172 -6.36 15.72 16.70
N GLY C 173 -6.86 14.70 16.01
CA GLY C 173 -7.45 14.87 14.70
C GLY C 173 -7.72 13.52 14.08
N ALA C 174 -8.12 13.51 12.82
CA ALA C 174 -8.45 12.28 12.10
C ALA C 174 -7.84 12.25 10.70
N MET C 175 -7.46 11.05 10.26
CA MET C 175 -6.94 10.85 8.91
C MET C 175 -7.50 9.59 8.27
N ILE C 176 -7.69 9.63 6.96
CA ILE C 176 -8.11 8.45 6.22
C ILE C 176 -7.23 8.19 5.02
N THR C 177 -7.13 6.92 4.62
CA THR C 177 -6.52 6.55 3.37
C THR C 177 -7.48 5.73 2.55
N LEU C 178 -7.20 5.59 1.25
CA LEU C 178 -8.03 4.73 0.43
C LEU C 178 -7.49 3.34 0.05
N THR C 179 -8.31 2.31 0.29
CA THR C 179 -7.94 0.95 -0.10
C THR C 179 -9.02 0.29 -0.95
N TYR C 180 -8.79 -1.01 -1.23
CA TYR C 180 -9.69 -1.81 -2.07
C TYR C 180 -9.59 -3.28 -1.69
N GLY C 181 -10.74 -3.93 -1.54
CA GLY C 181 -10.82 -5.34 -1.16
C GLY C 181 -9.94 -6.31 -1.95
N GLY C 182 -9.37 -5.82 -3.06
CA GLY C 182 -8.43 -6.60 -3.85
C GLY C 182 -7.15 -6.91 -3.10
N SER C 183 -7.00 -6.34 -1.91
CA SER C 183 -5.87 -6.63 -1.05
C SER C 183 -5.98 -8.00 -0.40
N MET C 184 -7.23 -8.43 -0.15
CA MET C 184 -7.50 -9.61 0.68
C MET C 184 -8.05 -10.77 -0.13
N ARG C 185 -8.85 -10.45 -1.15
CA ARG C 185 -9.33 -11.43 -2.08
C ARG C 185 -8.84 -11.05 -3.47
N VAL C 186 -8.73 -12.05 -4.35
CA VAL C 186 -7.98 -11.88 -5.58
C VAL C 186 -8.80 -11.30 -6.73
N VAL C 187 -8.43 -10.08 -7.13
CA VAL C 187 -9.00 -9.41 -8.29
C VAL C 187 -7.97 -9.52 -9.40
N PRO C 188 -8.34 -10.15 -10.52
CA PRO C 188 -7.39 -10.39 -11.63
C PRO C 188 -6.84 -9.09 -12.24
N ASN C 189 -5.53 -9.09 -12.50
CA ASN C 189 -4.79 -7.92 -13.02
C ASN C 189 -4.41 -6.88 -11.97
N TYR C 190 -5.02 -6.96 -10.79
CA TYR C 190 -4.80 -5.96 -9.77
C TYR C 190 -3.36 -6.04 -9.25
N ASN C 191 -2.82 -7.25 -9.24
CA ASN C 191 -1.39 -7.52 -9.05
C ASN C 191 -0.64 -6.71 -7.98
N ALA C 192 0.34 -5.92 -8.38
CA ALA C 192 1.23 -5.25 -7.42
C ALA C 192 0.50 -4.32 -6.46
N MET C 193 -0.66 -3.85 -6.87
CA MET C 193 -1.49 -2.99 -6.03
C MET C 193 -1.98 -3.72 -4.80
N ALA C 194 -2.19 -5.03 -4.95
CA ALA C 194 -2.76 -5.84 -3.86
C ALA C 194 -1.84 -5.98 -2.64
N PRO C 195 -0.61 -6.47 -2.81
CA PRO C 195 0.22 -6.46 -1.58
C PRO C 195 0.50 -5.05 -1.09
N ALA C 196 0.47 -4.08 -2.00
CA ALA C 196 0.66 -2.68 -1.63
C ALA C 196 -0.50 -2.21 -0.72
N LYS C 197 -1.72 -2.42 -1.18
CA LYS C 197 -2.91 -2.11 -0.38
C LYS C 197 -2.96 -2.88 0.93
N SER C 198 -2.49 -4.13 0.91
CA SER C 198 -2.51 -4.95 2.10
C SER C 198 -1.65 -4.29 3.17
N ALA C 199 -0.43 -3.94 2.78
CA ALA C 199 0.53 -3.30 3.66
C ALA C 199 -0.03 -1.97 4.18
N LEU C 200 -0.70 -1.27 3.27
CA LEU C 200 -1.39 -0.06 3.63
C LEU C 200 -2.42 -0.37 4.72
N GLU C 201 -3.31 -1.33 4.50
CA GLU C 201 -4.29 -1.66 5.54
C GLU C 201 -3.61 -2.04 6.84
N SER C 202 -2.50 -2.74 6.75
CA SER C 202 -1.79 -3.16 7.93
C SER C 202 -1.28 -1.93 8.66
N SER C 203 -0.53 -1.11 7.94
CA SER C 203 0.08 0.08 8.53
C SER C 203 -0.95 1.07 9.10
N THR C 204 -2.15 1.08 8.52
CA THR C 204 -3.27 1.87 9.07
C THR C 204 -3.61 1.44 10.50
N LYS C 205 -3.61 0.14 10.75
CA LYS C 205 -3.83 -0.36 12.10
C LYS C 205 -2.69 0.00 13.03
N TYR C 206 -1.45 -0.22 12.61
CA TYR C 206 -0.32 0.14 13.48
C TYR C 206 -0.26 1.63 13.82
N LEU C 207 -0.49 2.46 12.80
CA LEU C 207 -0.58 3.91 12.95
C LEU C 207 -1.73 4.35 13.85
N ALA C 208 -2.82 3.59 13.82
CA ALA C 208 -3.96 3.87 14.69
C ALA C 208 -3.58 3.65 16.15
N CYS C 209 -2.70 2.68 16.39
CA CYS C 209 -2.21 2.44 17.73
C CYS C 209 -1.18 3.48 18.17
N ASP C 210 -0.28 3.86 17.25
CA ASP C 210 0.76 4.83 17.58
C ASP C 210 0.19 6.15 18.06
N TYR C 211 -0.83 6.63 17.36
CA TYR C 211 -1.34 7.99 17.53
C TYR C 211 -2.64 8.08 18.32
N GLY C 212 -3.16 6.92 18.71
CA GLY C 212 -4.43 6.88 19.41
C GLY C 212 -4.37 7.58 20.76
N GLY C 213 -3.19 7.52 21.40
CA GLY C 213 -2.99 8.15 22.68
C GLY C 213 -2.96 9.67 22.65
N MET C 214 -3.02 10.24 21.46
CA MET C 214 -3.03 11.70 21.29
C MET C 214 -4.32 12.14 20.62
N ASN C 215 -5.36 11.31 20.76
CA ASN C 215 -6.65 11.53 20.10
C ASN C 215 -6.50 11.76 18.60
N ILE C 216 -5.62 10.97 17.98
CA ILE C 216 -5.55 10.91 16.52
C ILE C 216 -6.14 9.60 16.00
N ARG C 217 -7.27 9.72 15.33
CA ARG C 217 -7.91 8.59 14.68
C ARG C 217 -7.35 8.36 13.27
N ILE C 218 -7.10 7.09 12.93
CA ILE C 218 -6.58 6.68 11.62
C ILE C 218 -7.41 5.50 11.07
N ASN C 219 -8.14 5.74 9.98
CA ASN C 219 -8.98 4.73 9.34
C ASN C 219 -8.74 4.61 7.83
N ALA C 220 -9.43 3.66 7.19
CA ALA C 220 -9.34 3.50 5.74
C ALA C 220 -10.71 3.25 5.11
N ILE C 221 -10.93 3.85 3.95
CA ILE C 221 -12.12 3.52 3.21
C ILE C 221 -11.79 2.49 2.14
N SER C 222 -12.41 1.32 2.23
CA SER C 222 -12.27 0.34 1.16
C SER C 222 -13.40 0.57 0.18
N ALA C 223 -13.08 1.13 -0.98
CA ALA C 223 -14.12 1.52 -1.92
C ALA C 223 -14.33 0.49 -3.01
N GLY C 224 -15.48 0.58 -3.66
CA GLY C 224 -15.73 -0.20 -4.85
C GLY C 224 -15.08 0.50 -6.03
N PRO C 225 -15.32 -0.02 -7.24
CA PRO C 225 -14.82 0.62 -8.45
C PRO C 225 -15.52 1.95 -8.75
N VAL C 226 -14.73 2.97 -9.04
CA VAL C 226 -15.25 4.21 -9.59
C VAL C 226 -14.50 4.55 -10.89
N ARG C 227 -15.23 5.08 -11.88
CA ARG C 227 -14.61 5.58 -13.11
C ARG C 227 -13.56 6.65 -12.79
N THR C 228 -12.29 6.29 -12.86
CA THR C 228 -11.22 7.22 -12.47
C THR C 228 -9.99 7.17 -13.39
N LEU C 229 -9.00 8.02 -13.10
CA LEU C 229 -7.74 8.02 -13.86
C LEU C 229 -6.91 6.77 -13.58
N ALA C 230 -6.67 6.50 -12.30
CA ALA C 230 -5.94 5.32 -11.88
C ALA C 230 -6.80 4.05 -11.99
N GLY C 231 -8.11 4.23 -12.07
CA GLY C 231 -9.04 3.10 -12.22
C GLY C 231 -9.08 2.60 -13.65
N ALA C 232 -9.29 3.52 -14.58
CA ALA C 232 -9.14 3.21 -16.00
C ALA C 232 -7.66 3.15 -16.34
N SER C 233 -6.90 2.50 -15.46
CA SER C 233 -5.48 2.23 -15.66
C SER C 233 -5.27 0.71 -15.66
N ILE C 234 -6.01 0.03 -14.80
CA ILE C 234 -6.02 -1.42 -14.77
C ILE C 234 -6.78 -1.88 -16.00
N SER C 235 -6.26 -2.87 -16.71
CA SER C 235 -6.97 -3.43 -17.84
C SER C 235 -8.18 -4.19 -17.32
N ASN C 236 -9.24 -4.21 -18.13
CA ASN C 236 -10.51 -4.84 -17.72
C ASN C 236 -11.17 -4.19 -16.50
N GLY C 237 -10.87 -2.91 -16.29
CA GLY C 237 -11.52 -2.15 -15.24
C GLY C 237 -13.02 -2.02 -15.49
N ARG C 238 -13.40 -1.81 -16.76
CA ARG C 238 -14.81 -1.71 -17.12
C ARG C 238 -15.52 -3.00 -16.72
N ASP C 239 -14.83 -4.11 -16.91
CA ASP C 239 -15.38 -5.42 -16.58
C ASP C 239 -15.48 -5.63 -15.08
N ILE C 240 -14.51 -5.11 -14.33
CA ILE C 240 -14.54 -5.17 -12.86
C ILE C 240 -15.70 -4.35 -12.29
N ALA C 241 -15.89 -3.15 -12.83
CA ALA C 241 -16.97 -2.28 -12.38
C ALA C 241 -18.33 -2.84 -12.75
N ALA C 242 -18.41 -3.44 -13.93
CA ALA C 242 -19.68 -4.02 -14.39
C ALA C 242 -20.06 -5.26 -13.58
N TRP C 243 -19.06 -6.10 -13.27
CA TRP C 243 -19.28 -7.28 -12.45
C TRP C 243 -19.70 -6.88 -11.05
N SER C 244 -19.05 -5.84 -10.51
CA SER C 244 -19.40 -5.35 -9.17
C SER C 244 -20.78 -4.71 -9.12
N LYS C 245 -21.12 -3.93 -10.14
CA LYS C 245 -22.44 -3.30 -10.22
C LYS C 245 -23.56 -4.35 -10.23
N GLU C 246 -23.46 -5.33 -11.11
CA GLU C 246 -24.52 -6.34 -11.27
C GLU C 246 -24.65 -7.22 -10.03
N ASN C 247 -23.51 -7.54 -9.41
CA ASN C 247 -23.50 -8.50 -8.32
C ASN C 247 -23.63 -7.93 -6.91
N SER C 248 -23.41 -6.63 -6.75
CA SER C 248 -23.57 -6.03 -5.43
C SER C 248 -25.03 -6.11 -4.99
N PRO C 249 -25.27 -6.17 -3.67
CA PRO C 249 -26.61 -6.13 -3.06
C PRO C 249 -27.46 -4.96 -3.55
N LEU C 250 -26.88 -3.76 -3.55
CA LEU C 250 -27.61 -2.56 -3.93
C LEU C 250 -27.76 -2.39 -5.45
N LYS C 251 -27.03 -3.22 -6.20
CA LYS C 251 -27.12 -3.24 -7.67
C LYS C 251 -26.69 -1.91 -8.32
N ARG C 252 -25.73 -1.24 -7.70
CA ARG C 252 -25.20 0.01 -8.24
C ARG C 252 -23.72 0.13 -7.91
N THR C 253 -23.07 1.17 -8.43
CA THR C 253 -21.68 1.43 -8.09
C THR C 253 -21.59 2.56 -7.08
N VAL C 254 -20.55 2.54 -6.26
CA VAL C 254 -20.21 3.63 -5.36
C VAL C 254 -20.16 4.91 -6.19
N SER C 255 -20.65 6.01 -5.63
CA SER C 255 -20.49 7.32 -6.26
C SER C 255 -19.41 8.09 -5.51
N LEU C 256 -18.81 9.08 -6.17
CA LEU C 256 -17.86 9.97 -5.51
C LEU C 256 -18.53 10.68 -4.33
N GLU C 257 -19.82 10.94 -4.45
CA GLU C 257 -20.51 11.55 -3.34
C GLU C 257 -20.61 10.55 -2.19
N ASP C 258 -20.92 9.28 -2.49
CA ASP C 258 -20.97 8.23 -1.47
C ASP C 258 -19.67 8.19 -0.64
N ILE C 259 -18.54 8.14 -1.35
CA ILE C 259 -17.23 8.09 -0.70
C ILE C 259 -16.97 9.37 0.08
N GLY C 260 -17.28 10.52 -0.50
CA GLY C 260 -17.16 11.79 0.19
C GLY C 260 -17.96 11.85 1.49
N ASN C 261 -19.17 11.29 1.46
CA ASN C 261 -20.00 11.20 2.66
C ASN C 261 -19.40 10.26 3.72
N SER C 262 -18.91 9.10 3.31
CA SER C 262 -18.31 8.17 4.28
C SER C 262 -17.06 8.80 4.89
N ALA C 263 -16.39 9.60 4.07
CA ALA C 263 -15.17 10.25 4.51
C ALA C 263 -15.50 11.36 5.49
N LEU C 264 -16.58 12.09 5.20
CA LEU C 264 -17.07 13.11 6.14
C LEU C 264 -17.35 12.42 7.48
N TYR C 265 -17.99 11.25 7.43
CA TYR C 265 -18.25 10.47 8.64
C TYR C 265 -16.96 10.17 9.40
N LEU C 266 -15.94 9.74 8.66
CA LEU C 266 -14.68 9.30 9.25
C LEU C 266 -13.71 10.42 9.70
N LEU C 267 -13.95 11.66 9.28
CA LEU C 267 -13.04 12.73 9.66
C LEU C 267 -13.65 13.70 10.68
N SER C 268 -14.92 13.47 11.00
CA SER C 268 -15.63 14.30 11.98
C SER C 268 -15.95 13.56 13.28
N TYR C 269 -16.58 14.24 14.23
CA TYR C 269 -16.87 13.67 15.56
C TYR C 269 -17.81 12.45 15.54
N LEU C 270 -18.58 12.30 14.45
CA LEU C 270 -19.46 11.15 14.28
C LEU C 270 -18.74 9.83 14.49
N SER C 271 -17.51 9.74 13.99
CA SER C 271 -16.73 8.50 14.04
C SER C 271 -15.77 8.47 15.23
N ASN C 272 -16.19 9.10 16.32
CA ASN C 272 -15.38 9.22 17.52
C ASN C 272 -15.06 7.90 18.23
N GLY C 273 -15.92 6.90 18.04
CA GLY C 273 -15.68 5.58 18.62
C GLY C 273 -14.96 4.64 17.67
N VAL C 274 -14.55 5.18 16.53
CA VAL C 274 -14.02 4.39 15.43
C VAL C 274 -12.56 4.69 15.06
N THR C 275 -11.65 3.74 15.28
CA THR C 275 -10.27 3.88 14.77
C THR C 275 -9.67 2.53 14.31
N GLY C 276 -8.79 2.54 13.32
CA GLY C 276 -8.14 1.32 12.82
C GLY C 276 -9.03 0.41 11.97
N GLU C 277 -10.07 1.02 11.43
CA GLU C 277 -11.12 0.30 10.75
C GLU C 277 -10.95 0.38 9.23
N ILE C 278 -11.02 -0.78 8.57
CA ILE C 278 -11.09 -0.84 7.12
C ILE C 278 -12.58 -0.80 6.78
N HIS C 279 -13.05 0.34 6.26
CA HIS C 279 -14.48 0.54 6.10
C HIS C 279 -14.91 0.30 4.65
N TYR C 280 -15.74 -0.73 4.45
CA TYR C 280 -16.21 -1.06 3.12
C TYR C 280 -17.33 -0.16 2.64
N VAL C 281 -17.05 0.58 1.56
CA VAL C 281 -18.04 1.40 0.89
C VAL C 281 -18.07 0.97 -0.58
N ASP C 282 -18.55 -0.25 -0.78
CA ASP C 282 -18.56 -0.90 -2.07
C ASP C 282 -19.97 -1.37 -2.40
N CYS C 283 -20.95 -0.75 -1.75
CA CYS C 283 -22.35 -1.10 -1.92
C CYS C 283 -22.55 -2.56 -1.61
N GLY C 284 -21.76 -3.04 -0.66
CA GLY C 284 -21.91 -4.39 -0.14
C GLY C 284 -21.46 -5.50 -1.06
N TYR C 285 -20.67 -5.18 -2.08
CA TYR C 285 -20.18 -6.22 -2.98
C TYR C 285 -19.42 -7.33 -2.26
N ASN C 286 -18.63 -6.96 -1.24
CA ASN C 286 -17.70 -7.88 -0.60
C ASN C 286 -18.39 -9.05 0.08
N ILE C 287 -19.66 -8.84 0.41
CA ILE C 287 -20.36 -9.81 1.24
C ILE C 287 -20.99 -10.95 0.44
N VAL C 288 -20.95 -10.87 -0.89
CA VAL C 288 -21.57 -11.91 -1.68
C VAL C 288 -20.57 -12.94 -2.20
N ALA C 289 -20.90 -14.21 -1.97
CA ALA C 289 -19.99 -15.30 -2.21
C ALA C 289 -19.97 -15.72 -3.66
N MET C 290 -21.05 -15.39 -4.38
CA MET C 290 -21.23 -15.80 -5.77
C MET C 290 -22.57 -15.20 -6.26
N PRO C 291 -22.79 -15.12 -7.58
CA PRO C 291 -24.01 -14.52 -8.12
C PRO C 291 -25.25 -15.38 -7.95
N SER C 292 -26.44 -14.84 -8.24
CA SER C 292 -27.67 -15.63 -8.28
C SER C 292 -28.07 -16.04 -9.70
N MET D 35 6.39 -45.17 10.23
CA MET D 35 5.43 -44.21 10.80
C MET D 35 4.96 -43.19 9.76
N ILE D 36 5.88 -42.33 9.32
CA ILE D 36 5.60 -41.29 8.32
C ILE D 36 6.51 -41.37 7.10
N ASN D 37 5.92 -41.68 5.94
CA ASN D 37 6.60 -41.47 4.66
C ASN D 37 5.65 -41.37 3.49
N ILE D 38 5.19 -40.17 3.21
CA ILE D 38 4.44 -39.92 2.00
C ILE D 38 5.22 -38.90 1.15
N LEU D 39 6.36 -38.48 1.70
CA LEU D 39 7.35 -37.72 0.95
C LEU D 39 8.43 -38.65 0.40
N LYS D 40 8.10 -39.94 0.29
CA LYS D 40 8.99 -40.90 -0.32
C LYS D 40 9.20 -40.52 -1.78
N GLY D 41 10.46 -40.27 -2.14
CA GLY D 41 10.82 -39.94 -3.51
C GLY D 41 10.40 -38.53 -3.93
N LYS D 42 10.41 -37.63 -2.96
CA LYS D 42 10.10 -36.23 -3.19
C LYS D 42 11.35 -35.43 -2.85
N ARG D 43 11.48 -34.28 -3.51
CA ARG D 43 12.63 -33.40 -3.32
C ARG D 43 12.18 -31.93 -3.29
N GLY D 44 12.92 -31.11 -2.56
CA GLY D 44 12.53 -29.73 -2.43
C GLY D 44 13.45 -28.84 -1.63
N LEU D 45 13.13 -27.55 -1.62
CA LEU D 45 14.10 -26.55 -1.20
C LEU D 45 13.77 -25.98 0.18
N ILE D 46 14.78 -25.90 1.03
CA ILE D 46 14.63 -25.40 2.39
C ILE D 46 15.41 -24.10 2.61
N MET D 47 14.73 -22.97 2.40
CA MET D 47 15.37 -21.67 2.57
C MET D 47 15.08 -21.10 3.96
N GLY D 48 16.13 -20.77 4.70
CA GLY D 48 15.95 -20.10 5.97
C GLY D 48 16.74 -20.58 7.16
N VAL D 49 17.55 -21.63 7.01
CA VAL D 49 18.29 -22.16 8.15
C VAL D 49 19.50 -21.32 8.57
N ALA D 50 19.42 -20.70 9.75
CA ALA D 50 20.56 -20.01 10.35
C ALA D 50 21.30 -20.90 11.34
N ASN D 51 20.55 -21.77 12.02
CA ASN D 51 21.12 -22.74 12.97
C ASN D 51 20.14 -23.86 13.32
N ASP D 52 20.31 -24.45 14.50
CA ASP D 52 19.49 -25.58 14.95
C ASP D 52 18.23 -25.12 15.69
N HIS D 53 18.10 -23.81 15.88
CA HIS D 53 16.91 -23.26 16.51
C HIS D 53 15.89 -22.72 15.50
N SER D 54 16.16 -22.95 14.21
CA SER D 54 15.38 -22.35 13.13
C SER D 54 14.14 -23.14 12.70
N ILE D 55 13.09 -22.41 12.32
CA ILE D 55 11.83 -22.99 11.88
C ILE D 55 12.04 -23.76 10.60
N ALA D 56 12.93 -23.23 9.78
CA ALA D 56 13.36 -23.91 8.55
C ALA D 56 13.99 -25.24 8.93
N TRP D 57 14.71 -25.27 10.05
CA TRP D 57 15.36 -26.50 10.47
C TRP D 57 14.36 -27.55 10.97
N GLY D 58 13.41 -27.14 11.81
CA GLY D 58 12.39 -28.06 12.32
C GLY D 58 11.59 -28.64 11.17
N ILE D 59 11.21 -27.74 10.26
CA ILE D 59 10.48 -28.18 9.07
C ILE D 59 11.33 -29.19 8.31
N ALA D 60 12.63 -28.90 8.20
CA ALA D 60 13.55 -29.79 7.51
C ALA D 60 13.53 -31.20 8.10
N LYS D 61 13.98 -31.32 9.36
CA LYS D 61 13.94 -32.57 10.13
C LYS D 61 12.65 -33.35 9.89
N VAL D 62 11.51 -32.69 10.11
CA VAL D 62 10.24 -33.37 9.86
C VAL D 62 10.04 -33.85 8.40
N LEU D 63 10.40 -33.03 7.43
CA LEU D 63 10.20 -33.37 6.02
C LEU D 63 11.07 -34.55 5.59
N HIS D 64 12.29 -34.60 6.12
CA HIS D 64 13.22 -35.70 5.84
C HIS D 64 12.70 -36.97 6.46
N SER D 65 12.28 -36.89 7.74
CA SER D 65 11.75 -38.09 8.40
C SER D 65 10.53 -38.68 7.69
N ALA D 66 9.96 -37.93 6.76
CA ALA D 66 8.87 -38.41 5.91
C ALA D 66 9.34 -38.91 4.56
N GLY D 67 10.67 -39.03 4.40
CA GLY D 67 11.25 -39.69 3.24
C GLY D 67 11.70 -38.84 2.07
N ALA D 68 11.96 -37.56 2.31
CA ALA D 68 12.32 -36.66 1.23
C ALA D 68 13.75 -36.16 1.38
N GLN D 69 14.42 -35.94 0.25
CA GLN D 69 15.77 -35.37 0.25
C GLN D 69 15.63 -33.87 0.01
N LEU D 70 16.22 -33.08 0.90
CA LEU D 70 15.95 -31.65 0.86
C LEU D 70 17.18 -30.76 0.71
N ALA D 71 17.22 -30.05 -0.43
CA ALA D 71 18.27 -29.09 -0.76
C ALA D 71 18.18 -27.84 0.12
N PHE D 72 19.32 -27.26 0.47
CA PHE D 72 19.32 -26.08 1.32
C PHE D 72 19.66 -24.77 0.62
N SER D 73 19.84 -23.72 1.41
CA SER D 73 20.11 -22.39 0.93
C SER D 73 20.53 -21.57 2.14
N TYR D 74 21.64 -20.85 2.02
CA TYR D 74 22.11 -20.09 3.15
C TYR D 74 22.61 -18.73 2.75
N GLN D 75 22.75 -17.87 3.75
CA GLN D 75 23.23 -16.53 3.55
C GLN D 75 24.71 -16.48 3.96
N GLY D 76 24.94 -16.52 5.27
CA GLY D 76 26.27 -16.31 5.82
C GLY D 76 27.28 -17.42 5.57
N GLU D 77 28.55 -17.07 5.78
CA GLU D 77 29.63 -18.05 5.75
C GLU D 77 29.63 -18.76 7.09
N SER D 78 29.35 -18.01 8.15
CA SER D 78 29.22 -18.54 9.51
C SER D 78 28.06 -19.52 9.58
N ILE D 79 26.95 -19.14 8.97
CA ILE D 79 25.81 -20.02 8.82
C ILE D 79 26.22 -21.28 8.05
N GLY D 80 27.02 -21.14 6.99
CA GLY D 80 27.52 -22.32 6.27
C GLY D 80 28.29 -23.25 7.18
N LYS D 81 29.12 -22.63 8.04
CA LYS D 81 29.94 -23.32 9.06
C LYS D 81 29.12 -23.82 10.27
N ARG D 82 27.82 -23.53 10.27
CA ARG D 82 26.92 -24.08 11.28
CA ARG D 82 26.89 -24.05 11.27
C ARG D 82 25.97 -25.12 10.66
N LEU D 83 25.86 -25.08 9.33
CA LEU D 83 24.86 -25.83 8.57
C LEU D 83 25.42 -27.07 7.93
N LYS D 84 26.73 -27.05 7.65
CA LYS D 84 27.39 -28.29 7.19
C LYS D 84 27.03 -29.53 8.06
N PRO D 85 27.16 -29.42 9.41
CA PRO D 85 26.79 -30.56 10.28
C PRO D 85 25.31 -30.94 10.17
N LEU D 86 24.44 -29.98 10.43
CA LEU D 86 23.00 -30.20 10.37
C LEU D 86 22.57 -30.84 9.04
N ALA D 87 23.12 -30.35 7.92
CA ALA D 87 22.79 -30.89 6.60
C ALA D 87 23.11 -32.37 6.51
N LEU D 88 24.19 -32.77 7.19
CA LEU D 88 24.61 -34.16 7.23
C LEU D 88 23.57 -35.03 7.93
N THR D 89 23.15 -34.60 9.12
CA THR D 89 22.22 -35.35 9.95
C THR D 89 21.00 -35.82 9.16
N VAL D 90 20.56 -34.97 8.22
CA VAL D 90 19.42 -35.28 7.36
C VAL D 90 19.87 -35.85 6.02
N ASP D 91 21.15 -36.20 5.92
CA ASP D 91 21.71 -36.81 4.72
C ASP D 91 21.62 -35.93 3.47
N SER D 92 22.22 -34.75 3.55
CA SER D 92 22.27 -33.85 2.42
C SER D 92 23.62 -33.14 2.34
N ASP D 93 24.27 -33.24 1.19
CA ASP D 93 25.48 -32.50 0.90
C ASP D 93 25.16 -31.48 -0.19
N PHE D 94 24.18 -30.62 0.09
CA PHE D 94 23.59 -29.77 -0.92
C PHE D 94 23.33 -28.40 -0.31
N MET D 95 24.36 -27.57 -0.27
CA MET D 95 24.28 -26.27 0.39
C MET D 95 24.65 -25.08 -0.54
N ILE D 96 23.66 -24.54 -1.26
CA ILE D 96 23.88 -23.46 -2.22
C ILE D 96 23.66 -22.09 -1.61
N PRO D 97 24.69 -21.25 -1.62
CA PRO D 97 24.54 -19.93 -1.00
C PRO D 97 23.59 -19.08 -1.81
N CYS D 98 22.79 -18.27 -1.11
CA CYS D 98 21.82 -17.43 -1.79
C CYS D 98 21.50 -16.14 -1.04
N ASN D 99 21.44 -15.07 -1.79
CA ASN D 99 20.96 -13.80 -1.27
C ASN D 99 19.69 -13.48 -2.02
N VAL D 100 18.57 -13.54 -1.31
CA VAL D 100 17.26 -13.31 -1.94
C VAL D 100 17.07 -11.83 -2.28
N GLU D 101 17.89 -10.98 -1.68
CA GLU D 101 17.94 -9.56 -2.02
C GLU D 101 18.62 -9.29 -3.38
N ASP D 102 19.11 -10.36 -4.00
CA ASP D 102 19.97 -10.28 -5.18
C ASP D 102 19.52 -11.25 -6.27
N PRO D 103 18.78 -10.76 -7.29
CA PRO D 103 18.25 -11.63 -8.35
C PRO D 103 19.28 -12.47 -9.08
N SER D 104 20.51 -11.96 -9.18
CA SER D 104 21.61 -12.75 -9.71
C SER D 104 21.73 -14.04 -8.90
N SER D 105 22.06 -13.87 -7.62
CA SER D 105 22.21 -14.98 -6.68
C SER D 105 21.08 -16.00 -6.66
N MET D 106 19.85 -15.57 -6.94
CA MET D 106 18.71 -16.48 -6.95
C MET D 106 18.69 -17.24 -8.26
N ASP D 107 18.98 -16.53 -9.35
CA ASP D 107 19.16 -17.20 -10.64
C ASP D 107 20.19 -18.33 -10.50
N LEU D 108 21.33 -17.98 -9.89
CA LEU D 108 22.42 -18.91 -9.65
C LEU D 108 21.95 -20.08 -8.81
N LEU D 109 21.31 -19.76 -7.68
CA LEU D 109 20.73 -20.75 -6.78
C LEU D 109 19.85 -21.76 -7.52
N PHE D 110 19.13 -21.32 -8.54
CA PHE D 110 18.30 -22.28 -9.29
C PHE D 110 19.01 -22.99 -10.44
N GLU D 111 20.08 -22.38 -10.92
CA GLU D 111 20.94 -23.05 -11.88
C GLU D 111 21.59 -24.27 -11.22
N ARG D 112 22.23 -24.03 -10.07
CA ARG D 112 22.93 -25.07 -9.34
C ARG D 112 22.00 -26.24 -8.97
N ILE D 113 20.77 -25.93 -8.64
CA ILE D 113 19.75 -26.95 -8.42
C ILE D 113 19.43 -27.70 -9.70
N LYS D 114 19.25 -26.97 -10.81
CA LYS D 114 18.95 -27.65 -12.08
C LYS D 114 20.08 -28.59 -12.53
N GLU D 115 21.31 -28.31 -12.08
CA GLU D 115 22.46 -29.11 -12.50
C GLU D 115 22.58 -30.44 -11.74
N ARG D 116 21.84 -30.56 -10.64
CA ARG D 116 21.89 -31.76 -9.81
C ARG D 116 20.52 -32.45 -9.76
N TRP D 117 19.46 -31.64 -9.77
CA TRP D 117 18.09 -32.14 -9.80
C TRP D 117 17.39 -31.72 -11.09
N GLU D 118 16.70 -32.67 -11.73
CA GLU D 118 15.94 -32.38 -12.93
C GLU D 118 14.72 -31.55 -12.58
N THR D 119 14.02 -32.01 -11.54
CA THR D 119 12.76 -31.37 -11.14
C THR D 119 12.68 -31.17 -9.62
N LEU D 120 11.53 -30.69 -9.17
CA LEU D 120 11.36 -30.25 -7.79
C LEU D 120 9.94 -30.56 -7.36
N ASP D 121 9.75 -30.82 -6.08
CA ASP D 121 8.40 -31.17 -5.62
C ASP D 121 7.80 -30.12 -4.71
N PHE D 122 8.64 -29.51 -3.88
CA PHE D 122 8.15 -28.56 -2.87
C PHE D 122 9.15 -27.46 -2.51
N VAL D 123 8.62 -26.31 -2.07
CA VAL D 123 9.49 -25.24 -1.56
C VAL D 123 9.02 -24.70 -0.20
N VAL D 124 9.99 -24.40 0.67
CA VAL D 124 9.73 -23.81 1.98
C VAL D 124 10.41 -22.44 2.14
N HIS D 125 9.62 -21.39 2.11
CA HIS D 125 10.10 -20.02 2.31
C HIS D 125 10.06 -19.65 3.80
N SER D 126 11.20 -19.80 4.45
CA SER D 126 11.33 -19.48 5.87
C SER D 126 12.37 -18.38 6.02
N ILE D 127 12.17 -17.30 5.28
CA ILE D 127 13.09 -16.17 5.25
C ILE D 127 12.38 -14.92 5.74
N ALA D 128 13.07 -14.16 6.61
CA ALA D 128 12.58 -12.84 7.00
C ALA D 128 13.73 -12.00 7.55
N PHE D 129 13.65 -10.69 7.35
CA PHE D 129 14.62 -9.80 7.96
C PHE D 129 14.06 -8.41 8.22
N SER D 130 14.53 -7.78 9.30
CA SER D 130 14.34 -6.34 9.50
C SER D 130 15.38 -5.78 10.48
N ASP D 131 15.55 -4.47 10.45
CA ASP D 131 16.48 -3.78 11.34
C ASP D 131 16.05 -3.89 12.82
N LYS D 132 16.90 -4.53 13.63
CA LYS D 132 16.73 -4.59 15.08
C LYS D 132 16.34 -3.27 15.69
N ASN D 133 17.12 -2.24 15.41
CA ASN D 133 16.93 -0.94 16.04
C ASN D 133 15.57 -0.32 15.72
N GLU D 134 14.88 -0.87 14.72
CA GLU D 134 13.58 -0.37 14.30
C GLU D 134 12.43 -1.26 14.72
N LEU D 135 12.78 -2.42 15.29
CA LEU D 135 11.79 -3.29 15.91
C LEU D 135 11.61 -2.91 17.38
N ARG D 136 11.62 -1.60 17.63
CA ARG D 136 11.37 -1.01 18.94
C ARG D 136 10.75 0.35 18.68
N GLY D 137 10.15 0.94 19.71
CA GLY D 137 9.45 2.20 19.55
C GLY D 137 8.23 2.08 18.65
N PRO D 138 7.59 3.22 18.34
CA PRO D 138 6.36 3.20 17.53
C PRO D 138 6.63 2.87 16.06
N TYR D 139 5.63 2.34 15.37
CA TYR D 139 5.75 2.02 13.95
C TYR D 139 6.09 3.26 13.10
N TYR D 140 5.65 4.45 13.51
CA TYR D 140 5.86 5.61 12.66
C TYR D 140 7.35 5.96 12.47
N ASN D 141 8.20 5.51 13.40
CA ASN D 141 9.62 5.75 13.30
C ASN D 141 10.36 4.82 12.33
N THR D 142 9.62 3.92 11.69
CA THR D 142 10.18 3.09 10.63
C THR D 142 10.83 3.96 9.55
N SER D 143 12.05 3.59 9.14
CA SER D 143 12.75 4.35 8.11
C SER D 143 12.39 3.79 6.74
N ARG D 144 12.46 4.66 5.73
CA ARG D 144 12.16 4.27 4.37
C ARG D 144 13.03 3.09 3.90
N ASP D 145 14.33 3.16 4.19
CA ASP D 145 15.23 2.08 3.79
C ASP D 145 14.81 0.75 4.41
N ASN D 146 14.68 0.74 5.74
CA ASN D 146 14.35 -0.48 6.45
C ASN D 146 13.02 -1.07 5.98
N PHE D 147 12.05 -0.22 5.68
CA PHE D 147 10.82 -0.62 5.03
C PHE D 147 11.09 -1.33 3.70
N ILE D 148 11.90 -0.71 2.83
CA ILE D 148 12.18 -1.28 1.51
C ILE D 148 12.87 -2.64 1.61
N GLN D 149 13.84 -2.74 2.51
CA GLN D 149 14.61 -3.96 2.66
C GLN D 149 13.79 -5.05 3.33
N THR D 150 13.00 -4.68 4.34
CA THR D 150 12.13 -5.61 5.03
C THR D 150 11.13 -6.16 4.04
N MET D 151 10.68 -5.31 3.12
CA MET D 151 9.69 -5.69 2.11
C MET D 151 10.30 -6.59 1.06
N LEU D 152 11.53 -6.29 0.69
CA LEU D 152 12.22 -7.07 -0.33
C LEU D 152 12.59 -8.47 0.17
N VAL D 153 13.12 -8.53 1.38
CA VAL D 153 13.54 -9.79 2.00
C VAL D 153 12.35 -10.65 2.44
N SER D 154 11.47 -10.06 3.25
CA SER D 154 10.44 -10.83 3.95
C SER D 154 9.19 -11.06 3.12
N CYS D 155 9.08 -10.36 2.00
CA CYS D 155 7.89 -10.48 1.15
C CYS D 155 8.21 -10.88 -0.27
N PHE D 156 8.81 -9.96 -1.03
CA PHE D 156 8.97 -10.17 -2.47
C PHE D 156 9.82 -11.40 -2.83
N SER D 157 10.82 -11.69 -2.01
CA SER D 157 11.69 -12.85 -2.21
C SER D 157 10.91 -14.13 -2.44
N PHE D 158 9.73 -14.19 -1.83
CA PHE D 158 8.84 -15.33 -2.00
C PHE D 158 8.23 -15.35 -3.40
N THR D 159 8.03 -14.18 -3.99
CA THR D 159 7.51 -14.11 -5.37
C THR D 159 8.62 -14.50 -6.35
N GLU D 160 9.83 -14.02 -6.07
CA GLU D 160 11.03 -14.44 -6.78
C GLU D 160 11.17 -15.98 -6.81
N ILE D 161 11.38 -16.54 -5.62
CA ILE D 161 11.57 -17.97 -5.46
C ILE D 161 10.40 -18.75 -6.05
N VAL D 162 9.16 -18.31 -5.80
CA VAL D 162 8.01 -19.04 -6.37
C VAL D 162 8.06 -19.10 -7.89
N ARG D 163 8.20 -17.95 -8.56
CA ARG D 163 8.14 -17.94 -10.02
C ARG D 163 9.34 -18.69 -10.62
N ARG D 164 10.45 -18.70 -9.90
CA ARG D 164 11.59 -19.53 -10.29
C ARG D 164 11.26 -21.01 -10.20
N ALA D 165 11.09 -21.50 -8.97
CA ALA D 165 10.77 -22.89 -8.67
C ALA D 165 9.64 -23.48 -9.51
N ALA D 166 8.66 -22.65 -9.84
CA ALA D 166 7.49 -23.08 -10.60
C ALA D 166 7.84 -23.77 -11.93
N GLN D 167 8.91 -23.31 -12.57
CA GLN D 167 9.35 -23.87 -13.85
C GLN D 167 9.91 -25.29 -13.69
N LEU D 168 10.23 -25.64 -12.45
CA LEU D 168 10.83 -26.95 -12.11
C LEU D 168 9.77 -27.95 -11.63
N MET D 169 8.50 -27.59 -11.79
CA MET D 169 7.37 -28.43 -11.39
C MET D 169 6.44 -28.65 -12.56
N PRO D 170 6.90 -29.38 -13.58
CA PRO D 170 6.12 -29.56 -14.82
C PRO D 170 4.83 -30.36 -14.57
N HIS D 171 4.76 -31.03 -13.41
CA HIS D 171 3.61 -31.84 -13.08
C HIS D 171 2.85 -31.36 -11.85
N GLY D 172 3.45 -30.43 -11.13
CA GLY D 172 2.80 -29.84 -9.97
C GLY D 172 3.67 -29.89 -8.73
N GLY D 173 3.19 -29.24 -7.67
CA GLY D 173 3.92 -29.21 -6.42
C GLY D 173 3.23 -28.33 -5.40
N ALA D 174 3.99 -27.96 -4.36
CA ALA D 174 3.46 -27.16 -3.28
C ALA D 174 4.56 -26.34 -2.64
N MET D 175 4.23 -25.11 -2.26
CA MET D 175 5.19 -24.28 -1.55
C MET D 175 4.49 -23.56 -0.43
N ILE D 176 5.27 -23.18 0.57
CA ILE D 176 4.71 -22.50 1.70
C ILE D 176 5.63 -21.37 2.09
N THR D 177 5.08 -20.33 2.69
CA THR D 177 5.96 -19.33 3.28
C THR D 177 5.63 -19.26 4.76
N LEU D 178 6.38 -18.49 5.52
CA LEU D 178 6.00 -18.29 6.91
C LEU D 178 5.51 -16.89 7.22
N THR D 179 4.49 -16.81 8.06
CA THR D 179 3.96 -15.54 8.48
C THR D 179 3.55 -15.52 9.96
N TYR D 180 3.06 -14.37 10.39
CA TYR D 180 2.72 -14.14 11.78
C TYR D 180 1.39 -13.38 11.78
N GLY D 181 0.65 -13.45 12.87
CA GLY D 181 -0.63 -12.79 13.00
C GLY D 181 -0.48 -11.31 13.26
N GLY D 182 0.77 -10.87 13.46
CA GLY D 182 1.06 -9.46 13.70
C GLY D 182 0.84 -8.60 12.46
N SER D 183 0.46 -9.27 11.37
CA SER D 183 0.27 -8.69 10.06
C SER D 183 -1.13 -8.11 9.92
N MET D 184 -2.02 -8.63 10.74
CA MET D 184 -3.42 -8.37 10.59
C MET D 184 -3.92 -7.70 11.88
N ARG D 185 -3.23 -8.01 12.98
CA ARG D 185 -3.51 -7.36 14.26
C ARG D 185 -2.21 -6.79 14.84
N VAL D 186 -2.35 -5.71 15.60
CA VAL D 186 -1.20 -4.91 16.02
C VAL D 186 -0.44 -5.50 17.19
N VAL D 187 0.79 -5.95 16.92
CA VAL D 187 1.70 -6.37 17.99
C VAL D 187 2.76 -5.28 18.21
N PRO D 188 3.05 -4.94 19.48
CA PRO D 188 4.05 -3.89 19.78
C PRO D 188 5.44 -4.25 19.27
N ASN D 189 6.15 -3.27 18.73
CA ASN D 189 7.51 -3.44 18.22
C ASN D 189 7.69 -4.32 16.97
N TYR D 190 6.61 -4.93 16.47
CA TYR D 190 6.70 -5.78 15.28
C TYR D 190 6.83 -4.93 14.02
N ASN D 191 6.46 -3.65 14.15
CA ASN D 191 6.68 -2.59 13.18
C ASN D 191 6.77 -2.93 11.69
N ALA D 192 7.92 -2.67 11.07
CA ALA D 192 8.05 -2.81 9.61
C ALA D 192 7.69 -4.21 9.10
N MET D 193 7.92 -5.22 9.94
CA MET D 193 7.59 -6.60 9.60
C MET D 193 6.11 -6.81 9.30
N ALA D 194 5.25 -6.05 9.99
CA ALA D 194 3.80 -6.21 9.85
C ALA D 194 3.26 -5.94 8.43
N PRO D 195 3.55 -4.74 7.86
CA PRO D 195 3.12 -4.61 6.47
C PRO D 195 3.82 -5.60 5.53
N ALA D 196 5.08 -5.90 5.79
CA ALA D 196 5.81 -6.88 4.98
C ALA D 196 5.07 -8.20 5.02
N LYS D 197 4.64 -8.58 6.22
CA LYS D 197 3.91 -9.83 6.44
C LYS D 197 2.53 -9.83 5.79
N SER D 198 1.80 -8.73 5.98
CA SER D 198 0.52 -8.52 5.31
C SER D 198 0.70 -8.72 3.80
N ALA D 199 1.65 -7.97 3.24
CA ALA D 199 1.99 -8.05 1.82
C ALA D 199 2.31 -9.49 1.37
N LEU D 200 3.15 -10.17 2.12
CA LEU D 200 3.44 -11.58 1.84
C LEU D 200 2.19 -12.46 1.78
N GLU D 201 1.26 -12.22 2.70
CA GLU D 201 0.00 -12.97 2.74
C GLU D 201 -0.88 -12.64 1.53
N SER D 202 -0.90 -11.37 1.13
CA SER D 202 -1.68 -10.98 -0.04
C SER D 202 -1.14 -11.68 -1.28
N SER D 203 0.18 -11.63 -1.45
CA SER D 203 0.84 -12.25 -2.59
C SER D 203 0.64 -13.77 -2.63
N THR D 204 0.74 -14.41 -1.46
CA THR D 204 0.46 -15.85 -1.35
C THR D 204 -0.83 -16.27 -2.05
N LYS D 205 -1.90 -15.51 -1.86
CA LYS D 205 -3.17 -15.86 -2.48
C LYS D 205 -3.11 -15.61 -3.98
N TYR D 206 -2.55 -14.46 -4.36
CA TYR D 206 -2.44 -14.09 -5.77
C TYR D 206 -1.59 -15.11 -6.55
N LEU D 207 -0.50 -15.55 -5.94
CA LEU D 207 0.32 -16.64 -6.47
C LEU D 207 -0.46 -17.96 -6.62
N ALA D 208 -1.16 -18.36 -5.57
CA ALA D 208 -1.99 -19.55 -5.61
C ALA D 208 -3.01 -19.50 -6.75
N CYS D 209 -3.36 -18.29 -7.17
CA CYS D 209 -4.36 -18.12 -8.23
C CYS D 209 -3.72 -18.18 -9.61
N ASP D 210 -2.48 -17.72 -9.71
CA ASP D 210 -1.72 -17.78 -10.95
C ASP D 210 -1.40 -19.22 -11.33
N TYR D 211 -0.77 -19.92 -10.38
CA TYR D 211 -0.31 -21.29 -10.58
C TYR D 211 -1.37 -22.36 -10.30
N GLY D 212 -2.58 -21.94 -9.99
CA GLY D 212 -3.63 -22.89 -9.64
C GLY D 212 -3.85 -23.91 -10.75
N GLY D 213 -3.79 -23.43 -11.98
CA GLY D 213 -3.99 -24.28 -13.16
C GLY D 213 -2.86 -25.27 -13.39
N MET D 214 -1.66 -24.93 -12.93
CA MET D 214 -0.50 -25.81 -13.11
C MET D 214 -0.35 -26.75 -11.92
N ASN D 215 -1.48 -27.03 -11.25
CA ASN D 215 -1.53 -27.81 -10.01
C ASN D 215 -0.39 -27.51 -9.06
N ILE D 216 -0.14 -26.22 -8.84
CA ILE D 216 0.84 -25.79 -7.84
C ILE D 216 0.12 -25.05 -6.73
N ARG D 217 0.36 -25.49 -5.50
CA ARG D 217 -0.38 -24.98 -4.36
C ARG D 217 0.50 -24.05 -3.56
N ILE D 218 -0.11 -22.98 -3.06
CA ILE D 218 0.62 -21.93 -2.38
C ILE D 218 -0.13 -21.61 -1.10
N ASN D 219 0.51 -21.82 0.04
CA ASN D 219 -0.13 -21.61 1.33
C ASN D 219 0.88 -21.04 2.28
N ALA D 220 0.42 -20.61 3.44
CA ALA D 220 1.34 -20.09 4.42
C ALA D 220 1.04 -20.71 5.78
N ILE D 221 2.04 -20.71 6.64
CA ILE D 221 1.83 -21.06 8.04
C ILE D 221 2.02 -19.81 8.92
N SER D 222 0.94 -19.34 9.53
CA SER D 222 1.07 -18.24 10.47
C SER D 222 1.36 -18.81 11.85
N ALA D 223 2.64 -18.83 12.20
CA ALA D 223 3.06 -19.49 13.44
C ALA D 223 3.00 -18.55 14.63
N GLY D 224 3.01 -19.13 15.81
CA GLY D 224 3.11 -18.34 17.04
C GLY D 224 4.57 -18.26 17.41
N PRO D 225 4.89 -17.45 18.43
CA PRO D 225 6.26 -17.25 18.93
C PRO D 225 7.04 -18.55 19.14
N VAL D 226 8.30 -18.51 18.69
CA VAL D 226 9.25 -19.60 18.83
C VAL D 226 10.60 -18.96 19.10
N ARG D 227 11.36 -19.51 20.05
CA ARG D 227 12.71 -19.01 20.36
C ARG D 227 13.68 -19.09 19.18
N THR D 228 13.88 -17.97 18.49
CA THR D 228 14.87 -17.90 17.39
C THR D 228 15.70 -16.61 17.41
N LEU D 229 16.59 -16.47 16.42
CA LEU D 229 17.41 -15.27 16.24
C LEU D 229 16.54 -14.07 15.82
N ALA D 230 15.66 -14.30 14.85
CA ALA D 230 14.71 -13.30 14.37
C ALA D 230 13.75 -12.85 15.47
N GLY D 231 13.46 -13.74 16.41
CA GLY D 231 12.64 -13.40 17.56
C GLY D 231 13.40 -12.53 18.55
N ALA D 232 14.70 -12.77 18.65
CA ALA D 232 15.55 -12.00 19.54
C ALA D 232 15.84 -10.62 18.97
N SER D 233 15.70 -10.49 17.65
CA SER D 233 15.82 -9.17 17.01
C SER D 233 14.76 -8.18 17.52
N ILE D 234 13.55 -8.69 17.73
CA ILE D 234 12.43 -7.89 18.23
C ILE D 234 12.56 -7.76 19.74
N SER D 235 12.57 -6.52 20.24
CA SER D 235 12.67 -6.32 21.67
C SER D 235 11.38 -6.78 22.34
N ASN D 236 11.49 -7.21 23.59
CA ASN D 236 10.36 -7.73 24.34
C ASN D 236 9.71 -8.94 23.68
N GLY D 237 10.46 -9.62 22.83
CA GLY D 237 10.01 -10.86 22.26
C GLY D 237 9.68 -11.86 23.36
N ARG D 238 10.45 -11.82 24.44
CA ARG D 238 10.21 -12.68 25.58
C ARG D 238 8.82 -12.42 26.12
N ASP D 239 8.54 -11.16 26.43
CA ASP D 239 7.21 -10.75 26.87
C ASP D 239 6.10 -11.27 25.95
N ILE D 240 6.32 -11.15 24.65
CA ILE D 240 5.34 -11.58 23.66
C ILE D 240 5.11 -13.09 23.72
N ALA D 241 6.18 -13.87 23.75
CA ALA D 241 6.05 -15.31 23.78
C ALA D 241 5.38 -15.78 25.07
N ALA D 242 5.66 -15.05 26.16
CA ALA D 242 5.07 -15.38 27.46
C ALA D 242 3.57 -15.10 27.47
N TRP D 243 3.21 -13.93 26.94
CA TRP D 243 1.81 -13.53 26.85
C TRP D 243 1.02 -14.47 25.95
N SER D 244 1.66 -14.88 24.86
CA SER D 244 1.05 -15.82 23.93
C SER D 244 0.96 -17.21 24.55
N LYS D 245 1.85 -17.51 25.49
CA LYS D 245 1.83 -18.79 26.15
C LYS D 245 0.67 -18.89 27.13
N GLU D 246 0.57 -17.89 28.00
CA GLU D 246 -0.43 -17.87 29.06
C GLU D 246 -1.86 -17.76 28.52
N ASN D 247 -2.05 -16.95 27.49
CA ASN D 247 -3.38 -16.66 26.99
C ASN D 247 -3.84 -17.45 25.76
N SER D 248 -3.21 -18.59 25.49
CA SER D 248 -3.66 -19.41 24.38
C SER D 248 -4.46 -20.59 24.91
N PRO D 249 -5.39 -21.12 24.09
CA PRO D 249 -6.20 -22.27 24.48
C PRO D 249 -5.36 -23.43 25.01
N LEU D 250 -4.32 -23.81 24.28
CA LEU D 250 -3.51 -24.97 24.66
C LEU D 250 -2.38 -24.67 25.65
N LYS D 251 -2.37 -23.46 26.21
CA LYS D 251 -1.49 -23.07 27.33
C LYS D 251 0.00 -23.40 27.18
N ARG D 252 0.52 -23.23 25.97
CA ARG D 252 1.91 -23.56 25.69
C ARG D 252 2.38 -22.84 24.42
N THR D 253 3.59 -23.12 23.97
CA THR D 253 4.12 -22.51 22.75
C THR D 253 4.28 -23.55 21.67
N VAL D 254 4.26 -23.11 20.42
CA VAL D 254 4.40 -24.00 19.27
C VAL D 254 5.77 -24.68 19.29
N SER D 255 5.82 -25.93 18.86
CA SER D 255 7.09 -26.65 18.77
C SER D 255 7.63 -26.52 17.35
N LEU D 256 8.94 -26.67 17.18
CA LEU D 256 9.51 -26.70 15.84
C LEU D 256 8.95 -27.89 15.13
N GLU D 257 8.68 -28.95 15.90
CA GLU D 257 8.07 -30.14 15.31
C GLU D 257 6.62 -29.86 14.95
N ASP D 258 5.94 -29.00 15.70
CA ASP D 258 4.58 -28.61 15.34
C ASP D 258 4.54 -27.97 13.96
N ILE D 259 5.27 -26.88 13.83
CA ILE D 259 5.34 -26.17 12.57
C ILE D 259 5.81 -27.12 11.46
N GLY D 260 6.81 -27.94 11.74
CA GLY D 260 7.32 -28.94 10.79
C GLY D 260 6.28 -29.93 10.30
N ASN D 261 5.43 -30.37 11.22
CA ASN D 261 4.39 -31.34 10.89
C ASN D 261 3.28 -30.70 10.10
N SER D 262 2.90 -29.48 10.49
CA SER D 262 1.88 -28.74 9.75
C SER D 262 2.35 -28.46 8.32
N ALA D 263 3.62 -28.05 8.22
CA ALA D 263 4.33 -27.91 6.95
C ALA D 263 4.21 -29.18 6.12
N LEU D 264 4.58 -30.28 6.75
CA LEU D 264 4.42 -31.59 6.16
C LEU D 264 3.00 -31.79 5.60
N TYR D 265 1.98 -31.40 6.39
CA TYR D 265 0.61 -31.52 5.93
C TYR D 265 0.36 -30.65 4.70
N LEU D 266 0.96 -29.47 4.65
CA LEU D 266 0.71 -28.50 3.56
C LEU D 266 1.40 -28.82 2.25
N LEU D 267 2.57 -29.46 2.34
CA LEU D 267 3.37 -29.79 1.16
C LEU D 267 3.02 -31.18 0.58
N SER D 268 2.47 -32.06 1.41
CA SER D 268 2.09 -33.40 0.95
C SER D 268 0.75 -33.41 0.22
N TYR D 269 0.22 -34.60 -0.02
CA TYR D 269 -1.04 -34.73 -0.74
C TYR D 269 -2.24 -34.65 0.22
N LEU D 270 -1.95 -34.65 1.52
CA LEU D 270 -2.99 -34.52 2.55
C LEU D 270 -3.70 -33.19 2.41
N SER D 271 -2.96 -32.18 1.93
CA SER D 271 -3.49 -30.85 1.72
C SER D 271 -3.92 -30.58 0.29
N ASN D 272 -4.29 -31.63 -0.42
CA ASN D 272 -4.57 -31.56 -1.86
C ASN D 272 -5.79 -30.72 -2.19
N GLY D 273 -6.53 -30.34 -1.16
CA GLY D 273 -7.73 -29.54 -1.35
C GLY D 273 -7.54 -28.12 -0.86
N VAL D 274 -6.32 -27.81 -0.41
CA VAL D 274 -6.03 -26.52 0.20
C VAL D 274 -5.01 -25.68 -0.57
N THR D 275 -5.46 -24.54 -1.08
CA THR D 275 -4.55 -23.54 -1.65
C THR D 275 -5.04 -22.12 -1.33
N GLY D 276 -4.11 -21.21 -1.11
CA GLY D 276 -4.43 -19.82 -0.85
C GLY D 276 -4.69 -19.56 0.62
N GLU D 277 -4.49 -20.58 1.45
CA GLU D 277 -4.87 -20.49 2.84
C GLU D 277 -3.77 -19.98 3.77
N ILE D 278 -4.11 -19.01 4.62
CA ILE D 278 -3.26 -18.59 5.72
C ILE D 278 -3.66 -19.38 6.98
N HIS D 279 -2.89 -20.43 7.26
CA HIS D 279 -3.23 -21.46 8.23
C HIS D 279 -2.55 -21.21 9.57
N TYR D 280 -3.35 -20.98 10.61
CA TYR D 280 -2.77 -20.64 11.91
C TYR D 280 -2.29 -21.87 12.69
N VAL D 281 -1.00 -21.89 13.00
CA VAL D 281 -0.40 -22.91 13.86
C VAL D 281 0.19 -22.17 15.06
N ASP D 282 -0.70 -21.67 15.90
CA ASP D 282 -0.35 -20.72 16.95
C ASP D 282 -0.92 -21.14 18.29
N CYS D 283 -1.31 -22.41 18.38
CA CYS D 283 -1.93 -22.98 19.59
C CYS D 283 -3.27 -22.31 19.88
N GLY D 284 -3.92 -21.80 18.85
CA GLY D 284 -5.22 -21.15 18.97
C GLY D 284 -5.19 -19.75 19.56
N TYR D 285 -4.00 -19.16 19.69
CA TYR D 285 -3.92 -17.85 20.32
C TYR D 285 -4.75 -16.79 19.59
N ASN D 286 -4.78 -16.90 18.26
CA ASN D 286 -5.51 -15.94 17.43
C ASN D 286 -7.00 -15.88 17.77
N ILE D 287 -7.59 -17.00 18.17
CA ILE D 287 -9.03 -17.04 18.44
C ILE D 287 -9.48 -16.30 19.71
N VAL D 288 -8.57 -16.04 20.65
CA VAL D 288 -8.97 -15.44 21.92
C VAL D 288 -8.96 -13.90 21.90
N ALA D 289 -10.00 -13.32 22.49
CA ALA D 289 -10.22 -11.87 22.44
C ALA D 289 -9.67 -11.16 23.66
N MET D 290 -9.50 -11.90 24.74
CA MET D 290 -8.97 -11.34 25.99
C MET D 290 -8.61 -12.45 26.98
N PRO D 291 -7.80 -12.13 28.00
CA PRO D 291 -7.47 -13.16 28.99
C PRO D 291 -8.66 -13.51 29.90
N SER D 292 -8.63 -14.70 30.50
CA SER D 292 -9.75 -15.16 31.33
C SER D 292 -9.92 -14.41 32.67
N MET E 35 2.91 -47.11 4.98
CA MET E 35 2.75 -45.73 4.55
C MET E 35 2.15 -44.84 5.64
N ILE E 36 0.84 -44.97 5.85
CA ILE E 36 0.09 -44.15 6.79
C ILE E 36 -0.38 -44.93 8.02
N ASN E 37 0.13 -44.55 9.20
CA ASN E 37 -0.27 -45.19 10.46
C ASN E 37 -0.08 -44.27 11.66
N ILE E 38 -0.37 -42.98 11.47
CA ILE E 38 -0.21 -41.99 12.53
C ILE E 38 -1.18 -42.26 13.68
N LEU E 39 -2.36 -42.76 13.34
CA LEU E 39 -3.42 -42.98 14.32
C LEU E 39 -3.49 -44.41 14.90
N LYS E 40 -2.36 -45.10 15.01
CA LYS E 40 -2.38 -46.50 15.48
C LYS E 40 -2.74 -46.63 16.95
N GLY E 41 -3.73 -47.45 17.27
CA GLY E 41 -4.15 -47.66 18.64
C GLY E 41 -5.14 -46.61 19.13
N LYS E 42 -5.65 -45.83 18.20
CA LYS E 42 -6.55 -44.72 18.52
C LYS E 42 -7.96 -45.12 18.16
N ARG E 43 -8.91 -44.78 19.03
CA ARG E 43 -10.32 -45.07 18.76
C ARG E 43 -11.14 -43.78 18.72
N GLY E 44 -12.08 -43.68 17.79
CA GLY E 44 -12.87 -42.47 17.67
C GLY E 44 -14.28 -42.64 17.11
N LEU E 45 -15.13 -41.62 17.31
CA LEU E 45 -16.52 -41.66 16.87
C LEU E 45 -16.76 -40.88 15.57
N ILE E 46 -17.61 -41.43 14.69
CA ILE E 46 -17.98 -40.79 13.43
C ILE E 46 -19.48 -40.56 13.30
N MET E 47 -19.94 -39.35 13.64
CA MET E 47 -21.35 -39.01 13.47
C MET E 47 -21.55 -38.36 12.10
N GLY E 48 -22.63 -38.73 11.41
CA GLY E 48 -22.95 -38.07 10.17
C GLY E 48 -23.11 -38.93 8.95
N VAL E 49 -22.76 -40.21 9.04
CA VAL E 49 -22.84 -41.05 7.85
C VAL E 49 -24.29 -41.35 7.45
N ALA E 50 -24.60 -41.14 6.18
CA ALA E 50 -25.90 -41.49 5.63
C ALA E 50 -25.75 -42.45 4.44
N ASN E 51 -24.74 -42.23 3.61
CA ASN E 51 -24.37 -43.20 2.56
C ASN E 51 -22.90 -43.11 2.14
N ASP E 52 -22.59 -43.69 0.98
CA ASP E 52 -21.21 -43.77 0.47
C ASP E 52 -20.63 -42.40 0.10
N HIS E 53 -21.51 -41.49 -0.32
CA HIS E 53 -21.12 -40.16 -0.80
C HIS E 53 -20.86 -39.16 0.33
N SER E 54 -21.11 -39.58 1.55
CA SER E 54 -21.08 -38.69 2.71
C SER E 54 -19.67 -38.37 3.16
N ILE E 55 -19.43 -37.09 3.39
CA ILE E 55 -18.16 -36.58 3.90
C ILE E 55 -17.63 -37.40 5.10
N ALA E 56 -18.57 -37.84 5.94
CA ALA E 56 -18.25 -38.59 7.15
C ALA E 56 -17.61 -39.93 6.77
N TRP E 57 -18.10 -40.48 5.66
CA TRP E 57 -17.59 -41.73 5.15
C TRP E 57 -16.16 -41.60 4.61
N GLY E 58 -15.93 -40.57 3.79
CA GLY E 58 -14.61 -40.29 3.25
C GLY E 58 -13.64 -40.18 4.40
N ILE E 59 -14.07 -39.46 5.44
CA ILE E 59 -13.23 -39.27 6.63
C ILE E 59 -12.96 -40.59 7.39
N ALA E 60 -13.97 -41.45 7.45
CA ALA E 60 -13.80 -42.79 8.02
C ALA E 60 -12.70 -43.53 7.27
N LYS E 61 -13.00 -43.80 5.99
CA LYS E 61 -12.07 -44.44 5.07
C LYS E 61 -10.64 -44.01 5.30
N VAL E 62 -10.40 -42.71 5.29
CA VAL E 62 -9.05 -42.20 5.54
C VAL E 62 -8.50 -42.51 6.95
N LEU E 63 -9.25 -42.14 7.99
CA LEU E 63 -8.80 -42.29 9.39
C LEU E 63 -8.48 -43.75 9.77
N HIS E 64 -9.19 -44.70 9.15
CA HIS E 64 -8.93 -46.12 9.38
C HIS E 64 -7.61 -46.58 8.80
N SER E 65 -7.33 -46.15 7.56
CA SER E 65 -6.13 -46.56 6.86
C SER E 65 -4.85 -46.10 7.55
N ALA E 66 -5.03 -45.45 8.71
CA ALA E 66 -3.93 -44.88 9.48
C ALA E 66 -3.88 -45.44 10.89
N GLY E 67 -4.62 -46.51 11.15
CA GLY E 67 -4.45 -47.27 12.38
C GLY E 67 -5.50 -47.03 13.43
N ALA E 68 -6.60 -46.41 13.03
CA ALA E 68 -7.63 -46.00 13.99
C ALA E 68 -8.89 -46.87 13.98
N GLN E 69 -9.38 -47.14 15.18
CA GLN E 69 -10.59 -47.92 15.40
C GLN E 69 -11.80 -47.00 15.39
N LEU E 70 -12.87 -47.44 14.75
CA LEU E 70 -14.03 -46.59 14.49
C LEU E 70 -15.32 -47.09 15.14
N ALA E 71 -15.96 -46.20 15.89
CA ALA E 71 -17.36 -46.35 16.30
C ALA E 71 -18.22 -45.37 15.47
N PHE E 72 -19.42 -45.78 15.05
CA PHE E 72 -20.27 -44.94 14.21
C PHE E 72 -21.60 -44.59 14.88
N SER E 73 -22.27 -43.56 14.36
CA SER E 73 -23.60 -43.17 14.81
C SER E 73 -24.48 -42.91 13.59
N TYR E 74 -25.76 -43.26 13.69
CA TYR E 74 -26.65 -43.14 12.53
C TYR E 74 -28.07 -42.67 12.88
N GLN E 75 -28.76 -42.15 11.85
CA GLN E 75 -30.09 -41.58 12.05
C GLN E 75 -31.20 -42.55 11.66
N GLY E 76 -31.53 -42.63 10.37
CA GLY E 76 -32.61 -43.48 9.94
C GLY E 76 -32.35 -44.97 10.16
N GLU E 77 -33.38 -45.77 9.95
CA GLU E 77 -33.24 -47.22 9.95
C GLU E 77 -32.62 -47.67 8.63
N SER E 78 -33.07 -47.05 7.54
CA SER E 78 -32.54 -47.29 6.20
C SER E 78 -31.06 -46.94 6.14
N ILE E 79 -30.76 -45.72 6.55
CA ILE E 79 -29.41 -45.23 6.73
C ILE E 79 -28.56 -46.21 7.54
N GLY E 80 -29.14 -46.82 8.56
CA GLY E 80 -28.45 -47.82 9.37
C GLY E 80 -28.18 -49.09 8.58
N LYS E 81 -29.08 -49.37 7.63
CA LYS E 81 -28.95 -50.51 6.73
C LYS E 81 -27.87 -50.30 5.66
N ARG E 82 -27.64 -49.05 5.27
CA ARG E 82 -26.54 -48.75 4.36
C ARG E 82 -25.19 -48.61 5.09
N LEU E 83 -25.23 -48.06 6.30
CA LEU E 83 -24.01 -47.89 7.10
C LEU E 83 -23.50 -49.25 7.58
N LYS E 84 -24.42 -50.20 7.74
CA LYS E 84 -24.04 -51.56 8.17
C LYS E 84 -22.94 -52.21 7.29
N PRO E 85 -23.15 -52.30 5.96
CA PRO E 85 -22.08 -52.82 5.08
C PRO E 85 -20.75 -52.10 5.22
N LEU E 86 -20.79 -50.78 5.10
CA LEU E 86 -19.61 -49.95 5.08
C LEU E 86 -18.75 -50.08 6.34
N ALA E 87 -19.39 -50.36 7.49
CA ALA E 87 -18.64 -50.45 8.74
C ALA E 87 -17.74 -51.70 8.82
N LEU E 88 -18.13 -52.78 8.15
CA LEU E 88 -17.29 -53.96 8.04
C LEU E 88 -15.97 -53.66 7.32
N THR E 89 -16.06 -52.92 6.22
CA THR E 89 -14.90 -52.62 5.37
C THR E 89 -13.80 -51.86 6.14
N VAL E 90 -14.19 -51.21 7.22
CA VAL E 90 -13.22 -50.52 8.06
C VAL E 90 -13.13 -51.18 9.43
N ASP E 91 -13.58 -52.45 9.51
CA ASP E 91 -13.46 -53.31 10.69
C ASP E 91 -14.34 -52.91 11.88
N SER E 92 -15.66 -52.78 11.65
CA SER E 92 -16.57 -52.23 12.66
C SER E 92 -18.00 -52.79 12.64
N ASP E 93 -18.41 -53.34 13.78
CA ASP E 93 -19.80 -53.70 14.03
C ASP E 93 -20.36 -52.77 15.11
N PHE E 94 -19.65 -51.66 15.30
CA PHE E 94 -19.90 -50.71 16.38
C PHE E 94 -20.79 -49.59 15.86
N MET E 95 -22.08 -49.75 16.00
CA MET E 95 -23.05 -48.77 15.52
C MET E 95 -24.14 -48.52 16.56
N ILE E 96 -24.41 -47.24 16.80
CA ILE E 96 -25.48 -46.85 17.70
C ILE E 96 -26.33 -45.80 17.00
N PRO E 97 -27.66 -45.99 16.97
CA PRO E 97 -28.45 -44.93 16.35
C PRO E 97 -28.58 -43.79 17.35
N CYS E 98 -28.84 -42.59 16.84
CA CYS E 98 -28.78 -41.39 17.66
C CYS E 98 -29.31 -40.21 16.86
N ASN E 99 -30.49 -39.73 17.26
CA ASN E 99 -31.01 -38.45 16.79
C ASN E 99 -30.36 -37.35 17.63
N VAL E 100 -29.66 -36.40 16.99
CA VAL E 100 -28.93 -35.37 17.73
C VAL E 100 -29.80 -34.17 18.05
N GLU E 101 -31.09 -34.28 17.78
CA GLU E 101 -32.05 -33.34 18.33
C GLU E 101 -32.42 -33.76 19.77
N ASP E 102 -32.12 -35.00 20.14
CA ASP E 102 -32.58 -35.60 21.40
C ASP E 102 -31.50 -35.85 22.45
N PRO E 103 -31.37 -34.97 23.46
CA PRO E 103 -30.38 -35.14 24.52
C PRO E 103 -30.46 -36.51 25.25
N SER E 104 -31.65 -37.07 25.31
CA SER E 104 -31.80 -38.41 25.88
C SER E 104 -31.06 -39.38 24.97
N SER E 105 -31.41 -39.38 23.68
CA SER E 105 -30.72 -40.19 22.68
C SER E 105 -29.16 -40.06 22.67
N MET E 106 -28.65 -38.85 22.88
CA MET E 106 -27.21 -38.61 22.84
C MET E 106 -26.54 -39.17 24.10
N ASP E 107 -27.18 -38.95 25.24
CA ASP E 107 -26.76 -39.58 26.49
C ASP E 107 -26.67 -41.11 26.33
N LEU E 108 -27.68 -41.65 25.65
CA LEU E 108 -27.79 -43.09 25.41
C LEU E 108 -26.61 -43.54 24.60
N LEU E 109 -26.48 -43.00 23.38
CA LEU E 109 -25.34 -43.25 22.50
C LEU E 109 -23.99 -43.30 23.23
N PHE E 110 -23.74 -42.32 24.10
CA PHE E 110 -22.48 -42.33 24.84
C PHE E 110 -22.37 -43.37 25.96
N GLU E 111 -23.50 -43.75 26.55
CA GLU E 111 -23.48 -44.88 27.47
C GLU E 111 -23.20 -46.20 26.73
N ARG E 112 -23.80 -46.35 25.56
CA ARG E 112 -23.57 -47.49 24.66
C ARG E 112 -22.09 -47.61 24.31
N ILE E 113 -21.50 -46.50 23.87
CA ILE E 113 -20.06 -46.44 23.63
C ILE E 113 -19.30 -46.87 24.88
N LYS E 114 -19.59 -46.23 26.00
CA LYS E 114 -18.93 -46.54 27.27
C LYS E 114 -18.99 -48.04 27.64
N GLU E 115 -19.96 -48.77 27.07
CA GLU E 115 -20.04 -50.21 27.32
C GLU E 115 -18.85 -50.97 26.73
N ARG E 116 -18.19 -50.35 25.77
CA ARG E 116 -17.15 -51.04 25.00
C ARG E 116 -15.80 -50.34 25.15
N TRP E 117 -15.79 -49.02 25.05
CA TRP E 117 -14.57 -48.25 25.22
C TRP E 117 -14.70 -47.36 26.44
N GLU E 118 -13.71 -47.42 27.32
CA GLU E 118 -13.76 -46.62 28.54
C GLU E 118 -13.25 -45.22 28.25
N THR E 119 -12.48 -45.12 27.16
CA THR E 119 -11.80 -43.90 26.76
C THR E 119 -11.97 -43.67 25.26
N LEU E 120 -11.96 -42.41 24.84
CA LEU E 120 -12.12 -42.07 23.42
C LEU E 120 -10.96 -41.18 22.99
N ASP E 121 -10.62 -41.20 21.71
CA ASP E 121 -9.47 -40.41 21.21
C ASP E 121 -9.86 -39.22 20.33
N PHE E 122 -10.89 -39.39 19.52
CA PHE E 122 -11.32 -38.32 18.64
C PHE E 122 -12.79 -38.38 18.23
N VAL E 123 -13.35 -37.22 17.86
CA VAL E 123 -14.71 -37.21 17.31
C VAL E 123 -14.83 -36.45 15.99
N VAL E 124 -15.60 -37.00 15.06
CA VAL E 124 -15.97 -36.30 13.85
C VAL E 124 -17.47 -36.03 13.78
N HIS E 125 -17.81 -34.75 13.82
CA HIS E 125 -19.19 -34.27 13.79
C HIS E 125 -19.51 -33.71 12.43
N SER E 126 -20.09 -34.56 11.58
CA SER E 126 -20.41 -34.16 10.21
C SER E 126 -21.90 -34.24 9.96
N ILE E 127 -22.65 -33.36 10.61
CA ILE E 127 -24.11 -33.43 10.65
C ILE E 127 -24.76 -32.10 10.33
N ALA E 128 -25.72 -32.12 9.40
CA ALA E 128 -26.53 -30.94 9.11
C ALA E 128 -27.92 -31.30 8.62
N PHE E 129 -28.85 -30.37 8.83
CA PHE E 129 -30.21 -30.47 8.31
C PHE E 129 -30.92 -29.12 8.26
N SER E 130 -31.73 -28.92 7.22
CA SER E 130 -32.64 -27.80 7.17
C SER E 130 -33.77 -28.15 6.20
N ASP E 131 -34.93 -27.51 6.39
CA ASP E 131 -36.08 -27.84 5.56
C ASP E 131 -35.83 -27.49 4.10
N LYS E 132 -35.74 -28.52 3.27
CA LYS E 132 -35.63 -28.41 1.82
C LYS E 132 -36.44 -27.25 1.22
N ASN E 133 -37.70 -27.11 1.64
CA ASN E 133 -38.58 -26.08 1.09
C ASN E 133 -38.23 -24.64 1.44
N GLU E 134 -37.42 -24.45 2.48
CA GLU E 134 -36.98 -23.11 2.83
C GLU E 134 -35.54 -22.86 2.40
N LEU E 135 -35.01 -23.78 1.61
CA LEU E 135 -33.67 -23.66 1.01
C LEU E 135 -33.75 -23.26 -0.46
N ARG E 136 -34.79 -22.49 -0.79
CA ARG E 136 -34.87 -21.75 -2.03
C ARG E 136 -35.45 -20.42 -1.59
N GLY E 137 -35.69 -19.52 -2.53
CA GLY E 137 -36.27 -18.23 -2.22
C GLY E 137 -35.37 -17.33 -1.38
N PRO E 138 -35.88 -16.15 -1.00
CA PRO E 138 -35.13 -15.22 -0.15
C PRO E 138 -35.04 -15.67 1.32
N TYR E 139 -33.96 -15.28 2.00
CA TYR E 139 -33.74 -15.70 3.38
C TYR E 139 -34.81 -15.18 4.33
N TYR E 140 -35.41 -14.03 4.01
CA TYR E 140 -36.38 -13.45 4.91
C TYR E 140 -37.63 -14.32 5.08
N ASN E 141 -37.78 -15.27 4.16
CA ASN E 141 -38.84 -16.26 4.15
C ASN E 141 -38.61 -17.43 5.12
N THR E 142 -37.46 -17.45 5.78
CA THR E 142 -37.15 -18.52 6.70
C THR E 142 -38.14 -18.49 7.85
N SER E 143 -38.68 -19.67 8.16
CA SER E 143 -39.60 -19.79 9.27
C SER E 143 -38.84 -19.89 10.58
N ARG E 144 -39.52 -19.50 11.63
CA ARG E 144 -39.00 -19.51 12.98
C ARG E 144 -38.75 -20.95 13.49
N ASP E 145 -39.66 -21.88 13.16
CA ASP E 145 -39.52 -23.29 13.55
C ASP E 145 -38.38 -23.98 12.79
N ASN E 146 -38.24 -23.63 11.51
CA ASN E 146 -37.14 -24.16 10.69
C ASN E 146 -35.80 -23.58 11.13
N PHE E 147 -35.80 -22.29 11.42
CA PHE E 147 -34.63 -21.65 11.98
C PHE E 147 -34.20 -22.40 13.23
N ILE E 148 -35.11 -22.54 14.18
CA ILE E 148 -34.80 -23.22 15.43
C ILE E 148 -34.35 -24.67 15.24
N GLN E 149 -35.06 -25.42 14.40
CA GLN E 149 -34.65 -26.80 14.18
C GLN E 149 -33.26 -26.93 13.53
N THR E 150 -33.06 -26.17 12.45
CA THR E 150 -31.77 -26.10 11.77
C THR E 150 -30.64 -25.73 12.75
N MET E 151 -30.94 -24.84 13.68
CA MET E 151 -29.98 -24.40 14.70
C MET E 151 -29.63 -25.48 15.71
N LEU E 152 -30.64 -26.21 16.16
CA LEU E 152 -30.43 -27.32 17.08
C LEU E 152 -29.59 -28.40 16.40
N VAL E 153 -30.03 -28.84 15.21
CA VAL E 153 -29.39 -29.97 14.54
C VAL E 153 -27.98 -29.66 14.02
N SER E 154 -27.84 -28.53 13.34
CA SER E 154 -26.59 -28.18 12.66
C SER E 154 -25.56 -27.44 13.52
N CYS E 155 -25.99 -26.82 14.62
CA CYS E 155 -25.02 -26.08 15.43
C CYS E 155 -24.87 -26.59 16.86
N PHE E 156 -25.99 -26.66 17.58
CA PHE E 156 -25.94 -26.95 19.01
C PHE E 156 -25.54 -28.41 19.30
N SER E 157 -25.90 -29.31 18.38
CA SER E 157 -25.61 -30.75 18.53
C SER E 157 -24.13 -31.01 18.68
N PHE E 158 -23.32 -30.19 18.01
CA PHE E 158 -21.87 -30.29 18.11
C PHE E 158 -21.45 -30.00 19.54
N THR E 159 -22.20 -29.12 20.20
CA THR E 159 -21.89 -28.68 21.56
C THR E 159 -22.26 -29.78 22.55
N GLU E 160 -23.48 -30.28 22.39
CA GLU E 160 -23.98 -31.47 23.10
C GLU E 160 -22.95 -32.63 23.08
N ILE E 161 -22.66 -33.08 21.87
CA ILE E 161 -21.66 -34.12 21.68
C ILE E 161 -20.30 -33.79 22.29
N VAL E 162 -19.72 -32.64 21.93
CA VAL E 162 -18.38 -32.30 22.43
C VAL E 162 -18.32 -32.45 23.94
N ARG E 163 -19.28 -31.84 24.64
CA ARG E 163 -19.23 -31.91 26.10
C ARG E 163 -19.39 -33.35 26.60
N ARG E 164 -20.19 -34.16 25.89
CA ARG E 164 -20.30 -35.56 26.30
C ARG E 164 -18.98 -36.33 26.12
N ALA E 165 -18.49 -36.34 24.89
CA ALA E 165 -17.23 -37.01 24.53
C ALA E 165 -16.04 -36.58 25.36
N ALA E 166 -15.95 -35.30 25.67
CA ALA E 166 -14.75 -34.76 26.30
C ALA E 166 -14.45 -35.43 27.66
N GLN E 167 -15.46 -36.07 28.23
CA GLN E 167 -15.27 -36.79 29.48
C GLN E 167 -14.63 -38.14 29.23
N LEU E 168 -14.77 -38.63 28.00
CA LEU E 168 -14.16 -39.88 27.59
C LEU E 168 -12.68 -39.75 27.17
N MET E 169 -12.15 -38.54 27.27
CA MET E 169 -10.78 -38.30 26.86
C MET E 169 -10.02 -37.74 28.02
N PRO E 170 -9.69 -38.60 29.00
CA PRO E 170 -9.00 -38.16 30.22
C PRO E 170 -7.60 -37.61 29.95
N HIS E 171 -6.95 -38.06 28.88
CA HIS E 171 -5.57 -37.66 28.62
C HIS E 171 -5.46 -36.65 27.48
N GLY E 172 -6.61 -36.27 26.96
CA GLY E 172 -6.70 -35.33 25.86
C GLY E 172 -7.17 -36.01 24.60
N GLY E 173 -7.31 -35.23 23.53
CA GLY E 173 -7.79 -35.72 22.25
C GLY E 173 -8.17 -34.59 21.29
N ALA E 174 -8.88 -34.96 20.22
CA ALA E 174 -9.22 -34.01 19.16
C ALA E 174 -10.59 -34.23 18.51
N MET E 175 -11.23 -33.13 18.13
CA MET E 175 -12.55 -33.18 17.52
C MET E 175 -12.71 -32.18 16.38
N ILE E 176 -13.55 -32.54 15.41
CA ILE E 176 -13.79 -31.65 14.28
C ILE E 176 -15.25 -31.62 13.87
N THR E 177 -15.71 -30.45 13.43
CA THR E 177 -16.98 -30.37 12.73
C THR E 177 -16.77 -29.85 11.34
N LEU E 178 -17.84 -29.87 10.57
CA LEU E 178 -17.80 -29.44 9.18
C LEU E 178 -18.65 -28.16 8.94
N THR E 179 -18.01 -27.12 8.42
CA THR E 179 -18.74 -25.91 8.06
C THR E 179 -18.63 -25.54 6.59
N TYR E 180 -19.08 -24.34 6.25
CA TYR E 180 -19.10 -23.85 4.88
C TYR E 180 -19.14 -22.31 4.81
N GLY E 181 -18.48 -21.75 3.81
CA GLY E 181 -18.38 -20.31 3.66
C GLY E 181 -19.67 -19.57 3.36
N GLY E 182 -20.78 -20.31 3.28
CA GLY E 182 -22.09 -19.70 3.24
C GLY E 182 -22.42 -19.05 4.59
N SER E 183 -21.58 -19.31 5.59
CA SER E 183 -21.75 -18.74 6.92
C SER E 183 -21.45 -17.24 6.94
N MET E 184 -20.43 -16.81 6.19
CA MET E 184 -19.93 -15.45 6.32
C MET E 184 -20.17 -14.63 5.07
N ARG E 185 -20.35 -15.30 3.96
CA ARG E 185 -20.53 -14.61 2.70
C ARG E 185 -21.74 -15.26 2.08
N VAL E 186 -22.54 -14.45 1.41
CA VAL E 186 -23.90 -14.84 1.07
C VAL E 186 -23.96 -15.77 -0.13
N VAL E 187 -24.39 -17.01 0.14
CA VAL E 187 -24.66 -17.98 -0.91
C VAL E 187 -26.16 -18.01 -1.11
N PRO E 188 -26.63 -17.71 -2.33
CA PRO E 188 -28.07 -17.70 -2.63
C PRO E 188 -28.76 -19.02 -2.30
N ASN E 189 -29.88 -18.98 -1.56
CA ASN E 189 -30.65 -20.16 -1.16
C ASN E 189 -30.12 -20.93 0.06
N TYR E 190 -28.95 -20.54 0.56
CA TYR E 190 -28.38 -21.27 1.67
C TYR E 190 -29.16 -20.90 2.94
N ASN E 191 -29.80 -19.73 2.88
CA ASN E 191 -30.79 -19.26 3.85
C ASN E 191 -30.58 -19.62 5.32
N ALA E 192 -31.54 -20.35 5.89
CA ALA E 192 -31.48 -20.75 7.29
C ALA E 192 -30.15 -21.40 7.69
N MET E 193 -29.52 -22.09 6.74
CA MET E 193 -28.27 -22.80 7.00
C MET E 193 -27.10 -21.89 7.35
N ALA E 194 -27.13 -20.67 6.82
CA ALA E 194 -26.02 -19.73 7.03
C ALA E 194 -25.84 -19.29 8.48
N PRO E 195 -26.89 -18.73 9.12
CA PRO E 195 -26.63 -18.36 10.52
C PRO E 195 -26.32 -19.58 11.38
N ALA E 196 -26.84 -20.75 11.00
CA ALA E 196 -26.49 -21.99 11.71
C ALA E 196 -24.98 -22.31 11.64
N LYS E 197 -24.40 -22.26 10.44
CA LYS E 197 -22.98 -22.49 10.28
C LYS E 197 -22.19 -21.44 11.03
N SER E 198 -22.66 -20.20 10.97
CA SER E 198 -22.00 -19.09 11.63
C SER E 198 -21.93 -19.37 13.12
N ALA E 199 -23.06 -19.79 13.67
CA ALA E 199 -23.14 -20.17 15.08
C ALA E 199 -22.24 -21.36 15.40
N LEU E 200 -22.24 -22.34 14.51
CA LEU E 200 -21.39 -23.51 14.65
C LEU E 200 -19.92 -23.11 14.70
N GLU E 201 -19.49 -22.31 13.72
CA GLU E 201 -18.12 -21.80 13.66
C GLU E 201 -17.76 -21.03 14.93
N SER E 202 -18.71 -20.23 15.43
CA SER E 202 -18.51 -19.53 16.68
C SER E 202 -18.25 -20.49 17.84
N SER E 203 -19.14 -21.46 18.00
CA SER E 203 -19.09 -22.34 19.18
C SER E 203 -17.78 -23.12 19.25
N THR E 204 -17.33 -23.59 18.09
CA THR E 204 -16.01 -24.20 17.93
C THR E 204 -14.90 -23.48 18.72
N LYS E 205 -14.66 -22.22 18.40
CA LYS E 205 -13.62 -21.46 19.10
C LYS E 205 -13.85 -21.34 20.63
N TYR E 206 -15.10 -21.30 21.07
CA TYR E 206 -15.39 -21.25 22.50
C TYR E 206 -15.20 -22.62 23.13
N LEU E 207 -15.60 -23.66 22.39
CA LEU E 207 -15.36 -25.04 22.79
C LEU E 207 -13.86 -25.33 22.87
N ALA E 208 -13.11 -24.77 21.92
CA ALA E 208 -11.66 -24.98 21.88
C ALA E 208 -11.04 -24.33 23.10
N CYS E 209 -11.65 -23.23 23.52
CA CYS E 209 -11.16 -22.49 24.66
C CYS E 209 -11.61 -23.14 25.97
N ASP E 210 -12.76 -23.78 25.95
CA ASP E 210 -13.27 -24.44 27.15
C ASP E 210 -12.36 -25.61 27.50
N TYR E 211 -11.99 -26.37 26.47
CA TYR E 211 -11.34 -27.65 26.62
C TYR E 211 -9.85 -27.63 26.30
N GLY E 212 -9.24 -26.46 26.35
CA GLY E 212 -7.84 -26.32 25.98
C GLY E 212 -6.93 -26.85 27.09
N GLY E 213 -7.28 -26.52 28.33
CA GLY E 213 -6.50 -26.90 29.49
C GLY E 213 -6.57 -28.38 29.84
N MET E 214 -7.22 -29.17 28.99
CA MET E 214 -7.27 -30.61 29.15
C MET E 214 -6.70 -31.22 27.89
N ASN E 215 -6.02 -30.37 27.13
CA ASN E 215 -5.36 -30.78 25.89
C ASN E 215 -6.31 -31.45 24.90
N ILE E 216 -7.45 -30.81 24.67
CA ILE E 216 -8.40 -31.25 23.65
C ILE E 216 -8.55 -30.19 22.55
N ARG E 217 -8.33 -30.61 21.31
CA ARG E 217 -8.30 -29.68 20.20
C ARG E 217 -9.62 -29.75 19.43
N ILE E 218 -10.20 -28.57 19.20
CA ILE E 218 -11.49 -28.46 18.51
C ILE E 218 -11.31 -27.58 17.28
N ASN E 219 -11.59 -28.12 16.10
CA ASN E 219 -11.41 -27.36 14.85
C ASN E 219 -12.56 -27.63 13.91
N ALA E 220 -12.70 -26.83 12.85
CA ALA E 220 -13.70 -27.12 11.82
C ALA E 220 -13.07 -27.19 10.44
N ILE E 221 -13.70 -27.94 9.55
CA ILE E 221 -13.31 -28.01 8.17
C ILE E 221 -14.35 -27.34 7.29
N SER E 222 -14.07 -26.12 6.84
CA SER E 222 -14.94 -25.46 5.89
C SER E 222 -14.66 -26.06 4.54
N ALA E 223 -15.63 -26.78 4.00
CA ALA E 223 -15.41 -27.51 2.76
C ALA E 223 -16.12 -26.82 1.62
N GLY E 224 -15.72 -27.20 0.41
CA GLY E 224 -16.33 -26.66 -0.79
C GLY E 224 -17.39 -27.64 -1.16
N PRO E 225 -18.22 -27.31 -2.17
CA PRO E 225 -19.30 -28.19 -2.68
C PRO E 225 -18.83 -29.63 -2.92
N VAL E 226 -19.67 -30.58 -2.52
CA VAL E 226 -19.44 -32.02 -2.65
C VAL E 226 -20.81 -32.69 -2.82
N ARG E 227 -21.00 -33.40 -3.94
CA ARG E 227 -22.31 -33.98 -4.25
C ARG E 227 -22.83 -34.97 -3.20
N THR E 228 -23.74 -34.50 -2.35
CA THR E 228 -24.39 -35.37 -1.36
C THR E 228 -25.92 -35.22 -1.40
N LEU E 229 -26.60 -35.95 -0.51
CA LEU E 229 -28.05 -35.84 -0.34
C LEU E 229 -28.44 -34.47 0.23
N ALA E 230 -27.81 -34.12 1.36
CA ALA E 230 -28.06 -32.83 2.01
C ALA E 230 -27.68 -31.67 1.10
N GLY E 231 -26.76 -31.93 0.17
CA GLY E 231 -26.41 -30.96 -0.85
C GLY E 231 -27.50 -30.87 -1.92
N ALA E 232 -28.21 -31.98 -2.12
CA ALA E 232 -29.33 -32.00 -3.04
C ALA E 232 -30.51 -31.27 -2.42
N SER E 233 -30.50 -31.16 -1.09
CA SER E 233 -31.53 -30.40 -0.38
C SER E 233 -31.61 -28.97 -0.86
N ILE E 234 -30.44 -28.40 -1.19
CA ILE E 234 -30.34 -27.03 -1.68
C ILE E 234 -30.75 -26.99 -3.15
N SER E 235 -31.53 -25.98 -3.51
CA SER E 235 -31.79 -25.73 -4.92
C SER E 235 -30.57 -25.03 -5.54
N ASN E 236 -30.22 -25.46 -6.75
CA ASN E 236 -29.05 -24.96 -7.48
C ASN E 236 -27.72 -25.42 -6.90
N GLY E 237 -27.77 -26.50 -6.12
CA GLY E 237 -26.56 -27.09 -5.60
C GLY E 237 -25.58 -27.51 -6.68
N ARG E 238 -26.12 -27.86 -7.84
CA ARG E 238 -25.27 -28.18 -8.98
C ARG E 238 -24.72 -26.92 -9.61
N ASP E 239 -25.51 -25.84 -9.62
CA ASP E 239 -25.04 -24.52 -10.03
C ASP E 239 -23.98 -23.96 -9.09
N ILE E 240 -24.14 -24.24 -7.80
CA ILE E 240 -23.18 -23.81 -6.79
C ILE E 240 -21.88 -24.60 -6.92
N ALA E 241 -21.99 -25.89 -7.17
CA ALA E 241 -20.80 -26.74 -7.29
C ALA E 241 -20.09 -26.48 -8.62
N ALA E 242 -20.88 -26.14 -9.64
CA ALA E 242 -20.38 -25.79 -10.94
C ALA E 242 -19.57 -24.50 -10.82
N TRP E 243 -20.25 -23.46 -10.34
CA TRP E 243 -19.63 -22.17 -10.14
C TRP E 243 -18.37 -22.26 -9.30
N SER E 244 -18.40 -23.05 -8.22
CA SER E 244 -17.21 -23.26 -7.40
C SER E 244 -16.08 -23.92 -8.17
N LYS E 245 -16.42 -24.96 -8.93
CA LYS E 245 -15.40 -25.69 -9.68
C LYS E 245 -14.68 -24.71 -10.61
N GLU E 246 -15.48 -24.02 -11.42
CA GLU E 246 -14.98 -23.13 -12.46
C GLU E 246 -14.03 -22.03 -11.94
N ASN E 247 -14.32 -21.48 -10.76
CA ASN E 247 -13.70 -20.25 -10.32
C ASN E 247 -12.73 -20.38 -9.16
N SER E 248 -12.43 -21.60 -8.77
CA SER E 248 -11.43 -21.82 -7.75
C SER E 248 -10.09 -21.89 -8.46
N PRO E 249 -9.03 -21.48 -7.78
CA PRO E 249 -7.66 -21.59 -8.29
C PRO E 249 -7.40 -22.95 -8.96
N LEU E 250 -7.87 -24.04 -8.34
CA LEU E 250 -7.53 -25.39 -8.81
C LEU E 250 -8.44 -25.93 -9.92
N LYS E 251 -9.48 -25.17 -10.26
CA LYS E 251 -10.37 -25.56 -11.37
C LYS E 251 -10.95 -26.98 -11.22
N ARG E 252 -10.92 -27.50 -9.99
CA ARG E 252 -11.49 -28.82 -9.67
C ARG E 252 -12.28 -28.74 -8.37
N THR E 253 -13.26 -29.62 -8.21
CA THR E 253 -14.02 -29.67 -6.97
C THR E 253 -13.23 -30.50 -5.95
N VAL E 254 -13.71 -30.50 -4.71
CA VAL E 254 -13.05 -31.27 -3.65
C VAL E 254 -13.53 -32.71 -3.60
N SER E 255 -12.71 -33.57 -2.99
CA SER E 255 -12.99 -35.00 -2.93
C SER E 255 -13.23 -35.45 -1.50
N LEU E 256 -13.84 -36.62 -1.35
CA LEU E 256 -13.92 -37.24 -0.04
C LEU E 256 -12.52 -37.53 0.51
N GLU E 257 -11.61 -37.98 -0.36
CA GLU E 257 -10.26 -38.28 0.10
C GLU E 257 -9.60 -37.05 0.70
N ASP E 258 -9.68 -35.94 -0.03
CA ASP E 258 -9.20 -34.64 0.43
C ASP E 258 -9.68 -34.31 1.85
N ILE E 259 -11.00 -34.17 2.00
CA ILE E 259 -11.61 -33.84 3.28
C ILE E 259 -11.21 -34.82 4.38
N GLY E 260 -11.09 -36.10 4.01
CA GLY E 260 -10.62 -37.12 4.93
C GLY E 260 -9.19 -36.95 5.36
N ASN E 261 -8.35 -36.42 4.46
CA ASN E 261 -6.95 -36.23 4.77
C ASN E 261 -6.76 -34.99 5.64
N SER E 262 -7.51 -33.95 5.32
CA SER E 262 -7.55 -32.77 6.17
C SER E 262 -7.95 -33.24 7.55
N ALA E 263 -9.07 -33.95 7.61
CA ALA E 263 -9.54 -34.63 8.81
C ALA E 263 -8.41 -35.32 9.56
N LEU E 264 -7.72 -36.22 8.84
CA LEU E 264 -6.63 -37.01 9.38
C LEU E 264 -5.53 -36.11 9.92
N TYR E 265 -5.47 -34.88 9.42
CA TYR E 265 -4.45 -33.93 9.89
C TYR E 265 -4.93 -33.23 11.16
N LEU E 266 -6.20 -32.87 11.16
CA LEU E 266 -6.78 -32.10 12.26
C LEU E 266 -6.94 -32.96 13.52
N LEU E 267 -6.98 -34.29 13.32
CA LEU E 267 -7.18 -35.24 14.41
C LEU E 267 -5.90 -35.96 14.90
N SER E 268 -4.73 -35.53 14.40
CA SER E 268 -3.46 -36.17 14.71
C SER E 268 -2.53 -35.29 15.53
N TYR E 269 -1.40 -35.84 15.95
CA TYR E 269 -0.35 -35.04 16.57
C TYR E 269 0.29 -34.15 15.49
N LEU E 270 -0.05 -34.44 14.24
CA LEU E 270 0.29 -33.58 13.11
C LEU E 270 -0.15 -32.13 13.33
N SER E 271 -1.29 -31.92 13.99
CA SER E 271 -1.74 -30.56 14.25
C SER E 271 -1.74 -30.18 15.72
N ASN E 272 -0.85 -30.80 16.49
CA ASN E 272 -0.70 -30.48 17.92
C ASN E 272 -0.66 -28.99 18.28
N GLY E 273 -0.46 -28.12 17.29
CA GLY E 273 -0.40 -26.69 17.51
C GLY E 273 -1.56 -25.95 16.86
N VAL E 274 -2.47 -26.72 16.27
CA VAL E 274 -3.67 -26.14 15.69
C VAL E 274 -4.90 -26.36 16.57
N THR E 275 -5.52 -25.29 17.05
CA THR E 275 -6.82 -25.40 17.70
C THR E 275 -7.68 -24.16 17.50
N GLY E 276 -8.98 -24.37 17.38
CA GLY E 276 -9.94 -23.29 17.27
C GLY E 276 -9.89 -22.66 15.89
N GLU E 277 -9.36 -23.43 14.94
CA GLU E 277 -9.14 -22.99 13.57
C GLU E 277 -10.26 -23.47 12.62
N ILE E 278 -10.64 -22.59 11.69
CA ILE E 278 -11.63 -22.84 10.66
C ILE E 278 -10.89 -23.05 9.35
N HIS E 279 -10.53 -24.31 9.09
CA HIS E 279 -9.67 -24.69 7.97
C HIS E 279 -10.44 -24.85 6.65
N TYR E 280 -10.10 -24.04 5.66
CA TYR E 280 -10.76 -24.09 4.35
C TYR E 280 -10.17 -25.18 3.45
N VAL E 281 -11.02 -26.15 3.11
CA VAL E 281 -10.67 -27.21 2.18
C VAL E 281 -11.66 -27.11 1.03
N ASP E 282 -11.53 -26.03 0.27
CA ASP E 282 -12.49 -25.65 -0.76
C ASP E 282 -11.78 -25.39 -2.07
N CYS E 283 -10.58 -25.97 -2.20
CA CYS E 283 -9.75 -25.78 -3.38
C CYS E 283 -9.43 -24.32 -3.58
N GLY E 284 -9.48 -23.57 -2.48
CA GLY E 284 -9.19 -22.15 -2.47
C GLY E 284 -10.21 -21.26 -3.14
N TYR E 285 -11.44 -21.75 -3.33
CA TYR E 285 -12.49 -20.93 -3.93
C TYR E 285 -12.66 -19.60 -3.17
N ASN E 286 -12.44 -19.63 -1.86
CA ASN E 286 -12.71 -18.48 -0.99
C ASN E 286 -11.80 -17.30 -1.21
N ILE E 287 -10.58 -17.54 -1.67
CA ILE E 287 -9.63 -16.47 -1.84
C ILE E 287 -9.95 -15.55 -3.03
N VAL E 288 -10.67 -16.06 -4.02
CA VAL E 288 -10.91 -15.25 -5.23
C VAL E 288 -12.03 -14.22 -5.07
N ALA E 289 -11.84 -13.06 -5.68
CA ALA E 289 -12.73 -11.90 -5.47
C ALA E 289 -13.76 -11.70 -6.57
N MET E 290 -13.41 -12.20 -7.75
CA MET E 290 -14.30 -12.22 -8.91
C MET E 290 -13.68 -13.18 -9.94
N PRO E 291 -14.44 -13.56 -10.99
CA PRO E 291 -13.87 -14.53 -11.94
C PRO E 291 -12.95 -13.86 -12.96
N SER E 292 -12.22 -14.65 -13.74
CA SER E 292 -11.36 -14.08 -14.77
C SER E 292 -12.09 -14.04 -16.11
N MET F 35 -26.48 22.58 13.42
CA MET F 35 -25.39 21.63 13.26
C MET F 35 -25.72 20.47 12.30
N ILE F 36 -26.64 19.61 12.73
CA ILE F 36 -27.07 18.45 11.93
C ILE F 36 -28.59 18.36 11.88
N ASN F 37 -29.11 18.05 10.69
CA ASN F 37 -30.52 17.64 10.56
C ASN F 37 -30.77 16.90 9.25
N ILE F 38 -29.96 15.87 9.01
CA ILE F 38 -30.08 15.04 7.81
C ILE F 38 -31.18 14.00 7.95
N LEU F 39 -31.83 13.96 9.12
CA LEU F 39 -32.95 13.05 9.35
C LEU F 39 -34.26 13.82 9.50
N LYS F 40 -34.21 15.10 9.19
CA LYS F 40 -35.41 15.94 9.14
C LYS F 40 -36.35 15.40 8.09
N GLY F 41 -37.58 15.09 8.50
CA GLY F 41 -38.60 14.56 7.59
C GLY F 41 -38.66 13.05 7.56
N LYS F 42 -37.86 12.43 8.40
CA LYS F 42 -37.74 10.98 8.44
C LYS F 42 -38.27 10.43 9.76
N ARG F 43 -38.99 9.32 9.65
CA ARG F 43 -39.57 8.70 10.83
C ARG F 43 -39.13 7.22 10.95
N GLY F 44 -38.95 6.77 12.18
CA GLY F 44 -38.47 5.42 12.39
C GLY F 44 -38.63 4.82 13.77
N LEU F 45 -38.47 3.50 13.81
CA LEU F 45 -38.74 2.72 15.02
C LEU F 45 -37.47 2.40 15.82
N ILE F 46 -37.54 2.64 17.12
CA ILE F 46 -36.49 2.25 18.05
C ILE F 46 -36.94 1.07 18.91
N MET F 47 -36.23 -0.06 18.76
CA MET F 47 -36.49 -1.22 19.61
C MET F 47 -35.32 -1.41 20.55
N GLY F 48 -35.59 -1.56 21.84
CA GLY F 48 -34.54 -1.90 22.77
C GLY F 48 -34.27 -1.00 23.97
N VAL F 49 -35.12 0.00 24.20
CA VAL F 49 -34.93 0.88 25.37
C VAL F 49 -35.41 0.21 26.65
N ALA F 50 -34.56 0.11 27.66
CA ALA F 50 -34.95 -0.46 28.95
C ALA F 50 -34.79 0.56 30.08
N ASN F 51 -33.81 1.44 29.90
CA ASN F 51 -33.58 2.57 30.79
C ASN F 51 -32.92 3.69 30.01
N ASP F 52 -32.36 4.67 30.72
CA ASP F 52 -31.73 5.80 30.04
C ASP F 52 -30.28 5.46 29.72
N HIS F 53 -29.82 4.32 30.19
CA HIS F 53 -28.46 3.84 29.88
C HIS F 53 -28.43 2.79 28.76
N SER F 54 -29.60 2.49 28.18
CA SER F 54 -29.68 1.60 27.03
C SER F 54 -29.04 2.21 25.76
N ILE F 55 -28.44 1.34 24.95
CA ILE F 55 -27.88 1.74 23.67
C ILE F 55 -28.93 2.33 22.73
N ALA F 56 -30.11 1.72 22.73
CA ALA F 56 -31.24 2.21 21.98
C ALA F 56 -31.59 3.64 22.40
N TRP F 57 -31.22 4.02 23.63
CA TRP F 57 -31.52 5.36 24.09
C TRP F 57 -30.51 6.42 23.63
N GLY F 58 -29.21 6.11 23.75
CA GLY F 58 -28.19 6.99 23.19
C GLY F 58 -28.45 7.22 21.70
N ILE F 59 -28.81 6.12 21.05
CA ILE F 59 -29.09 6.15 19.61
C ILE F 59 -30.29 7.00 19.33
N ALA F 60 -31.38 6.75 20.07
CA ALA F 60 -32.61 7.52 19.87
C ALA F 60 -32.38 9.02 20.05
N LYS F 61 -31.66 9.39 21.11
CA LYS F 61 -31.29 10.79 21.35
C LYS F 61 -30.58 11.35 20.13
N VAL F 62 -29.49 10.71 19.70
CA VAL F 62 -28.77 11.23 18.54
C VAL F 62 -29.65 11.37 17.29
N LEU F 63 -30.42 10.33 16.97
CA LEU F 63 -31.26 10.38 15.77
C LEU F 63 -32.26 11.52 15.84
N HIS F 64 -32.90 11.68 17.01
CA HIS F 64 -33.84 12.78 17.21
C HIS F 64 -33.18 14.13 16.97
N SER F 65 -32.02 14.35 17.62
CA SER F 65 -31.33 15.64 17.49
C SER F 65 -30.86 15.96 16.07
N ALA F 66 -31.03 15.01 15.16
CA ALA F 66 -30.81 15.23 13.73
C ALA F 66 -32.12 15.24 12.97
N GLY F 67 -33.24 15.40 13.68
CA GLY F 67 -34.53 15.64 13.07
C GLY F 67 -35.58 14.54 12.98
N ALA F 68 -35.25 13.35 13.48
CA ALA F 68 -36.10 12.17 13.25
C ALA F 68 -37.31 12.09 14.18
N GLN F 69 -38.44 11.65 13.63
CA GLN F 69 -39.61 11.30 14.45
C GLN F 69 -39.50 9.84 14.91
N LEU F 70 -39.69 9.61 16.20
CA LEU F 70 -39.39 8.32 16.81
C LEU F 70 -40.59 7.55 17.36
N ALA F 71 -40.74 6.29 16.95
CA ALA F 71 -41.67 5.38 17.64
C ALA F 71 -40.86 4.42 18.51
N PHE F 72 -41.39 3.99 19.64
CA PHE F 72 -40.64 3.10 20.55
C PHE F 72 -41.39 1.82 20.88
N SER F 73 -40.71 0.68 20.81
CA SER F 73 -41.32 -0.54 21.34
C SER F 73 -40.94 -0.74 22.81
N TYR F 74 -41.81 -1.40 23.59
CA TYR F 74 -41.53 -1.70 25.00
C TYR F 74 -42.10 -3.06 25.45
N GLN F 75 -41.42 -3.71 26.38
CA GLN F 75 -41.83 -5.04 26.83
C GLN F 75 -42.70 -4.97 28.09
N GLY F 76 -42.14 -4.48 29.19
CA GLY F 76 -42.87 -4.50 30.45
C GLY F 76 -43.73 -3.28 30.75
N GLU F 77 -44.44 -3.34 31.87
CA GLU F 77 -45.08 -2.16 32.45
C GLU F 77 -44.02 -1.25 33.11
N SER F 78 -43.04 -1.87 33.77
CA SER F 78 -41.87 -1.15 34.31
C SER F 78 -41.16 -0.33 33.24
N ILE F 79 -40.64 -1.04 32.25
CA ILE F 79 -40.05 -0.42 31.08
C ILE F 79 -40.98 0.62 30.45
N GLY F 80 -42.25 0.28 30.21
CA GLY F 80 -43.18 1.18 29.56
C GLY F 80 -43.26 2.51 30.27
N LYS F 81 -43.48 2.43 31.57
CA LYS F 81 -43.56 3.61 32.43
C LYS F 81 -42.24 4.39 32.55
N ARG F 82 -41.09 3.72 32.51
CA ARG F 82 -39.80 4.41 32.47
CA ARG F 82 -39.79 4.40 32.47
C ARG F 82 -39.61 5.15 31.14
N LEU F 83 -40.20 4.58 30.09
CA LEU F 83 -40.01 5.02 28.72
C LEU F 83 -40.80 6.28 28.49
N LYS F 84 -42.04 6.28 28.97
CA LYS F 84 -42.94 7.45 28.78
C LYS F 84 -42.32 8.83 29.05
N PRO F 85 -41.60 9.01 30.18
CA PRO F 85 -40.85 10.25 30.40
C PRO F 85 -39.82 10.48 29.32
N LEU F 86 -38.98 9.47 29.07
CA LEU F 86 -37.93 9.59 28.07
C LEU F 86 -38.46 9.93 26.69
N ALA F 87 -39.43 9.15 26.21
CA ALA F 87 -39.99 9.35 24.86
C ALA F 87 -40.47 10.76 24.62
N LEU F 88 -40.89 11.42 25.69
CA LEU F 88 -41.29 12.83 25.65
C LEU F 88 -40.11 13.71 25.29
N THR F 89 -38.99 13.52 25.98
CA THR F 89 -37.80 14.33 25.73
C THR F 89 -37.25 14.23 24.29
N VAL F 90 -37.80 13.32 23.48
CA VAL F 90 -37.51 13.32 22.04
C VAL F 90 -38.80 13.45 21.23
N ASP F 91 -39.74 14.19 21.84
CA ASP F 91 -40.99 14.63 21.20
C ASP F 91 -41.80 13.46 20.68
N SER F 92 -41.90 12.42 21.49
CA SER F 92 -42.66 11.25 21.13
C SER F 92 -43.55 10.77 22.25
N ASP F 93 -44.78 10.41 21.88
CA ASP F 93 -45.68 9.71 22.78
C ASP F 93 -46.06 8.39 22.12
N PHE F 94 -45.23 7.96 21.16
CA PHE F 94 -45.51 6.80 20.33
C PHE F 94 -44.85 5.53 20.89
N MET F 95 -45.54 4.87 21.81
CA MET F 95 -45.00 3.69 22.47
C MET F 95 -45.87 2.48 22.23
N ILE F 96 -45.32 1.47 21.56
CA ILE F 96 -46.09 0.26 21.27
C ILE F 96 -45.49 -0.92 22.00
N PRO F 97 -46.32 -1.70 22.70
CA PRO F 97 -45.79 -2.85 23.43
C PRO F 97 -45.46 -3.98 22.47
N CYS F 98 -44.36 -4.67 22.73
CA CYS F 98 -43.99 -5.78 21.86
C CYS F 98 -43.24 -6.89 22.59
N ASN F 99 -43.62 -8.12 22.30
CA ASN F 99 -42.95 -9.30 22.81
C ASN F 99 -42.36 -10.07 21.61
N VAL F 100 -41.05 -10.00 21.43
CA VAL F 100 -40.43 -10.61 20.25
C VAL F 100 -40.43 -12.13 20.25
N GLU F 101 -40.85 -12.75 21.36
CA GLU F 101 -41.04 -14.18 21.36
C GLU F 101 -42.41 -14.55 20.79
N ASP F 102 -43.24 -13.52 20.59
CA ASP F 102 -44.59 -13.69 20.05
C ASP F 102 -44.73 -13.03 18.69
N PRO F 103 -44.90 -13.82 17.63
CA PRO F 103 -45.14 -13.28 16.29
C PRO F 103 -46.47 -12.53 16.17
N SER F 104 -47.49 -12.92 16.95
CA SER F 104 -48.75 -12.15 17.03
C SER F 104 -48.43 -10.75 17.50
N SER F 105 -47.57 -10.67 18.50
CA SER F 105 -47.23 -9.40 19.11
C SER F 105 -46.47 -8.49 18.14
N MET F 106 -45.58 -9.04 17.32
CA MET F 106 -44.79 -8.24 16.39
C MET F 106 -45.64 -7.79 15.21
N ASP F 107 -46.51 -8.71 14.80
CA ASP F 107 -47.56 -8.38 13.86
C ASP F 107 -48.35 -7.14 14.34
N LEU F 108 -48.80 -7.18 15.59
CA LEU F 108 -49.55 -6.08 16.19
C LEU F 108 -48.74 -4.79 16.30
N LEU F 109 -47.47 -4.91 16.65
CA LEU F 109 -46.58 -3.77 16.72
C LEU F 109 -46.65 -3.04 15.40
N PHE F 110 -46.50 -3.79 14.33
CA PHE F 110 -46.52 -3.10 13.05
C PHE F 110 -47.91 -2.65 12.59
N GLU F 111 -48.95 -3.34 13.04
CA GLU F 111 -50.30 -2.88 12.75
C GLU F 111 -50.49 -1.48 13.38
N ARG F 112 -50.08 -1.34 14.65
CA ARG F 112 -50.17 -0.06 15.34
C ARG F 112 -49.26 1.03 14.75
N ILE F 113 -48.04 0.68 14.36
CA ILE F 113 -47.21 1.66 13.67
C ILE F 113 -47.94 2.13 12.42
N LYS F 114 -48.39 1.17 11.62
CA LYS F 114 -49.14 1.41 10.39
C LYS F 114 -50.40 2.25 10.59
N GLU F 115 -50.97 2.23 11.80
CA GLU F 115 -52.18 3.01 12.06
C GLU F 115 -51.89 4.48 12.43
N ARG F 116 -50.68 4.93 12.18
CA ARG F 116 -50.30 6.28 12.54
C ARG F 116 -49.24 6.80 11.57
N TRP F 117 -48.43 5.87 11.04
CA TRP F 117 -47.47 6.14 9.96
C TRP F 117 -47.68 5.08 8.90
N GLU F 118 -47.76 5.48 7.64
CA GLU F 118 -48.03 4.51 6.59
C GLU F 118 -46.70 4.04 6.03
N THR F 119 -45.65 4.71 6.48
CA THR F 119 -44.33 4.54 5.94
C THR F 119 -43.29 4.73 7.03
N LEU F 120 -42.22 3.96 6.93
CA LEU F 120 -41.16 3.99 7.93
C LEU F 120 -39.89 4.32 7.18
N ASP F 121 -38.97 5.05 7.79
CA ASP F 121 -37.71 5.32 7.11
C ASP F 121 -36.54 4.42 7.57
N PHE F 122 -36.55 4.07 8.86
CA PHE F 122 -35.43 3.36 9.44
C PHE F 122 -35.81 2.56 10.71
N VAL F 123 -35.00 1.54 10.99
CA VAL F 123 -35.16 0.76 12.22
C VAL F 123 -33.85 0.57 13.02
N VAL F 124 -33.95 0.78 14.33
CA VAL F 124 -32.88 0.42 15.24
C VAL F 124 -33.27 -0.84 16.02
N HIS F 125 -32.51 -1.92 15.83
CA HIS F 125 -32.71 -3.18 16.56
C HIS F 125 -31.58 -3.35 17.56
N SER F 126 -31.93 -3.21 18.82
CA SER F 126 -30.96 -3.32 19.89
C SER F 126 -31.59 -4.17 20.98
N ILE F 127 -31.91 -5.40 20.59
CA ILE F 127 -32.50 -6.38 21.49
C ILE F 127 -31.55 -7.52 21.74
N ALA F 128 -31.13 -7.70 22.99
CA ALA F 128 -30.27 -8.83 23.37
C ALA F 128 -30.75 -9.49 24.64
N PHE F 129 -30.73 -10.82 24.68
CA PHE F 129 -31.03 -11.55 25.90
C PHE F 129 -30.43 -12.94 25.99
N SER F 130 -30.01 -13.30 27.19
CA SER F 130 -29.65 -14.68 27.53
C SER F 130 -29.82 -14.81 29.03
N ASP F 131 -30.00 -16.02 29.53
CA ASP F 131 -30.02 -16.24 30.97
C ASP F 131 -28.67 -15.81 31.58
N LYS F 132 -28.72 -14.96 32.59
CA LYS F 132 -27.47 -14.45 33.15
C LYS F 132 -26.73 -15.50 33.96
N ASN F 133 -27.47 -16.50 34.43
CA ASN F 133 -26.89 -17.59 35.20
C ASN F 133 -26.02 -18.51 34.36
N GLU F 134 -26.14 -18.38 33.04
CA GLU F 134 -25.31 -19.19 32.16
C GLU F 134 -24.23 -18.36 31.49
N LEU F 135 -24.14 -17.08 31.82
CA LEU F 135 -23.09 -16.23 31.28
C LEU F 135 -21.97 -16.08 32.29
N ARG F 136 -21.79 -17.10 33.11
CA ARG F 136 -20.54 -17.30 33.82
C ARG F 136 -20.12 -18.73 33.49
N GLY F 137 -18.90 -19.09 33.82
CA GLY F 137 -18.47 -20.47 33.64
C GLY F 137 -18.14 -20.77 32.19
N PRO F 138 -17.88 -22.04 31.89
CA PRO F 138 -17.49 -22.44 30.54
C PRO F 138 -18.68 -22.47 29.59
N TYR F 139 -18.41 -22.31 28.29
CA TYR F 139 -19.49 -22.25 27.31
C TYR F 139 -20.25 -23.58 27.18
N TYR F 140 -19.57 -24.70 27.35
CA TYR F 140 -20.22 -26.01 27.19
C TYR F 140 -21.39 -26.26 28.17
N ASN F 141 -21.41 -25.51 29.27
CA ASN F 141 -22.51 -25.59 30.25
C ASN F 141 -23.78 -24.86 29.78
N THR F 142 -23.78 -24.37 28.54
CA THR F 142 -24.98 -23.78 27.97
C THR F 142 -26.12 -24.80 27.85
N SER F 143 -27.30 -24.47 28.36
CA SER F 143 -28.43 -25.39 28.28
C SER F 143 -29.15 -25.26 26.93
N ARG F 144 -29.78 -26.36 26.52
CA ARG F 144 -30.59 -26.39 25.31
C ARG F 144 -31.65 -25.27 25.28
N ASP F 145 -32.34 -25.10 26.41
CA ASP F 145 -33.38 -24.10 26.55
C ASP F 145 -32.84 -22.68 26.38
N ASN F 146 -31.85 -22.34 27.19
CA ASN F 146 -31.25 -21.01 27.13
C ASN F 146 -30.74 -20.72 25.72
N PHE F 147 -30.23 -21.75 25.07
CA PHE F 147 -29.74 -21.61 23.71
C PHE F 147 -30.88 -21.22 22.80
N ILE F 148 -31.90 -22.09 22.70
CA ILE F 148 -33.06 -21.80 21.84
C ILE F 148 -33.57 -20.36 22.06
N GLN F 149 -33.71 -20.00 23.33
CA GLN F 149 -34.23 -18.69 23.66
C GLN F 149 -33.31 -17.55 23.20
N THR F 150 -32.02 -17.70 23.50
CA THR F 150 -31.03 -16.68 23.18
C THR F 150 -31.02 -16.45 21.67
N MET F 151 -31.06 -17.54 20.92
CA MET F 151 -31.21 -17.46 19.48
C MET F 151 -32.49 -16.76 19.03
N LEU F 152 -33.60 -17.03 19.70
CA LEU F 152 -34.86 -16.44 19.25
C LEU F 152 -34.88 -14.92 19.47
N VAL F 153 -34.54 -14.51 20.68
CA VAL F 153 -34.54 -13.09 21.02
C VAL F 153 -33.35 -12.34 20.39
N SER F 154 -32.15 -12.85 20.59
CA SER F 154 -30.92 -12.13 20.25
C SER F 154 -30.50 -12.23 18.80
N CYS F 155 -30.97 -13.27 18.11
CA CYS F 155 -30.72 -13.35 16.68
C CYS F 155 -31.98 -13.13 15.86
N PHE F 156 -32.93 -14.06 15.92
CA PHE F 156 -34.00 -14.14 14.92
C PHE F 156 -35.04 -13.01 14.95
N SER F 157 -35.19 -12.37 16.10
CA SER F 157 -36.11 -11.24 16.21
C SER F 157 -35.75 -10.18 15.19
N PHE F 158 -34.48 -10.12 14.82
CA PHE F 158 -34.04 -9.21 13.79
C PHE F 158 -34.64 -9.60 12.45
N THR F 159 -34.61 -10.88 12.10
CA THR F 159 -35.23 -11.29 10.85
C THR F 159 -36.74 -10.99 10.85
N GLU F 160 -37.40 -11.36 11.96
CA GLU F 160 -38.82 -11.02 12.13
C GLU F 160 -39.12 -9.52 11.91
N ILE F 161 -38.42 -8.68 12.66
CA ILE F 161 -38.66 -7.24 12.59
C ILE F 161 -38.35 -6.69 11.22
N VAL F 162 -37.18 -7.02 10.69
CA VAL F 162 -36.75 -6.54 9.39
C VAL F 162 -37.74 -6.88 8.29
N ARG F 163 -38.19 -8.14 8.25
CA ARG F 163 -39.19 -8.50 7.25
C ARG F 163 -40.53 -7.80 7.48
N ARG F 164 -40.92 -7.59 8.74
CA ARG F 164 -42.13 -6.77 8.96
C ARG F 164 -41.98 -5.31 8.51
N ALA F 165 -40.78 -4.77 8.64
CA ALA F 165 -40.55 -3.35 8.45
C ALA F 165 -40.27 -2.98 7.00
N ALA F 166 -39.73 -3.93 6.24
CA ALA F 166 -39.46 -3.67 4.83
C ALA F 166 -40.75 -3.25 4.12
N GLN F 167 -41.84 -3.87 4.53
CA GLN F 167 -43.13 -3.65 3.88
C GLN F 167 -43.62 -2.20 3.97
N LEU F 168 -43.02 -1.41 4.84
CA LEU F 168 -43.36 0.00 5.01
C LEU F 168 -42.30 0.88 4.37
N MET F 169 -41.43 0.27 3.57
CA MET F 169 -40.37 1.01 2.89
C MET F 169 -40.40 0.82 1.38
N PRO F 170 -41.40 1.43 0.72
CA PRO F 170 -41.60 1.35 -0.73
C PRO F 170 -40.58 2.19 -1.53
N HIS F 171 -39.93 3.13 -0.87
CA HIS F 171 -38.84 3.89 -1.50
C HIS F 171 -37.50 3.59 -0.84
N GLY F 172 -37.41 2.43 -0.18
CA GLY F 172 -36.20 2.00 0.50
C GLY F 172 -36.03 2.65 1.85
N GLY F 173 -34.88 2.40 2.46
CA GLY F 173 -34.61 2.89 3.80
C GLY F 173 -33.42 2.16 4.37
N ALA F 174 -33.27 2.23 5.70
CA ALA F 174 -32.11 1.67 6.37
C ALA F 174 -32.42 1.06 7.75
N MET F 175 -31.72 -0.03 8.08
CA MET F 175 -31.89 -0.64 9.39
C MET F 175 -30.55 -1.05 9.93
N ILE F 176 -30.41 -1.05 11.24
CA ILE F 176 -29.21 -1.57 11.86
C ILE F 176 -29.58 -2.47 13.03
N THR F 177 -28.69 -3.41 13.33
CA THR F 177 -28.81 -4.18 14.56
C THR F 177 -27.52 -4.05 15.34
N LEU F 178 -27.53 -4.53 16.57
CA LEU F 178 -26.31 -4.40 17.36
C LEU F 178 -25.60 -5.71 17.65
N THR F 179 -24.27 -5.68 17.54
CA THR F 179 -23.48 -6.87 17.79
C THR F 179 -22.23 -6.58 18.61
N TYR F 180 -21.53 -7.63 19.02
CA TYR F 180 -20.30 -7.51 19.82
C TYR F 180 -19.21 -8.38 19.22
N GLY F 181 -17.96 -7.98 19.40
CA GLY F 181 -16.84 -8.71 18.82
C GLY F 181 -16.66 -10.13 19.37
N GLY F 182 -17.40 -10.46 20.44
CA GLY F 182 -17.33 -11.77 21.04
C GLY F 182 -18.01 -12.85 20.21
N SER F 183 -18.67 -12.43 19.14
CA SER F 183 -19.26 -13.36 18.21
C SER F 183 -18.18 -14.23 17.54
N MET F 184 -17.00 -13.65 17.32
CA MET F 184 -15.98 -14.30 16.49
C MET F 184 -14.64 -14.52 17.20
N ARG F 185 -14.31 -13.65 18.14
CA ARG F 185 -13.16 -13.88 18.99
C ARG F 185 -13.70 -14.25 20.36
N VAL F 186 -13.07 -15.22 21.01
CA VAL F 186 -13.61 -15.72 22.26
C VAL F 186 -13.51 -14.72 23.41
N VAL F 187 -14.64 -14.41 24.02
CA VAL F 187 -14.67 -13.53 25.18
C VAL F 187 -15.18 -14.35 26.34
N PRO F 188 -14.48 -14.31 27.49
CA PRO F 188 -14.83 -15.12 28.66
C PRO F 188 -16.23 -14.82 29.17
N ASN F 189 -17.01 -15.87 29.46
CA ASN F 189 -18.37 -15.78 29.99
C ASN F 189 -19.45 -15.34 29.00
N TYR F 190 -19.05 -14.89 27.81
CA TYR F 190 -20.03 -14.42 26.84
C TYR F 190 -20.93 -15.55 26.35
N ASN F 191 -20.35 -16.73 26.17
CA ASN F 191 -21.08 -17.99 25.97
C ASN F 191 -22.23 -17.96 24.96
N ALA F 192 -23.47 -18.12 25.42
CA ALA F 192 -24.62 -18.27 24.52
C ALA F 192 -24.85 -17.09 23.58
N MET F 193 -24.44 -15.89 24.02
CA MET F 193 -24.54 -14.70 23.18
C MET F 193 -23.65 -14.80 21.94
N ALA F 194 -22.52 -15.50 22.07
CA ALA F 194 -21.55 -15.54 20.99
C ALA F 194 -22.09 -16.19 19.72
N PRO F 195 -22.56 -17.46 19.79
CA PRO F 195 -23.15 -17.95 18.54
C PRO F 195 -24.43 -17.22 18.16
N ALA F 196 -25.15 -16.66 19.13
CA ALA F 196 -26.34 -15.87 18.79
C ALA F 196 -25.97 -14.60 17.98
N LYS F 197 -24.98 -13.86 18.47
CA LYS F 197 -24.48 -12.69 17.75
C LYS F 197 -23.84 -13.06 16.40
N SER F 198 -23.17 -14.22 16.36
CA SER F 198 -22.55 -14.66 15.12
C SER F 198 -23.60 -14.92 14.04
N ALA F 199 -24.73 -15.49 14.46
CA ALA F 199 -25.81 -15.80 13.53
C ALA F 199 -26.54 -14.53 13.19
N LEU F 200 -26.52 -13.59 14.12
CA LEU F 200 -27.08 -12.27 13.87
C LEU F 200 -26.31 -11.55 12.76
N GLU F 201 -24.98 -11.52 12.91
CA GLU F 201 -24.12 -10.94 11.90
C GLU F 201 -24.35 -11.61 10.54
N SER F 202 -24.36 -12.93 10.52
CA SER F 202 -24.58 -13.70 9.30
C SER F 202 -25.92 -13.35 8.67
N SER F 203 -26.96 -13.29 9.50
CA SER F 203 -28.29 -12.94 9.02
C SER F 203 -28.34 -11.47 8.54
N THR F 204 -27.52 -10.62 9.11
CA THR F 204 -27.47 -9.25 8.60
C THR F 204 -27.05 -9.24 7.11
N LYS F 205 -25.96 -9.92 6.79
CA LYS F 205 -25.48 -9.96 5.42
C LYS F 205 -26.49 -10.55 4.43
N TYR F 206 -27.14 -11.65 4.81
CA TYR F 206 -28.16 -12.30 3.96
C TYR F 206 -29.39 -11.39 3.71
N LEU F 207 -29.77 -10.62 4.71
CA LEU F 207 -30.87 -9.70 4.57
C LEU F 207 -30.51 -8.54 3.64
N ALA F 208 -29.32 -7.96 3.81
CA ALA F 208 -28.90 -6.86 2.94
C ALA F 208 -28.95 -7.32 1.47
N CYS F 209 -28.72 -8.61 1.26
CA CYS F 209 -28.80 -9.16 -0.08
C CYS F 209 -30.25 -9.31 -0.53
N ASP F 210 -31.09 -9.90 0.31
CA ASP F 210 -32.54 -10.01 0.03
C ASP F 210 -33.19 -8.66 -0.37
N TYR F 211 -32.74 -7.58 0.26
CA TYR F 211 -33.47 -6.30 0.22
C TYR F 211 -32.75 -5.15 -0.50
N GLY F 212 -31.55 -5.39 -1.01
CA GLY F 212 -30.80 -4.34 -1.67
C GLY F 212 -31.52 -3.85 -2.90
N GLY F 213 -32.11 -4.79 -3.63
CA GLY F 213 -32.92 -4.50 -4.81
C GLY F 213 -34.08 -3.56 -4.53
N MET F 214 -34.51 -3.46 -3.27
CA MET F 214 -35.57 -2.53 -2.91
C MET F 214 -34.97 -1.28 -2.29
N ASN F 215 -33.68 -1.09 -2.53
CA ASN F 215 -32.95 0.04 -1.98
C ASN F 215 -33.09 0.14 -0.47
N ILE F 216 -33.00 -1.01 0.19
CA ILE F 216 -32.99 -1.06 1.64
C ILE F 216 -31.64 -1.57 2.14
N ARG F 217 -31.02 -0.80 3.03
CA ARG F 217 -29.70 -1.13 3.49
C ARG F 217 -29.78 -1.70 4.91
N ILE F 218 -29.13 -2.85 5.10
CA ILE F 218 -29.09 -3.53 6.39
C ILE F 218 -27.65 -3.55 6.90
N ASN F 219 -27.39 -2.93 8.04
CA ASN F 219 -26.03 -2.93 8.61
C ASN F 219 -26.00 -3.26 10.09
N ALA F 220 -24.79 -3.42 10.63
CA ALA F 220 -24.62 -3.78 12.04
C ALA F 220 -23.46 -3.01 12.70
N ILE F 221 -23.69 -2.60 13.95
CA ILE F 221 -22.68 -1.92 14.76
C ILE F 221 -22.12 -2.88 15.81
N SER F 222 -20.85 -3.23 15.65
CA SER F 222 -20.15 -3.94 16.70
C SER F 222 -19.58 -2.94 17.71
N ALA F 223 -20.35 -2.69 18.77
CA ALA F 223 -19.94 -1.74 19.80
C ALA F 223 -18.93 -2.36 20.76
N GLY F 224 -18.10 -1.52 21.39
CA GLY F 224 -17.35 -1.97 22.54
C GLY F 224 -18.26 -2.04 23.75
N PRO F 225 -17.69 -2.38 24.93
CA PRO F 225 -18.49 -2.36 26.16
C PRO F 225 -18.84 -0.92 26.55
N VAL F 226 -19.85 -0.74 27.40
CA VAL F 226 -20.26 0.60 27.80
C VAL F 226 -20.18 0.77 29.32
N ARG F 227 -19.00 1.19 29.80
CA ARG F 227 -18.56 1.12 31.21
C ARG F 227 -19.53 0.71 32.34
N THR F 228 -20.63 1.43 32.52
CA THR F 228 -21.59 1.09 33.58
C THR F 228 -22.54 -0.02 33.14
N LEU F 229 -22.81 -0.09 31.82
CA LEU F 229 -23.75 -1.05 31.27
C LEU F 229 -23.16 -2.45 31.18
N ALA F 230 -21.88 -2.58 31.54
CA ALA F 230 -21.21 -3.88 31.57
C ALA F 230 -21.25 -4.54 32.96
N GLY F 231 -21.30 -3.72 34.02
CA GLY F 231 -21.29 -4.25 35.38
C GLY F 231 -22.52 -5.01 35.85
N ALA F 232 -23.44 -5.27 34.92
CA ALA F 232 -24.68 -5.97 35.23
C ALA F 232 -24.97 -7.09 34.23
N SER F 233 -24.68 -6.82 32.96
CA SER F 233 -24.93 -7.76 31.86
C SER F 233 -24.29 -9.13 32.04
N ILE F 234 -22.96 -9.19 32.00
CA ILE F 234 -22.23 -10.46 32.15
C ILE F 234 -21.51 -10.42 33.50
N SER F 235 -21.12 -11.59 34.00
CA SER F 235 -20.53 -11.73 35.33
C SER F 235 -19.44 -10.70 35.59
N ASN F 236 -18.35 -10.81 34.83
CA ASN F 236 -17.22 -9.90 34.95
C ASN F 236 -17.25 -8.84 33.87
N GLY F 237 -18.36 -8.13 33.78
CA GLY F 237 -18.52 -7.12 32.76
C GLY F 237 -17.66 -5.89 33.01
N ARG F 238 -17.52 -5.50 34.27
CA ARG F 238 -16.76 -4.31 34.61
C ARG F 238 -15.30 -4.51 34.25
N ASP F 239 -14.83 -5.74 34.45
CA ASP F 239 -13.49 -6.15 34.04
C ASP F 239 -13.31 -6.04 32.54
N ILE F 240 -14.23 -6.63 31.78
CA ILE F 240 -14.21 -6.58 30.32
C ILE F 240 -14.13 -5.13 29.84
N ALA F 241 -14.97 -4.28 30.41
CA ALA F 241 -15.03 -2.88 30.04
C ALA F 241 -13.71 -2.17 30.35
N ALA F 242 -13.14 -2.44 31.52
CA ALA F 242 -11.91 -1.79 31.96
C ALA F 242 -10.69 -2.24 31.17
N TRP F 243 -10.69 -3.52 30.78
CA TRP F 243 -9.63 -4.10 29.97
C TRP F 243 -9.68 -3.55 28.56
N SER F 244 -10.88 -3.45 28.03
CA SER F 244 -11.05 -2.89 26.70
C SER F 244 -10.69 -1.40 26.71
N LYS F 245 -10.94 -0.74 27.83
CA LYS F 245 -10.57 0.67 27.98
C LYS F 245 -9.05 0.83 28.02
N GLU F 246 -8.40 0.09 28.90
CA GLU F 246 -6.95 0.15 29.06
C GLU F 246 -6.20 -0.27 27.79
N ASN F 247 -6.77 -1.19 27.01
CA ASN F 247 -6.02 -1.81 25.92
C ASN F 247 -6.38 -1.36 24.51
N SER F 248 -7.31 -0.43 24.40
CA SER F 248 -7.68 0.09 23.10
C SER F 248 -6.75 1.23 22.68
N PRO F 249 -6.58 1.40 21.36
CA PRO F 249 -5.79 2.51 20.82
C PRO F 249 -6.18 3.87 21.37
N LEU F 250 -7.48 4.14 21.49
CA LEU F 250 -7.95 5.45 21.95
C LEU F 250 -8.03 5.57 23.48
N LYS F 251 -7.72 4.48 24.16
CA LYS F 251 -7.55 4.47 25.62
C LYS F 251 -8.81 4.89 26.40
N ARG F 252 -9.96 4.84 25.75
CA ARG F 252 -11.21 5.18 26.40
C ARG F 252 -12.30 4.23 25.96
N THR F 253 -13.48 4.34 26.57
CA THR F 253 -14.59 3.47 26.20
C THR F 253 -15.49 4.16 25.20
N VAL F 254 -16.23 3.36 24.44
CA VAL F 254 -17.25 3.92 23.56
C VAL F 254 -18.35 4.53 24.41
N SER F 255 -18.95 5.61 23.93
CA SER F 255 -20.02 6.24 24.66
C SER F 255 -21.31 6.05 23.90
N LEU F 256 -22.43 6.22 24.58
CA LEU F 256 -23.75 6.07 23.97
C LEU F 256 -23.90 7.11 22.90
N GLU F 257 -23.22 8.24 23.09
CA GLU F 257 -23.20 9.25 22.03
C GLU F 257 -22.49 8.74 20.79
N ASP F 258 -21.29 8.16 20.96
CA ASP F 258 -20.50 7.62 19.83
C ASP F 258 -21.34 6.65 19.03
N ILE F 259 -21.96 5.71 19.73
CA ILE F 259 -22.80 4.70 19.07
C ILE F 259 -23.99 5.38 18.40
N GLY F 260 -24.51 6.44 19.03
CA GLY F 260 -25.54 7.27 18.42
C GLY F 260 -25.14 7.87 17.09
N ASN F 261 -23.96 8.50 17.03
CA ASN F 261 -23.45 9.15 15.82
C ASN F 261 -23.13 8.16 14.71
N SER F 262 -22.56 7.02 15.08
CA SER F 262 -22.37 5.92 14.12
C SER F 262 -23.72 5.48 13.56
N ALA F 263 -24.70 5.27 14.43
CA ALA F 263 -26.05 4.92 14.01
C ALA F 263 -26.59 5.93 13.01
N LEU F 264 -26.43 7.21 13.34
CA LEU F 264 -26.92 8.30 12.51
C LEU F 264 -26.30 8.15 11.13
N TYR F 265 -24.99 7.88 11.12
CA TYR F 265 -24.30 7.67 9.85
C TYR F 265 -24.95 6.51 9.06
N LEU F 266 -25.12 5.37 9.71
CA LEU F 266 -25.61 4.18 9.01
C LEU F 266 -27.07 4.25 8.60
N LEU F 267 -27.84 5.13 9.23
CA LEU F 267 -29.26 5.22 8.91
C LEU F 267 -29.60 6.37 7.98
N SER F 268 -28.66 7.28 7.74
CA SER F 268 -28.91 8.39 6.83
C SER F 268 -28.27 8.23 5.45
N TYR F 269 -28.52 9.21 4.58
CA TYR F 269 -28.00 9.21 3.23
C TYR F 269 -26.47 9.15 3.21
N LEU F 270 -25.84 9.53 4.33
CA LEU F 270 -24.38 9.45 4.45
C LEU F 270 -23.80 8.09 4.06
N SER F 271 -24.49 7.03 4.48
CA SER F 271 -23.98 5.67 4.33
C SER F 271 -24.57 4.99 3.11
N ASN F 272 -24.93 5.80 2.12
CA ASN F 272 -25.59 5.30 0.92
C ASN F 272 -24.78 4.26 0.15
N GLY F 273 -23.46 4.29 0.31
CA GLY F 273 -22.59 3.29 -0.29
C GLY F 273 -22.34 2.06 0.58
N VAL F 274 -23.05 1.97 1.71
CA VAL F 274 -22.80 0.89 2.67
C VAL F 274 -23.98 -0.05 2.93
N THR F 275 -23.77 -1.33 2.70
CA THR F 275 -24.75 -2.31 3.18
C THR F 275 -24.09 -3.63 3.58
N GLY F 276 -24.68 -4.29 4.58
CA GLY F 276 -24.21 -5.61 4.99
C GLY F 276 -22.89 -5.53 5.73
N GLU F 277 -22.62 -4.36 6.32
CA GLU F 277 -21.34 -4.11 6.98
C GLU F 277 -21.39 -4.39 8.49
N ILE F 278 -20.38 -5.11 8.99
CA ILE F 278 -20.20 -5.27 10.44
C ILE F 278 -19.26 -4.16 10.93
N HIS F 279 -19.84 -3.03 11.32
CA HIS F 279 -19.08 -1.80 11.52
C HIS F 279 -18.59 -1.68 12.96
N TYR F 280 -17.28 -1.77 13.17
CA TYR F 280 -16.72 -1.68 14.52
C TYR F 280 -16.74 -0.26 15.06
N VAL F 281 -17.42 -0.11 16.19
CA VAL F 281 -17.40 1.12 16.94
C VAL F 281 -17.00 0.70 18.34
N ASP F 282 -15.71 0.36 18.47
CA ASP F 282 -15.16 -0.19 19.72
C ASP F 282 -13.90 0.53 20.16
N CYS F 283 -13.73 1.77 19.67
CA CYS F 283 -12.55 2.57 19.99
C CYS F 283 -11.28 1.85 19.58
N GLY F 284 -11.37 1.06 18.51
CA GLY F 284 -10.22 0.39 17.95
C GLY F 284 -9.78 -0.87 18.66
N TYR F 285 -10.53 -1.30 19.67
CA TYR F 285 -10.14 -2.47 20.47
C TYR F 285 -9.78 -3.74 19.68
N ASN F 286 -10.59 -4.09 18.68
CA ASN F 286 -10.40 -5.34 17.95
C ASN F 286 -9.05 -5.43 17.24
N ILE F 287 -8.45 -4.28 16.91
CA ILE F 287 -7.23 -4.31 16.12
C ILE F 287 -6.00 -4.68 16.95
N VAL F 288 -6.08 -4.49 18.27
CA VAL F 288 -4.91 -4.81 19.09
C VAL F 288 -4.81 -6.30 19.44
N ALA F 289 -3.60 -6.84 19.24
CA ALA F 289 -3.37 -8.27 19.32
C ALA F 289 -2.87 -8.72 20.69
N MET F 290 -2.52 -7.75 21.54
CA MET F 290 -1.98 -7.99 22.89
C MET F 290 -1.59 -6.65 23.49
N PRO F 291 -1.43 -6.58 24.82
CA PRO F 291 -1.16 -5.27 25.44
C PRO F 291 0.26 -4.75 25.18
N SER F 292 0.59 -3.58 25.74
CA SER F 292 1.93 -3.02 25.56
C SER F 292 2.73 -3.00 26.86
#